data_6BUO
#
_entry.id   6BUO
#
_cell.length_a   81.450
_cell.length_b   88.822
_cell.length_c   202.847
_cell.angle_alpha   90.00
_cell.angle_beta   90.00
_cell.angle_gamma   90.00
#
_symmetry.space_group_name_H-M   'P 21 21 21'
#
loop_
_entity.id
_entity.type
_entity.pdbx_description
1 polymer 'Cyanuric acid amidohydrolase'
2 non-polymer 'MALONATE ION'
3 non-polymer 'CALCIUM ION'
4 non-polymer 1,3-PROPANDIOL
5 water water
#
_entity_poly.entity_id   1
_entity_poly.type   'polypeptide(L)'
_entity_poly.pdbx_seq_one_letter_code
;HMQKVEVFRIPTASPDDISGLATLIDSGKINPAEIVAILGKTEGNGCVNDFTRGFATQSLAMYLAEKLGISREEVVKKVA
FIMSGGTEGVMTPHITVFVRKDVAAPAAPGKRLAVGVAFTRDFLPEELGRMEQVNEVARAVKEAMKDAQIDDPRDVHFVQ
IKCPLLTAERIEDAKRRGKDVVVNDTYKSMAYSRGASALGVALALGEISADKISNEAICHDWNLYSSVASTSAGVELLND
EIIVVGNSTNSASDLVIGHSVMKDAIDADAVRAALKDAGIRSDDEMDRIVNVLAKAEAASSGTVRGRRNTMLDDSDINHT
RSARAVVNAVIASVVGDPMVYVSGGAEHQGPDGGGPIAVIARV
;
_entity_poly.pdbx_strand_id   A,B,C,D
#
loop_
_chem_comp.id
_chem_comp.type
_chem_comp.name
_chem_comp.formula
CA non-polymer 'CALCIUM ION' 'Ca 2'
MLI non-polymer 'MALONATE ION' 'C3 H2 O4 -2'
PDO non-polymer 1,3-PROPANDIOL 'C3 H8 O2'
#
# COMPACT_ATOMS: atom_id res chain seq x y z
N MET A 2 -23.85 0.19 44.60
CA MET A 2 -24.49 -0.29 43.34
C MET A 2 -23.85 0.39 42.13
N GLN A 3 -23.58 -0.37 41.06
CA GLN A 3 -22.89 0.19 39.90
C GLN A 3 -23.88 0.47 38.77
N LYS A 4 -23.71 1.62 38.11
CA LYS A 4 -24.45 1.96 36.91
C LYS A 4 -23.42 2.29 35.84
N VAL A 5 -23.48 1.60 34.71
CA VAL A 5 -22.57 1.84 33.59
C VAL A 5 -23.33 2.58 32.51
N GLU A 6 -22.74 3.66 32.02
CA GLU A 6 -23.23 4.41 30.87
C GLU A 6 -22.14 4.37 29.81
N VAL A 7 -22.56 4.27 28.56
CA VAL A 7 -21.63 4.07 27.44
C VAL A 7 -21.97 5.08 26.35
N PHE A 8 -20.95 5.78 25.86
CA PHE A 8 -21.12 6.84 24.88
C PHE A 8 -20.25 6.55 23.67
N ARG A 9 -20.89 6.41 22.52
CA ARG A 9 -20.20 6.23 21.25
C ARG A 9 -20.09 7.60 20.58
N ILE A 10 -18.87 8.06 20.37
CA ILE A 10 -18.56 9.44 20.01
C ILE A 10 -17.80 9.45 18.69
N PRO A 11 -18.32 10.05 17.62
CA PRO A 11 -17.52 10.21 16.40
C PRO A 11 -16.32 11.11 16.64
N THR A 12 -15.23 10.79 15.96
CA THR A 12 -14.01 11.57 16.04
C THR A 12 -13.61 12.07 14.65
N ALA A 13 -13.01 13.25 14.63
CA ALA A 13 -12.54 13.86 13.39
C ALA A 13 -11.10 13.53 13.06
N SER A 14 -10.36 12.98 14.00
CA SER A 14 -8.95 12.67 13.81
C SER A 14 -8.53 11.89 15.04
N PRO A 15 -7.34 11.28 15.04
CA PRO A 15 -6.93 10.50 16.22
C PRO A 15 -6.88 11.31 17.50
N ASP A 16 -6.51 12.58 17.41
CA ASP A 16 -6.34 13.46 18.57
C ASP A 16 -7.58 14.27 18.90
N ASP A 17 -8.72 13.97 18.29
CA ASP A 17 -9.92 14.75 18.48
C ASP A 17 -10.59 14.37 19.80
N ILE A 18 -10.58 15.28 20.77
CA ILE A 18 -11.25 15.09 22.04
C ILE A 18 -12.53 15.93 22.15
N SER A 19 -12.95 16.56 21.06
CA SER A 19 -14.01 17.57 21.16
C SER A 19 -15.36 16.95 21.53
N GLY A 20 -15.67 15.77 20.99
CA GLY A 20 -16.94 15.15 21.31
C GLY A 20 -17.03 14.75 22.77
N LEU A 21 -15.95 14.19 23.32
CA LEU A 21 -15.92 13.88 24.74
C LEU A 21 -16.00 15.15 25.58
N ALA A 22 -15.25 16.18 25.19
CA ALA A 22 -15.29 17.45 25.93
C ALA A 22 -16.70 18.03 25.93
N THR A 23 -17.42 17.89 24.82
CA THR A 23 -18.80 18.38 24.78
C THR A 23 -19.68 17.67 25.79
N LEU A 24 -19.55 16.35 25.89
CA LEU A 24 -20.36 15.60 26.84
C LEU A 24 -19.98 15.95 28.28
N ILE A 25 -18.71 16.26 28.53
CA ILE A 25 -18.31 16.68 29.87
C ILE A 25 -18.84 18.08 30.17
N ASP A 26 -18.64 19.01 29.22
CA ASP A 26 -19.06 20.38 29.43
C ASP A 26 -20.57 20.52 29.52
N SER A 27 -21.33 19.59 28.95
CA SER A 27 -22.79 19.62 29.06
C SER A 27 -23.30 18.96 30.33
N GLY A 28 -22.42 18.38 31.13
CA GLY A 28 -22.83 17.71 32.35
C GLY A 28 -23.27 16.27 32.17
N LYS A 29 -23.15 15.73 30.96
CA LYS A 29 -23.57 14.36 30.70
C LYS A 29 -22.55 13.33 31.19
N ILE A 30 -21.27 13.69 31.23
CA ILE A 30 -20.23 12.81 31.74
C ILE A 30 -19.44 13.54 32.82
N ASN A 31 -19.35 12.92 34.01
CA ASN A 31 -18.38 13.32 35.03
C ASN A 31 -17.06 12.63 34.66
N PRO A 32 -16.02 13.37 34.30
CA PRO A 32 -14.78 12.70 33.85
C PRO A 32 -14.15 11.81 34.90
N ALA A 33 -14.39 12.07 36.18
CA ALA A 33 -13.84 11.22 37.23
C ALA A 33 -14.43 9.82 37.24
N GLU A 34 -15.54 9.60 36.53
CA GLU A 34 -16.22 8.31 36.49
C GLU A 34 -15.92 7.50 35.25
N ILE A 35 -15.12 8.03 34.33
CA ILE A 35 -14.67 7.27 33.17
C ILE A 35 -13.75 6.15 33.65
N VAL A 36 -14.01 4.93 33.20
CA VAL A 36 -13.16 3.80 33.54
C VAL A 36 -12.46 3.21 32.34
N ALA A 37 -12.93 3.45 31.11
CA ALA A 37 -12.30 2.87 29.94
C ALA A 37 -12.76 3.62 28.70
N ILE A 38 -11.86 3.69 27.73
CA ILE A 38 -12.17 4.23 26.42
C ILE A 38 -11.65 3.26 25.36
N LEU A 39 -12.53 2.82 24.49
CA LEU A 39 -12.21 1.90 23.39
C LEU A 39 -12.38 2.64 22.08
N GLY A 40 -11.30 2.78 21.33
CA GLY A 40 -11.27 3.61 20.15
C GLY A 40 -11.03 2.82 18.87
N LYS A 41 -11.59 3.32 17.77
CA LYS A 41 -11.15 2.99 16.42
C LYS A 41 -10.42 4.21 15.88
N THR A 42 -9.13 4.06 15.61
CA THR A 42 -8.28 5.14 15.12
C THR A 42 -7.83 4.85 13.70
N GLU A 43 -7.63 5.90 12.92
CA GLU A 43 -7.62 5.78 11.47
C GLU A 43 -6.24 5.50 10.89
N GLY A 44 -5.29 5.02 11.69
CA GLY A 44 -4.06 4.48 11.17
C GLY A 44 -4.31 3.14 10.50
N ASN A 45 -3.20 2.47 10.14
CA ASN A 45 -3.32 1.24 9.37
C ASN A 45 -3.63 0.01 10.22
N GLY A 46 -3.70 0.13 11.54
CA GLY A 46 -4.03 -1.00 12.39
C GLY A 46 -2.99 -2.10 12.46
N CYS A 47 -1.80 -1.87 11.93
CA CYS A 47 -0.77 -2.90 11.89
C CYS A 47 0.38 -2.49 12.80
N VAL A 48 1.62 -2.73 12.39
CA VAL A 48 2.76 -2.45 13.26
C VAL A 48 3.01 -0.96 13.36
N ASN A 49 3.20 -0.30 12.21
CA ASN A 49 3.55 1.12 12.17
C ASN A 49 2.29 1.98 12.11
N ASP A 50 1.45 1.81 13.13
CA ASP A 50 0.27 2.65 13.34
C ASP A 50 0.51 3.44 14.61
N PHE A 51 0.74 4.74 14.46
CA PHE A 51 0.98 5.65 15.59
C PHE A 51 -0.25 6.45 15.94
N THR A 52 -1.37 6.26 15.23
CA THR A 52 -2.61 6.94 15.61
C THR A 52 -3.15 6.40 16.93
N ARG A 53 -2.85 5.15 17.25
CA ARG A 53 -3.30 4.57 18.52
C ARG A 53 -2.67 5.32 19.70
N GLY A 54 -1.34 5.45 19.69
CA GLY A 54 -0.66 6.18 20.75
C GLY A 54 -0.99 7.67 20.75
N PHE A 55 -1.15 8.25 19.56
CA PHE A 55 -1.57 9.65 19.45
C PHE A 55 -2.92 9.87 20.13
N ALA A 56 -3.86 8.95 19.89
CA ALA A 56 -5.19 9.06 20.50
C ALA A 56 -5.12 8.92 22.01
N THR A 57 -4.37 7.94 22.52
CA THR A 57 -4.26 7.78 23.98
C THR A 57 -3.59 9.00 24.61
N GLN A 58 -2.50 9.47 24.00
CA GLN A 58 -1.83 10.64 24.56
C GLN A 58 -2.77 11.84 24.61
N SER A 59 -3.54 12.04 23.54
CA SER A 59 -4.44 13.18 23.49
C SER A 59 -5.54 13.06 24.55
N LEU A 60 -6.11 11.87 24.70
CA LEU A 60 -7.16 11.67 25.69
C LEU A 60 -6.62 11.79 27.11
N ALA A 61 -5.45 11.23 27.38
CA ALA A 61 -4.88 11.30 28.72
C ALA A 61 -4.51 12.74 29.08
N MET A 62 -3.91 13.48 28.13
N MET A 62 -3.96 13.50 28.13
CA MET A 62 -3.64 14.89 28.36
CA MET A 62 -3.64 14.89 28.41
C MET A 62 -4.92 15.62 28.74
C MET A 62 -4.89 15.70 28.70
N TYR A 63 -5.95 15.49 27.91
CA TYR A 63 -7.20 16.21 28.14
C TYR A 63 -7.80 15.86 29.50
N LEU A 64 -7.91 14.57 29.80
CA LEU A 64 -8.53 14.16 31.06
C LEU A 64 -7.69 14.57 32.26
N ALA A 65 -6.36 14.48 32.14
CA ALA A 65 -5.51 14.91 33.24
C ALA A 65 -5.75 16.38 33.59
N GLU A 66 -5.87 17.23 32.56
CA GLU A 66 -6.08 18.65 32.82
C GLU A 66 -7.49 18.91 33.34
N LYS A 67 -8.49 18.16 32.87
CA LYS A 67 -9.84 18.36 33.39
C LYS A 67 -9.93 17.91 34.85
N LEU A 68 -9.20 16.85 35.21
CA LEU A 68 -9.27 16.31 36.56
C LEU A 68 -8.24 16.92 37.51
N GLY A 69 -7.28 17.70 37.00
CA GLY A 69 -6.26 18.24 37.86
C GLY A 69 -5.28 17.22 38.41
N ILE A 70 -5.01 16.16 37.65
CA ILE A 70 -4.06 15.13 38.01
C ILE A 70 -3.07 14.96 36.86
N SER A 71 -2.08 14.11 37.06
CA SER A 71 -1.06 13.92 36.04
C SER A 71 -1.53 12.93 34.97
N ARG A 72 -0.93 13.03 33.79
CA ARG A 72 -1.21 12.07 32.73
C ARG A 72 -0.90 10.65 33.20
N GLU A 73 0.21 10.50 33.93
CA GLU A 73 0.60 9.19 34.42
C GLU A 73 -0.49 8.57 35.28
N GLU A 74 -1.12 9.38 36.15
CA GLU A 74 -2.19 8.86 36.99
C GLU A 74 -3.41 8.48 36.16
N VAL A 75 -3.73 9.28 35.14
CA VAL A 75 -4.88 8.95 34.28
C VAL A 75 -4.68 7.58 33.63
N VAL A 76 -3.47 7.33 33.12
CA VAL A 76 -3.19 6.07 32.45
C VAL A 76 -3.20 4.90 33.42
N LYS A 77 -2.90 5.14 34.71
CA LYS A 77 -3.00 4.09 35.71
C LYS A 77 -4.45 3.81 36.11
N LYS A 78 -5.35 4.76 35.87
CA LYS A 78 -6.72 4.69 36.32
C LYS A 78 -7.71 4.25 35.25
N VAL A 79 -7.46 4.62 34.00
CA VAL A 79 -8.40 4.45 32.91
C VAL A 79 -7.77 3.56 31.85
N ALA A 80 -8.54 2.57 31.40
CA ALA A 80 -8.08 1.74 30.29
C ALA A 80 -8.21 2.54 28.98
N PHE A 81 -7.13 2.58 28.20
CA PHE A 81 -7.15 3.20 26.87
C PHE A 81 -6.79 2.11 25.87
N ILE A 82 -7.77 1.66 25.10
CA ILE A 82 -7.59 0.58 24.13
C ILE A 82 -7.93 1.19 22.77
N MET A 83 -6.89 1.48 21.97
CA MET A 83 -7.07 2.10 20.66
C MET A 83 -6.77 1.05 19.60
N SER A 84 -7.81 0.66 18.88
CA SER A 84 -7.74 -0.33 17.81
C SER A 84 -7.61 0.43 16.51
N GLY A 85 -6.45 0.34 15.87
CA GLY A 85 -6.23 1.01 14.61
C GLY A 85 -6.94 0.34 13.46
N GLY A 86 -6.91 1.01 12.32
CA GLY A 86 -7.50 0.47 11.11
C GLY A 86 -8.97 0.82 10.97
N THR A 87 -9.28 1.80 10.13
CA THR A 87 -10.65 2.18 9.79
C THR A 87 -10.78 2.10 8.27
N GLU A 88 -10.70 0.88 7.75
CA GLU A 88 -10.74 0.64 6.31
C GLU A 88 -12.19 0.60 5.83
N GLY A 89 -12.35 0.60 4.52
CA GLY A 89 -13.70 0.58 3.95
C GLY A 89 -14.48 1.80 4.37
N VAL A 90 -15.70 1.59 4.86
CA VAL A 90 -16.55 2.68 5.32
C VAL A 90 -16.51 2.84 6.84
N MET A 91 -15.66 2.09 7.54
CA MET A 91 -15.66 2.11 9.00
C MET A 91 -15.30 3.50 9.51
N THR A 92 -16.13 4.00 10.42
CA THR A 92 -16.06 5.39 10.89
C THR A 92 -15.23 5.48 12.16
N PRO A 93 -14.17 6.29 12.18
CA PRO A 93 -13.41 6.47 13.44
C PRO A 93 -14.31 7.00 14.55
N HIS A 94 -14.07 6.51 15.76
CA HIS A 94 -14.90 6.89 16.90
C HIS A 94 -14.25 6.35 18.16
N ILE A 95 -14.74 6.81 19.30
CA ILE A 95 -14.38 6.26 20.60
C ILE A 95 -15.66 5.87 21.32
N THR A 96 -15.56 4.82 22.14
CA THR A 96 -16.63 4.38 23.02
C THR A 96 -16.13 4.57 24.46
N VAL A 97 -16.83 5.43 25.21
CA VAL A 97 -16.43 5.81 26.55
C VAL A 97 -17.32 5.08 27.54
N PHE A 98 -16.68 4.36 28.47
CA PHE A 98 -17.39 3.61 29.50
C PHE A 98 -17.30 4.40 30.80
N VAL A 99 -18.47 4.76 31.35
CA VAL A 99 -18.58 5.50 32.60
C VAL A 99 -19.24 4.58 33.61
N ARG A 100 -18.69 4.53 34.82
CA ARG A 100 -19.24 3.69 35.88
C ARG A 100 -19.50 4.56 37.09
N LYS A 101 -20.74 4.56 37.57
CA LYS A 101 -21.16 5.36 38.71
C LYS A 101 -21.60 4.44 39.82
N ASP A 102 -21.32 4.86 41.06
CA ASP A 102 -21.94 4.25 42.24
C ASP A 102 -23.26 4.97 42.47
N VAL A 103 -24.34 4.20 42.60
CA VAL A 103 -25.66 4.77 42.78
C VAL A 103 -26.34 4.06 43.95
N ALA A 104 -27.19 4.80 44.66
CA ALA A 104 -27.92 4.21 45.77
C ALA A 104 -29.21 3.52 45.33
N ALA A 105 -29.59 3.63 44.05
CA ALA A 105 -30.78 2.97 43.57
C ALA A 105 -30.70 1.47 43.84
N PRO A 106 -31.84 0.78 43.85
CA PRO A 106 -31.81 -0.68 44.03
C PRO A 106 -31.27 -1.41 42.81
N ALA A 107 -31.33 -2.74 42.81
CA ALA A 107 -30.87 -3.54 41.70
C ALA A 107 -32.02 -3.69 40.69
N ALA A 108 -31.76 -3.29 39.44
CA ALA A 108 -32.73 -3.50 38.39
C ALA A 108 -33.04 -4.99 38.28
N PRO A 109 -34.32 -5.36 38.13
CA PRO A 109 -34.68 -6.78 38.07
C PRO A 109 -33.98 -7.49 36.92
N GLY A 110 -33.29 -8.58 37.26
CA GLY A 110 -32.48 -9.32 36.29
C GLY A 110 -31.06 -8.79 36.21
N LYS A 111 -30.44 -8.90 35.04
CA LYS A 111 -29.04 -8.54 34.87
C LYS A 111 -28.88 -7.38 33.89
N ARG A 112 -27.99 -6.46 34.23
CA ARG A 112 -27.75 -5.27 33.43
C ARG A 112 -26.25 -5.04 33.29
N LEU A 113 -25.91 -4.15 32.38
CA LEU A 113 -24.52 -3.99 31.94
C LEU A 113 -23.59 -3.75 33.13
N ALA A 114 -22.44 -4.42 33.09
CA ALA A 114 -21.39 -4.27 34.08
C ALA A 114 -20.05 -4.31 33.35
N VAL A 115 -19.08 -3.56 33.87
CA VAL A 115 -17.78 -3.43 33.24
C VAL A 115 -16.70 -3.54 34.31
N GLY A 116 -15.61 -4.19 33.98
CA GLY A 116 -14.47 -4.28 34.86
C GLY A 116 -13.19 -4.11 34.07
N VAL A 117 -12.16 -3.61 34.73
CA VAL A 117 -10.89 -3.29 34.09
C VAL A 117 -9.75 -3.86 34.93
N ALA A 118 -8.73 -4.35 34.25
CA ALA A 118 -7.53 -4.85 34.91
C ALA A 118 -6.37 -4.73 33.92
N PHE A 119 -5.17 -4.52 34.45
CA PHE A 119 -3.97 -4.44 33.64
C PHE A 119 -2.98 -5.51 34.06
N THR A 120 -2.22 -6.04 33.09
CA THR A 120 -1.11 -6.93 33.44
C THR A 120 0.18 -6.12 33.63
N ARG A 121 1.21 -6.79 34.12
CA ARG A 121 2.55 -6.24 34.10
C ARG A 121 3.01 -6.10 32.64
N ASP A 122 4.04 -5.29 32.44
CA ASP A 122 4.67 -5.24 31.14
C ASP A 122 5.31 -6.58 30.83
N PHE A 123 5.35 -6.93 29.55
CA PHE A 123 5.97 -8.16 29.08
C PHE A 123 7.28 -7.82 28.40
N LEU A 124 8.28 -8.68 28.59
CA LEU A 124 9.47 -8.63 27.77
C LEU A 124 9.12 -9.09 26.36
N PRO A 125 9.83 -8.60 25.35
CA PRO A 125 9.53 -9.01 23.97
C PRO A 125 9.52 -10.52 23.78
N GLU A 126 10.45 -11.22 24.43
CA GLU A 126 10.53 -12.67 24.28
C GLU A 126 9.38 -13.40 24.95
N GLU A 127 8.50 -12.68 25.65
CA GLU A 127 7.34 -13.28 26.29
C GLU A 127 6.08 -13.22 25.44
N LEU A 128 6.03 -12.38 24.42
CA LEU A 128 4.82 -12.28 23.62
C LEU A 128 4.58 -13.59 22.90
N GLY A 129 3.31 -13.98 22.81
CA GLY A 129 2.94 -15.19 22.11
C GLY A 129 3.25 -16.48 22.84
N ARG A 130 3.52 -16.42 24.14
CA ARG A 130 3.92 -17.60 24.90
C ARG A 130 3.09 -17.69 26.18
N MET A 131 3.28 -18.81 26.90
CA MET A 131 2.40 -19.14 28.01
C MET A 131 2.42 -18.09 29.11
N GLU A 132 3.55 -17.40 29.30
CA GLU A 132 3.60 -16.33 30.30
C GLU A 132 2.56 -15.26 30.00
N GLN A 133 2.36 -14.92 28.72
CA GLN A 133 1.32 -13.95 28.37
C GLN A 133 -0.06 -14.55 28.56
N VAL A 134 -0.26 -15.81 28.16
CA VAL A 134 -1.53 -16.48 28.40
C VAL A 134 -1.90 -16.41 29.87
N ASN A 135 -0.97 -16.84 30.74
CA ASN A 135 -1.29 -16.98 32.16
C ASN A 135 -1.49 -15.63 32.85
N GLU A 136 -0.67 -14.63 32.50
CA GLU A 136 -0.84 -13.31 33.12
C GLU A 136 -2.15 -12.68 32.66
N VAL A 137 -2.52 -12.86 31.39
CA VAL A 137 -3.80 -12.35 30.92
C VAL A 137 -4.95 -13.02 31.67
N ALA A 138 -4.87 -14.35 31.83
CA ALA A 138 -5.93 -15.06 32.54
C ALA A 138 -6.14 -14.49 33.94
N ARG A 139 -5.04 -14.22 34.66
CA ARG A 139 -5.12 -13.63 35.98
C ARG A 139 -5.82 -12.28 35.92
N ALA A 140 -5.46 -11.44 34.95
CA ALA A 140 -6.06 -10.12 34.86
C ALA A 140 -7.54 -10.19 34.50
N VAL A 141 -7.93 -11.16 33.65
CA VAL A 141 -9.34 -11.30 33.29
C VAL A 141 -10.18 -11.61 34.52
N LYS A 142 -9.69 -12.50 35.38
CA LYS A 142 -10.41 -12.81 36.61
C LYS A 142 -10.51 -11.58 37.50
N GLU A 143 -9.43 -10.78 37.60
CA GLU A 143 -9.49 -9.54 38.35
C GLU A 143 -10.52 -8.58 37.75
N ALA A 144 -10.56 -8.47 36.43
CA ALA A 144 -11.53 -7.57 35.81
C ALA A 144 -12.96 -8.07 36.04
N MET A 145 -13.15 -9.40 36.05
CA MET A 145 -14.46 -9.93 36.36
C MET A 145 -14.91 -9.51 37.76
N LYS A 146 -13.99 -9.56 38.74
CA LYS A 146 -14.33 -9.10 40.07
C LYS A 146 -14.65 -7.61 40.08
N ASP A 147 -13.84 -6.81 39.40
CA ASP A 147 -14.10 -5.38 39.28
C ASP A 147 -15.51 -5.14 38.73
N ALA A 148 -15.97 -6.00 37.83
CA ALA A 148 -17.29 -5.87 37.23
C ALA A 148 -18.39 -6.48 38.07
N GLN A 149 -18.05 -7.15 39.17
CA GLN A 149 -19.03 -7.84 40.00
C GLN A 149 -19.76 -8.92 39.20
N ILE A 150 -19.02 -9.61 38.34
CA ILE A 150 -19.54 -10.76 37.60
C ILE A 150 -18.86 -12.00 38.12
N ASP A 151 -19.66 -12.91 38.68
CA ASP A 151 -19.15 -14.17 39.21
C ASP A 151 -19.29 -15.33 38.23
N ASP A 152 -20.27 -15.27 37.32
CA ASP A 152 -20.56 -16.36 36.40
C ASP A 152 -19.96 -16.06 35.03
N PRO A 153 -19.01 -16.85 34.54
CA PRO A 153 -18.44 -16.56 33.21
C PRO A 153 -19.47 -16.54 32.10
N ARG A 154 -20.61 -17.21 32.26
CA ARG A 154 -21.65 -17.16 31.25
C ARG A 154 -22.23 -15.76 31.11
N ASP A 155 -22.03 -14.90 32.10
CA ASP A 155 -22.52 -13.52 32.03
C ASP A 155 -21.48 -12.56 31.47
N VAL A 156 -20.33 -13.06 31.03
CA VAL A 156 -19.34 -12.27 30.32
C VAL A 156 -19.63 -12.40 28.82
N HIS A 157 -19.83 -11.26 28.15
CA HIS A 157 -20.20 -11.26 26.74
C HIS A 157 -19.14 -10.68 25.81
N PHE A 158 -18.10 -10.02 26.34
CA PHE A 158 -17.06 -9.46 25.50
C PHE A 158 -15.88 -9.13 26.41
N VAL A 159 -14.68 -9.59 26.05
CA VAL A 159 -13.48 -9.27 26.81
C VAL A 159 -12.52 -8.61 25.81
N GLN A 160 -12.40 -7.30 25.91
CA GLN A 160 -11.62 -6.50 24.98
C GLN A 160 -10.24 -6.27 25.58
N ILE A 161 -9.21 -6.57 24.78
CA ILE A 161 -7.82 -6.52 25.23
C ILE A 161 -6.98 -5.72 24.25
N LYS A 162 -6.09 -4.90 24.78
CA LYS A 162 -4.98 -4.33 24.04
C LYS A 162 -3.70 -5.04 24.50
N CYS A 163 -2.86 -5.43 23.55
CA CYS A 163 -1.66 -6.19 23.86
C CYS A 163 -0.50 -5.67 23.03
N PRO A 164 0.74 -6.05 23.37
CA PRO A 164 1.90 -5.47 22.69
C PRO A 164 2.21 -6.17 21.38
N LEU A 165 3.29 -5.72 20.74
CA LEU A 165 3.81 -6.35 19.55
C LEU A 165 5.33 -6.22 19.54
N LEU A 166 5.94 -6.84 18.53
CA LEU A 166 7.37 -6.77 18.34
C LEU A 166 7.70 -5.83 17.18
N THR A 167 8.69 -4.98 17.39
CA THR A 167 9.33 -4.23 16.31
C THR A 167 10.73 -4.79 16.11
N ALA A 168 11.36 -4.39 15.00
CA ALA A 168 12.72 -4.84 14.74
C ALA A 168 13.65 -4.46 15.90
N GLU A 169 13.48 -3.26 16.47
CA GLU A 169 14.39 -2.82 17.53
C GLU A 169 14.22 -3.66 18.79
N ARG A 170 12.98 -4.04 19.10
CA ARG A 170 12.73 -4.87 20.28
C ARG A 170 13.27 -6.28 20.09
N ILE A 171 13.14 -6.82 18.87
CA ILE A 171 13.76 -8.09 18.54
C ILE A 171 15.27 -8.00 18.74
N GLU A 172 15.87 -6.90 18.28
CA GLU A 172 17.32 -6.74 18.45
C GLU A 172 17.69 -6.65 19.92
N ASP A 173 16.85 -5.99 20.72
CA ASP A 173 17.09 -5.95 22.16
C ASP A 173 17.05 -7.34 22.77
N ALA A 174 16.02 -8.12 22.43
CA ALA A 174 15.93 -9.48 22.92
C ALA A 174 17.16 -10.29 22.54
N LYS A 175 17.58 -10.19 21.28
CA LYS A 175 18.80 -10.88 20.84
C LYS A 175 20.01 -10.44 21.65
N ARG A 176 20.14 -9.14 21.89
CA ARG A 176 21.27 -8.63 22.64
C ARG A 176 21.29 -9.17 24.07
N ARG A 177 20.13 -9.40 24.65
CA ARG A 177 20.00 -10.02 25.98
C ARG A 177 20.07 -11.53 25.94
N GLY A 178 20.33 -12.12 24.76
CA GLY A 178 20.45 -13.56 24.64
C GLY A 178 19.14 -14.33 24.55
N LYS A 179 18.07 -13.67 24.11
CA LYS A 179 16.75 -14.25 24.08
C LYS A 179 16.25 -14.39 22.64
N ASP A 180 15.43 -15.40 22.40
CA ASP A 180 14.75 -15.59 21.12
C ASP A 180 13.28 -15.19 21.26
N VAL A 181 12.75 -14.51 20.26
CA VAL A 181 11.34 -14.13 20.26
C VAL A 181 10.49 -15.21 19.58
N VAL A 182 9.17 -15.13 19.76
CA VAL A 182 8.27 -16.18 19.27
C VAL A 182 8.31 -16.25 17.75
N VAL A 183 8.46 -15.10 17.09
CA VAL A 183 8.55 -15.04 15.63
C VAL A 183 9.35 -13.81 15.27
N ASN A 184 10.16 -13.92 14.22
CA ASN A 184 11.01 -12.82 13.75
C ASN A 184 10.36 -12.06 12.61
N ASP A 185 9.12 -11.65 12.82
CA ASP A 185 8.34 -10.91 11.83
C ASP A 185 7.43 -10.01 12.62
N THR A 186 7.52 -8.70 12.40
CA THR A 186 6.79 -7.77 13.26
C THR A 186 5.28 -7.92 13.08
N TYR A 187 4.82 -8.04 11.83
CA TYR A 187 3.37 -8.17 11.62
C TYR A 187 2.86 -9.48 12.21
N LYS A 188 3.59 -10.58 12.01
CA LYS A 188 3.15 -11.85 12.57
C LYS A 188 3.19 -11.82 14.09
N SER A 189 4.08 -11.03 14.69
CA SER A 189 4.10 -10.94 16.15
C SER A 189 2.76 -10.45 16.69
N MET A 190 2.07 -9.61 15.93
CA MET A 190 0.74 -9.15 16.36
C MET A 190 -0.22 -10.34 16.52
N ALA A 191 -0.15 -11.32 15.60
CA ALA A 191 -1.03 -12.48 15.71
C ALA A 191 -0.72 -13.30 16.95
N TYR A 192 0.57 -13.49 17.26
CA TYR A 192 0.92 -14.27 18.44
C TYR A 192 0.50 -13.56 19.72
N SER A 193 0.68 -12.24 19.79
CA SER A 193 0.26 -11.49 20.96
C SER A 193 -1.26 -11.53 21.10
N ARG A 194 -1.98 -11.30 19.99
CA ARG A 194 -3.43 -11.40 20.02
C ARG A 194 -3.89 -12.78 20.43
N GLY A 195 -3.25 -13.82 19.88
CA GLY A 195 -3.72 -15.18 20.12
C GLY A 195 -3.44 -15.65 21.54
N ALA A 196 -2.22 -15.40 22.03
CA ALA A 196 -1.92 -15.73 23.41
C ALA A 196 -2.86 -15.00 24.36
N SER A 197 -3.14 -13.72 24.09
CA SER A 197 -4.05 -12.97 24.93
C SER A 197 -5.46 -13.57 24.90
N ALA A 198 -5.93 -13.97 23.71
CA ALA A 198 -7.26 -14.57 23.62
C ALA A 198 -7.32 -15.89 24.36
N LEU A 199 -6.29 -16.72 24.25
CA LEU A 199 -6.26 -17.96 25.01
C LEU A 199 -6.28 -17.69 26.51
N GLY A 200 -5.67 -16.59 26.95
CA GLY A 200 -5.76 -16.23 28.36
C GLY A 200 -7.20 -15.95 28.77
N VAL A 201 -7.97 -15.32 27.89
CA VAL A 201 -9.38 -15.11 28.17
C VAL A 201 -10.10 -16.45 28.30
N ALA A 202 -9.90 -17.34 27.32
CA ALA A 202 -10.57 -18.64 27.33
C ALA A 202 -10.22 -19.43 28.59
N LEU A 203 -8.96 -19.37 29.02
CA LEU A 203 -8.56 -20.06 30.23
C LEU A 203 -9.29 -19.49 31.45
N ALA A 204 -9.31 -18.16 31.57
CA ALA A 204 -9.94 -17.56 32.75
C ALA A 204 -11.43 -17.88 32.80
N LEU A 205 -12.08 -17.96 31.65
CA LEU A 205 -13.52 -18.16 31.58
C LEU A 205 -13.93 -19.63 31.54
N GLY A 206 -12.99 -20.56 31.53
CA GLY A 206 -13.34 -21.97 31.44
C GLY A 206 -13.77 -22.43 30.07
N GLU A 207 -13.49 -21.65 29.03
CA GLU A 207 -13.83 -22.04 27.67
C GLU A 207 -12.89 -23.13 27.15
N ILE A 208 -11.67 -23.19 27.69
CA ILE A 208 -10.69 -24.21 27.35
C ILE A 208 -10.01 -24.63 28.65
N SER A 209 -9.61 -25.90 28.73
CA SER A 209 -8.90 -26.38 29.90
C SER A 209 -7.40 -26.13 29.76
N ALA A 210 -6.75 -25.87 30.90
CA ALA A 210 -5.35 -25.47 30.87
C ALA A 210 -4.47 -26.53 30.23
N ASP A 211 -4.77 -27.81 30.47
CA ASP A 211 -3.92 -28.88 29.97
C ASP A 211 -3.88 -28.94 28.44
N LYS A 212 -4.77 -28.24 27.76
CA LYS A 212 -4.76 -28.23 26.30
C LYS A 212 -3.91 -27.10 25.72
N ILE A 213 -3.40 -26.19 26.54
CA ILE A 213 -2.69 -25.01 26.06
C ILE A 213 -1.19 -25.21 26.27
N SER A 214 -0.41 -24.92 25.24
CA SER A 214 1.04 -24.93 25.32
C SER A 214 1.57 -23.92 24.31
N ASN A 215 2.87 -23.62 24.38
CA ASN A 215 3.45 -22.71 23.40
C ASN A 215 3.20 -23.22 21.98
N GLU A 216 3.22 -24.55 21.79
CA GLU A 216 3.08 -25.09 20.45
C GLU A 216 1.67 -24.89 19.92
N ALA A 217 0.67 -24.83 20.79
CA ALA A 217 -0.71 -24.66 20.34
C ALA A 217 -1.03 -23.21 19.94
N ILE A 218 -0.27 -22.24 20.47
CA ILE A 218 -0.58 -20.85 20.21
C ILE A 218 -0.42 -20.55 18.74
N CYS A 219 -1.47 -20.00 18.14
CA CYS A 219 -1.54 -19.70 16.70
C CYS A 219 -1.35 -20.95 15.85
N HIS A 220 -1.76 -22.11 16.37
CA HIS A 220 -1.70 -23.34 15.58
C HIS A 220 -2.95 -24.19 15.72
N ASP A 221 -3.46 -24.36 16.94
CA ASP A 221 -4.64 -25.20 17.17
C ASP A 221 -5.87 -24.29 17.18
N TRP A 222 -6.54 -24.17 16.04
CA TRP A 222 -7.70 -23.30 15.94
C TRP A 222 -8.96 -23.90 16.56
N ASN A 223 -8.90 -25.16 17.01
CA ASN A 223 -9.98 -25.69 17.82
C ASN A 223 -10.04 -25.04 19.19
N LEU A 224 -8.98 -24.38 19.63
CA LEU A 224 -8.95 -23.70 20.91
C LEU A 224 -9.30 -22.24 20.69
N TYR A 225 -10.44 -21.81 21.23
CA TYR A 225 -10.78 -20.40 21.10
C TYR A 225 -11.79 -19.97 22.15
N SER A 226 -11.81 -18.66 22.39
CA SER A 226 -12.80 -18.01 23.21
C SER A 226 -13.92 -17.49 22.31
N SER A 227 -15.13 -17.53 22.83
CA SER A 227 -16.29 -17.00 22.11
C SER A 227 -16.60 -15.56 22.47
N VAL A 228 -15.78 -14.93 23.34
CA VAL A 228 -16.03 -13.56 23.75
C VAL A 228 -14.77 -12.70 23.71
N ALA A 229 -13.62 -13.30 23.48
CA ALA A 229 -12.38 -12.54 23.49
C ALA A 229 -12.25 -11.69 22.23
N SER A 230 -11.75 -10.47 22.40
CA SER A 230 -11.49 -9.54 21.30
C SER A 230 -10.17 -8.85 21.61
N THR A 231 -9.12 -9.19 20.89
CA THR A 231 -7.78 -8.72 21.23
C THR A 231 -7.20 -7.90 20.08
N SER A 232 -6.38 -6.91 20.45
CA SER A 232 -5.89 -5.89 19.53
C SER A 232 -4.50 -5.50 19.99
N ALA A 233 -3.58 -5.35 19.04
CA ALA A 233 -2.16 -5.20 19.35
C ALA A 233 -1.66 -3.82 18.92
N GLY A 234 -0.62 -3.34 19.61
CA GLY A 234 -0.13 -2.01 19.33
C GLY A 234 1.28 -1.79 19.81
N VAL A 235 1.99 -0.90 19.11
CA VAL A 235 3.34 -0.52 19.50
C VAL A 235 3.33 0.38 20.73
N GLU A 236 2.16 0.95 21.06
CA GLU A 236 2.10 2.01 22.06
C GLU A 236 2.01 1.51 23.50
N LEU A 237 2.07 0.20 23.75
CA LEU A 237 2.06 -0.29 25.11
C LEU A 237 2.87 -1.57 25.20
N LEU A 238 3.31 -1.89 26.42
CA LEU A 238 4.14 -3.06 26.68
C LEU A 238 3.45 -4.11 27.52
N ASN A 239 2.24 -3.84 28.00
CA ASN A 239 1.46 -4.79 28.80
C ASN A 239 0.16 -5.12 28.07
N ASP A 240 -0.73 -5.84 28.76
CA ASP A 240 -2.09 -6.09 28.29
C ASP A 240 -3.05 -5.29 29.17
N GLU A 241 -4.00 -4.60 28.54
CA GLU A 241 -5.11 -3.96 29.23
C GLU A 241 -6.39 -4.71 28.90
N ILE A 242 -7.20 -4.97 29.92
CA ILE A 242 -8.38 -5.82 29.82
C ILE A 242 -9.61 -5.01 30.20
N ILE A 243 -10.65 -5.09 29.37
CA ILE A 243 -11.99 -4.62 29.71
C ILE A 243 -12.92 -5.81 29.61
N VAL A 244 -13.52 -6.21 30.74
CA VAL A 244 -14.55 -7.24 30.75
C VAL A 244 -15.91 -6.55 30.71
N VAL A 245 -16.75 -6.97 29.77
CA VAL A 245 -18.10 -6.43 29.62
C VAL A 245 -19.09 -7.57 29.70
N GLY A 246 -20.07 -7.45 30.58
CA GLY A 246 -21.08 -8.46 30.76
C GLY A 246 -22.30 -7.87 31.42
N ASN A 247 -23.10 -8.73 32.02
CA ASN A 247 -24.27 -8.31 32.78
C ASN A 247 -24.17 -8.89 34.18
N SER A 248 -24.70 -8.14 35.14
CA SER A 248 -24.60 -8.48 36.56
C SER A 248 -25.93 -8.21 37.23
N THR A 249 -26.26 -9.04 38.21
CA THR A 249 -27.47 -8.80 39.00
C THR A 249 -27.34 -7.55 39.85
N ASN A 250 -26.12 -7.18 40.23
CA ASN A 250 -25.88 -6.00 41.05
C ASN A 250 -25.52 -4.79 40.19
N SER A 251 -26.27 -4.58 39.11
CA SER A 251 -26.08 -3.45 38.22
C SER A 251 -27.39 -2.69 38.08
N ALA A 252 -27.31 -1.35 38.09
CA ALA A 252 -28.46 -0.50 37.83
C ALA A 252 -28.39 0.14 36.44
N SER A 253 -27.60 -0.43 35.55
CA SER A 253 -27.47 0.12 34.21
C SER A 253 -28.79 0.01 33.45
N ASP A 254 -29.04 1.01 32.60
CA ASP A 254 -30.12 0.98 31.64
C ASP A 254 -29.69 0.37 30.31
N LEU A 255 -28.63 -0.42 30.33
CA LEU A 255 -28.08 -1.07 29.15
C LEU A 255 -27.88 -2.55 29.45
N VAL A 256 -27.80 -3.35 28.38
CA VAL A 256 -27.41 -4.74 28.46
C VAL A 256 -26.41 -5.00 27.34
N ILE A 257 -25.70 -6.12 27.46
CA ILE A 257 -24.81 -6.60 26.41
C ILE A 257 -25.23 -8.02 26.05
N GLY A 258 -25.24 -8.32 24.74
CA GLY A 258 -25.39 -9.67 24.25
C GLY A 258 -24.34 -9.93 23.19
N HIS A 259 -24.26 -11.19 22.78
CA HIS A 259 -23.26 -11.53 21.78
C HIS A 259 -23.64 -12.78 21.02
N SER A 260 -22.96 -12.97 19.89
CA SER A 260 -22.95 -14.21 19.16
C SER A 260 -21.53 -14.40 18.65
N VAL A 261 -21.35 -15.32 17.71
CA VAL A 261 -20.05 -15.58 17.10
C VAL A 261 -20.28 -15.66 15.60
N MET A 262 -19.60 -14.80 14.84
CA MET A 262 -19.62 -14.92 13.40
C MET A 262 -18.85 -16.18 12.98
N LYS A 263 -19.53 -17.04 12.21
CA LYS A 263 -18.87 -18.25 11.74
C LYS A 263 -17.87 -17.95 10.64
N ASP A 264 -18.10 -16.86 9.89
CA ASP A 264 -17.19 -16.44 8.82
C ASP A 264 -17.41 -14.95 8.59
N ALA A 265 -16.68 -14.38 7.64
CA ALA A 265 -16.63 -12.93 7.48
C ALA A 265 -17.93 -12.34 6.94
N ILE A 266 -18.83 -13.16 6.38
CA ILE A 266 -20.06 -12.67 5.77
C ILE A 266 -21.29 -13.19 6.52
N ASP A 267 -21.12 -13.55 7.79
CA ASP A 267 -22.18 -14.20 8.57
C ASP A 267 -23.09 -13.13 9.17
N ALA A 268 -23.98 -12.61 8.32
CA ALA A 268 -24.95 -11.63 8.79
C ALA A 268 -25.93 -12.23 9.79
N ASP A 269 -26.19 -13.54 9.70
CA ASP A 269 -27.06 -14.17 10.69
C ASP A 269 -26.52 -14.00 12.10
N ALA A 270 -25.21 -14.12 12.27
CA ALA A 270 -24.62 -13.92 13.59
C ALA A 270 -24.77 -12.49 14.07
N VAL A 271 -24.73 -11.52 13.15
CA VAL A 271 -24.98 -10.13 13.54
C VAL A 271 -26.40 -10.01 14.09
N ARG A 272 -27.37 -10.56 13.37
N ARG A 272 -27.38 -10.59 13.39
CA ARG A 272 -28.75 -10.52 13.84
CA ARG A 272 -28.76 -10.51 13.85
C ARG A 272 -28.91 -11.26 15.16
C ARG A 272 -29.00 -11.34 15.10
N ALA A 273 -28.22 -12.40 15.31
CA ALA A 273 -28.31 -13.15 16.55
C ALA A 273 -27.75 -12.36 17.72
N ALA A 274 -26.65 -11.64 17.49
CA ALA A 274 -26.08 -10.81 18.55
C ALA A 274 -27.05 -9.70 18.94
N LEU A 275 -27.67 -9.06 17.95
CA LEU A 275 -28.69 -8.06 18.24
C LEU A 275 -29.82 -8.64 19.08
N LYS A 276 -30.32 -9.82 18.68
CA LYS A 276 -31.42 -10.43 19.42
C LYS A 276 -31.00 -10.78 20.84
N ASP A 277 -29.77 -11.25 21.02
CA ASP A 277 -29.30 -11.57 22.37
C ASP A 277 -29.21 -10.32 23.24
N ALA A 278 -29.07 -9.14 22.63
CA ALA A 278 -29.06 -7.88 23.34
C ALA A 278 -30.45 -7.24 23.43
N GLY A 279 -31.50 -7.99 23.11
CA GLY A 279 -32.86 -7.52 23.23
C GLY A 279 -33.41 -6.78 22.03
N ILE A 280 -32.66 -6.72 20.92
CA ILE A 280 -33.11 -6.03 19.71
C ILE A 280 -33.70 -7.10 18.80
N ARG A 281 -35.03 -7.12 18.71
CA ARG A 281 -35.74 -8.20 18.02
C ARG A 281 -36.25 -7.83 16.64
N SER A 282 -36.19 -6.55 16.25
CA SER A 282 -36.68 -6.15 14.95
C SER A 282 -35.87 -4.97 14.44
N ASP A 283 -35.97 -4.72 13.12
CA ASP A 283 -35.26 -3.60 12.53
C ASP A 283 -35.64 -2.28 13.18
N ASP A 284 -36.89 -2.14 13.63
CA ASP A 284 -37.33 -0.89 14.22
C ASP A 284 -36.65 -0.61 15.56
N GLU A 285 -36.22 -1.66 16.26
CA GLU A 285 -35.55 -1.50 17.54
C GLU A 285 -34.05 -1.29 17.39
N MET A 286 -33.56 -1.14 16.15
N MET A 286 -33.55 -1.14 16.15
CA MET A 286 -32.14 -0.89 15.93
CA MET A 286 -32.13 -0.91 15.95
C MET A 286 -31.67 0.39 16.60
C MET A 286 -31.66 0.38 16.63
N ASP A 287 -32.57 1.33 16.87
CA ASP A 287 -32.19 2.59 17.47
C ASP A 287 -31.72 2.43 18.92
N ARG A 288 -31.89 1.26 19.52
CA ARG A 288 -31.37 1.02 20.86
C ARG A 288 -29.90 0.65 20.88
N ILE A 289 -29.26 0.45 19.72
CA ILE A 289 -27.84 0.12 19.69
C ILE A 289 -27.02 1.27 20.26
N VAL A 290 -26.12 0.95 21.18
CA VAL A 290 -25.07 1.88 21.57
C VAL A 290 -23.82 1.67 20.73
N ASN A 291 -23.36 0.43 20.65
CA ASN A 291 -22.34 0.08 19.68
C ASN A 291 -22.42 -1.42 19.42
N VAL A 292 -21.83 -1.81 18.30
CA VAL A 292 -21.59 -3.21 17.95
C VAL A 292 -20.07 -3.38 17.93
N LEU A 293 -19.59 -4.46 18.52
CA LEU A 293 -18.16 -4.71 18.65
C LEU A 293 -17.86 -6.11 18.13
N ALA A 294 -16.95 -6.21 17.15
CA ALA A 294 -16.75 -7.48 16.49
C ALA A 294 -15.29 -7.71 16.11
N LYS A 295 -14.93 -8.99 16.02
CA LYS A 295 -13.64 -9.43 15.50
C LYS A 295 -13.81 -10.00 14.10
N ALA A 296 -12.82 -9.72 13.25
CA ALA A 296 -12.83 -10.13 11.85
C ALA A 296 -11.47 -10.72 11.50
N GLU A 297 -11.45 -11.68 10.58
CA GLU A 297 -10.17 -12.20 10.15
C GLU A 297 -10.27 -12.94 8.81
N ALA A 298 -9.11 -13.07 8.17
CA ALA A 298 -8.97 -13.92 7.01
C ALA A 298 -8.81 -15.37 7.46
N ALA A 299 -9.63 -16.27 6.90
CA ALA A 299 -9.52 -17.67 7.25
C ALA A 299 -8.21 -18.26 6.72
N SER A 300 -7.62 -19.17 7.50
CA SER A 300 -6.37 -19.80 7.07
C SER A 300 -6.55 -20.59 5.78
N SER A 301 -7.76 -21.04 5.48
CA SER A 301 -8.00 -21.79 4.25
C SER A 301 -7.88 -20.94 3.00
N GLY A 302 -7.88 -19.62 3.14
CA GLY A 302 -7.84 -18.77 1.97
C GLY A 302 -9.16 -18.69 1.23
N THR A 303 -10.25 -19.10 1.87
CA THR A 303 -11.55 -19.17 1.22
C THR A 303 -12.62 -18.69 2.20
N VAL A 304 -13.78 -18.36 1.62
CA VAL A 304 -15.00 -18.13 2.38
C VAL A 304 -16.10 -18.94 1.69
N ARG A 305 -16.70 -19.88 2.41
CA ARG A 305 -17.73 -20.78 1.88
C ARG A 305 -17.30 -21.39 0.55
N GLY A 306 -16.06 -21.87 0.52
CA GLY A 306 -15.52 -22.53 -0.64
C GLY A 306 -15.07 -21.63 -1.75
N ARG A 307 -15.17 -20.31 -1.58
CA ARG A 307 -14.82 -19.36 -2.61
C ARG A 307 -13.48 -18.71 -2.26
N ARG A 308 -12.55 -18.73 -3.21
CA ARG A 308 -11.22 -18.20 -2.97
C ARG A 308 -11.25 -16.69 -2.82
N ASN A 309 -10.37 -16.18 -1.95
CA ASN A 309 -10.05 -14.76 -1.94
C ASN A 309 -8.54 -14.62 -1.78
N THR A 310 -8.06 -13.40 -1.97
CA THR A 310 -6.62 -13.13 -2.03
C THR A 310 -6.06 -12.53 -0.76
N MET A 311 -6.84 -12.48 0.32
CA MET A 311 -6.40 -11.75 1.50
C MET A 311 -5.03 -12.20 1.98
N LEU A 312 -4.75 -13.51 1.96
CA LEU A 312 -3.49 -14.03 2.47
C LEU A 312 -2.37 -14.00 1.43
N ASP A 313 -2.68 -13.72 0.18
CA ASP A 313 -1.70 -13.63 -0.88
C ASP A 313 -1.35 -12.19 -1.25
N ASP A 314 -2.10 -11.21 -0.75
CA ASP A 314 -1.95 -9.82 -1.20
C ASP A 314 -0.78 -9.19 -0.47
N SER A 315 0.30 -8.93 -1.20
CA SER A 315 1.49 -8.33 -0.61
C SER A 315 1.39 -6.81 -0.49
N ASP A 316 0.36 -6.20 -1.06
CA ASP A 316 0.18 -4.76 -0.96
C ASP A 316 -0.63 -4.37 0.28
N ILE A 317 -1.70 -5.11 0.57
CA ILE A 317 -2.61 -4.80 1.67
C ILE A 317 -2.62 -6.00 2.61
N ASN A 318 -2.26 -5.75 3.87
CA ASN A 318 -2.21 -6.83 4.85
C ASN A 318 -3.60 -7.34 5.19
N HIS A 319 -3.69 -8.61 5.56
CA HIS A 319 -4.97 -9.29 5.64
C HIS A 319 -5.88 -8.74 6.74
N THR A 320 -5.33 -8.24 7.85
CA THR A 320 -6.22 -7.68 8.87
C THR A 320 -6.91 -6.42 8.38
N ARG A 321 -6.26 -5.66 7.48
CA ARG A 321 -6.91 -4.49 6.90
C ARG A 321 -8.14 -4.91 6.09
N SER A 322 -7.97 -5.92 5.25
CA SER A 322 -9.08 -6.39 4.40
C SER A 322 -10.22 -6.96 5.23
N ALA A 323 -9.88 -7.77 6.24
CA ALA A 323 -10.94 -8.37 7.06
C ALA A 323 -11.75 -7.31 7.78
N ARG A 324 -11.09 -6.25 8.26
CA ARG A 324 -11.83 -5.17 8.94
C ARG A 324 -12.80 -4.50 7.98
N ALA A 325 -12.36 -4.18 6.76
CA ALA A 325 -13.27 -3.56 5.80
C ALA A 325 -14.48 -4.45 5.54
N VAL A 326 -14.25 -5.76 5.37
CA VAL A 326 -15.33 -6.67 5.01
C VAL A 326 -16.35 -6.75 6.14
N VAL A 327 -15.89 -7.06 7.35
CA VAL A 327 -16.83 -7.31 8.45
C VAL A 327 -17.53 -6.03 8.87
N ASN A 328 -16.83 -4.89 8.83
CA ASN A 328 -17.53 -3.64 9.13
C ASN A 328 -18.65 -3.40 8.12
N ALA A 329 -18.38 -3.68 6.85
CA ALA A 329 -19.40 -3.49 5.81
C ALA A 329 -20.60 -4.40 6.04
N VAL A 330 -20.34 -5.66 6.41
CA VAL A 330 -21.44 -6.60 6.67
C VAL A 330 -22.30 -6.10 7.83
N ILE A 331 -21.67 -5.76 8.95
CA ILE A 331 -22.42 -5.24 10.09
C ILE A 331 -23.16 -3.98 9.70
N ALA A 332 -22.47 -3.06 9.03
CA ALA A 332 -23.08 -1.79 8.65
C ALA A 332 -24.33 -2.02 7.82
N SER A 333 -24.32 -3.02 6.95
CA SER A 333 -25.48 -3.27 6.10
C SER A 333 -26.66 -3.85 6.87
N VAL A 334 -26.39 -4.51 8.00
CA VAL A 334 -27.47 -5.01 8.85
C VAL A 334 -28.04 -3.90 9.72
N VAL A 335 -27.18 -3.10 10.33
CA VAL A 335 -27.61 -2.11 11.32
C VAL A 335 -27.79 -0.72 10.72
N GLY A 336 -27.36 -0.50 9.49
CA GLY A 336 -27.54 0.79 8.85
C GLY A 336 -26.59 1.87 9.31
N ASP A 337 -25.41 1.50 9.82
CA ASP A 337 -24.50 2.46 10.44
C ASP A 337 -23.09 1.89 10.39
N PRO A 338 -22.16 2.52 9.66
CA PRO A 338 -20.78 2.02 9.64
C PRO A 338 -19.94 2.44 10.84
N MET A 339 -20.49 3.21 11.78
CA MET A 339 -19.73 3.62 12.97
C MET A 339 -19.90 2.55 14.05
N VAL A 340 -19.26 1.41 13.80
CA VAL A 340 -19.22 0.28 14.72
C VAL A 340 -17.77 -0.15 14.86
N TYR A 341 -17.48 -0.85 15.95
CA TYR A 341 -16.13 -1.28 16.26
C TYR A 341 -15.86 -2.63 15.60
N VAL A 342 -14.91 -2.66 14.67
CA VAL A 342 -14.44 -3.92 14.09
C VAL A 342 -12.91 -3.96 14.18
N SER A 343 -12.41 -5.04 14.76
CA SER A 343 -10.98 -5.27 14.96
C SER A 343 -10.58 -6.52 14.20
N GLY A 344 -9.41 -6.47 13.56
CA GLY A 344 -8.95 -7.54 12.70
C GLY A 344 -7.93 -8.43 13.38
N GLY A 345 -7.86 -9.67 12.92
CA GLY A 345 -6.95 -10.64 13.51
C GLY A 345 -7.60 -11.33 14.69
N ALA A 346 -8.18 -12.50 14.45
CA ALA A 346 -9.06 -13.16 15.41
C ALA A 346 -8.51 -14.53 15.81
N GLU A 347 -7.20 -14.59 16.04
CA GLU A 347 -6.56 -15.83 16.46
C GLU A 347 -7.12 -16.29 17.80
N HIS A 348 -7.72 -17.48 17.81
CA HIS A 348 -8.32 -18.07 19.02
C HIS A 348 -9.50 -17.25 19.53
N GLN A 349 -10.12 -16.46 18.65
CA GLN A 349 -11.30 -15.65 18.95
C GLN A 349 -12.33 -16.12 17.93
N GLY A 350 -13.31 -16.90 18.37
CA GLY A 350 -14.18 -17.58 17.46
C GLY A 350 -13.41 -18.59 16.63
N PRO A 351 -14.09 -19.25 15.70
CA PRO A 351 -13.41 -20.23 14.85
C PRO A 351 -12.46 -19.53 13.87
N ASP A 352 -11.66 -20.35 13.21
CA ASP A 352 -10.77 -19.87 12.16
C ASP A 352 -11.57 -19.23 11.04
N GLY A 353 -11.37 -17.92 10.84
CA GLY A 353 -12.10 -17.16 9.86
C GLY A 353 -13.33 -16.45 10.40
N GLY A 354 -13.64 -16.63 11.68
CA GLY A 354 -14.74 -15.95 12.31
C GLY A 354 -14.28 -15.20 13.53
N GLY A 355 -15.22 -14.77 14.37
CA GLY A 355 -14.89 -13.98 15.53
C GLY A 355 -16.11 -13.58 16.33
N PRO A 356 -15.92 -13.29 17.60
CA PRO A 356 -17.06 -12.86 18.43
C PRO A 356 -17.63 -11.53 17.96
N ILE A 357 -18.92 -11.34 18.24
CA ILE A 357 -19.60 -10.09 17.94
C ILE A 357 -20.57 -9.79 19.07
N ALA A 358 -20.43 -8.64 19.70
CA ALA A 358 -21.27 -8.25 20.80
C ALA A 358 -22.02 -6.96 20.48
N VAL A 359 -23.16 -6.79 21.14
CA VAL A 359 -23.99 -5.60 20.98
C VAL A 359 -24.28 -5.05 22.38
N ILE A 360 -23.98 -3.78 22.57
CA ILE A 360 -24.42 -3.03 23.74
C ILE A 360 -25.67 -2.26 23.33
N ALA A 361 -26.77 -2.46 24.06
CA ALA A 361 -28.05 -1.91 23.68
C ALA A 361 -28.76 -1.36 24.90
N ARG A 362 -29.56 -0.32 24.66
CA ARG A 362 -30.46 0.20 25.67
C ARG A 362 -31.58 -0.79 25.93
N VAL A 363 -32.03 -0.87 27.18
CA VAL A 363 -33.14 -1.75 27.51
C VAL A 363 -34.44 -1.09 27.06
N HIS B 1 21.84 40.92 21.61
CA HIS B 1 23.32 40.86 21.44
C HIS B 1 23.69 40.06 20.17
N MET B 2 24.77 39.29 20.26
CA MET B 2 25.25 38.49 19.13
C MET B 2 24.51 37.16 19.09
N GLN B 3 24.21 36.69 17.88
CA GLN B 3 23.48 35.45 17.72
C GLN B 3 24.49 34.34 17.48
N LYS B 4 24.30 33.22 18.18
CA LYS B 4 25.08 32.00 17.95
C LYS B 4 24.06 30.90 17.74
N VAL B 5 24.13 30.22 16.60
CA VAL B 5 23.21 29.15 16.29
C VAL B 5 23.94 27.82 16.47
N GLU B 6 23.32 26.92 17.21
CA GLU B 6 23.78 25.55 17.34
C GLU B 6 22.68 24.65 16.82
N VAL B 7 23.07 23.57 16.15
CA VAL B 7 22.15 22.67 15.49
C VAL B 7 22.49 21.26 15.93
N PHE B 8 21.45 20.51 16.33
CA PHE B 8 21.62 19.16 16.87
C PHE B 8 20.73 18.20 16.07
N ARG B 9 21.37 17.21 15.43
CA ARG B 9 20.64 16.17 14.70
C ARG B 9 20.52 14.97 15.64
N ILE B 10 19.29 14.61 16.00
CA ILE B 10 19.02 13.69 17.08
C ILE B 10 18.24 12.50 16.54
N PRO B 11 18.77 11.28 16.63
CA PRO B 11 17.98 10.11 16.23
C PRO B 11 16.75 9.95 17.12
N THR B 12 15.66 9.47 16.52
CA THR B 12 14.42 9.19 17.24
C THR B 12 14.03 7.72 17.09
N ALA B 13 13.40 7.18 18.13
CA ALA B 13 12.92 5.80 18.13
C ALA B 13 11.46 5.68 17.71
N SER B 14 10.73 6.79 17.65
CA SER B 14 9.32 6.81 17.29
C SER B 14 8.92 8.27 17.10
N PRO B 15 7.74 8.56 16.56
CA PRO B 15 7.36 9.98 16.38
C PRO B 15 7.33 10.76 17.68
N ASP B 16 6.96 10.11 18.79
CA ASP B 16 6.79 10.76 20.07
C ASP B 16 8.03 10.68 20.95
N ASP B 17 9.17 10.26 20.40
CA ASP B 17 10.39 10.08 21.19
C ASP B 17 11.06 11.43 21.41
N ILE B 18 11.05 11.90 22.65
CA ILE B 18 11.74 13.13 23.03
C ILE B 18 12.99 12.86 23.84
N SER B 19 13.42 11.60 23.94
CA SER B 19 14.47 11.25 24.88
C SER B 19 15.81 11.85 24.48
N GLY B 20 16.11 11.88 23.19
CA GLY B 20 17.38 12.43 22.75
C GLY B 20 17.50 13.92 23.03
N LEU B 21 16.42 14.66 22.77
CA LEU B 21 16.40 16.07 23.11
C LEU B 21 16.50 16.26 24.62
N ALA B 22 15.78 15.44 25.39
CA ALA B 22 15.83 15.55 26.85
C ALA B 22 17.24 15.30 27.37
N THR B 23 17.98 14.38 26.75
CA THR B 23 19.35 14.13 27.20
C THR B 23 20.22 15.37 26.99
N LEU B 24 20.09 16.03 25.84
CA LEU B 24 20.89 17.23 25.58
C LEU B 24 20.48 18.38 26.49
N ILE B 25 19.20 18.48 26.85
CA ILE B 25 18.76 19.50 27.80
C ILE B 25 19.28 19.18 29.19
N ASP B 26 19.12 17.92 29.62
CA ASP B 26 19.51 17.54 30.97
C ASP B 26 21.02 17.65 31.16
N SER B 27 21.79 17.53 30.08
CA SER B 27 23.24 17.64 30.19
C SER B 27 23.70 19.09 30.14
N GLY B 28 22.79 20.03 29.91
CA GLY B 28 23.15 21.43 29.81
C GLY B 28 23.60 21.89 28.46
N LYS B 29 23.59 21.02 27.44
CA LYS B 29 24.03 21.44 26.12
C LYS B 29 22.99 22.31 25.41
N ILE B 30 21.71 22.12 25.73
CA ILE B 30 20.63 22.91 25.15
C ILE B 30 19.85 23.56 26.29
N ASN B 31 19.77 24.89 26.27
CA ASN B 31 18.81 25.61 27.08
C ASN B 31 17.49 25.59 26.31
N PRO B 32 16.45 24.93 26.80
CA PRO B 32 15.22 24.82 26.00
C PRO B 32 14.57 26.16 25.66
N ALA B 33 14.82 27.21 26.45
CA ALA B 33 14.28 28.53 26.14
C ALA B 33 14.89 29.14 24.89
N GLU B 34 15.99 28.59 24.39
CA GLU B 34 16.68 29.11 23.22
C GLU B 34 16.37 28.32 21.95
N ILE B 35 15.58 27.25 22.04
CA ILE B 35 15.15 26.53 20.85
C ILE B 35 14.24 27.45 20.04
N VAL B 36 14.52 27.57 18.74
CA VAL B 36 13.69 28.37 17.85
C VAL B 36 12.97 27.53 16.80
N ALA B 37 13.43 26.32 16.50
CA ALA B 37 12.80 25.53 15.47
C ALA B 37 13.24 24.08 15.62
N ILE B 38 12.34 23.16 15.27
CA ILE B 38 12.64 21.74 15.20
C ILE B 38 12.13 21.24 13.85
N LEU B 39 13.02 20.63 13.07
CA LEU B 39 12.70 20.07 11.77
C LEU B 39 12.83 18.56 11.86
N GLY B 40 11.74 17.84 11.65
CA GLY B 40 11.69 16.42 11.88
C GLY B 40 11.47 15.63 10.61
N LYS B 41 12.01 14.41 10.60
CA LYS B 41 11.58 13.34 9.72
C LYS B 41 10.84 12.35 10.60
N THR B 42 9.53 12.20 10.36
CA THR B 42 8.67 11.30 11.13
C THR B 42 8.20 10.16 10.23
N GLU B 43 7.98 9.01 10.83
CA GLU B 43 7.94 7.75 10.09
C GLU B 43 6.54 7.37 9.58
N GLY B 44 5.62 8.31 9.51
CA GLY B 44 4.37 8.08 8.80
C GLY B 44 4.60 8.05 7.30
N ASN B 45 3.50 8.04 6.55
CA ASN B 45 3.61 7.87 5.10
C ASN B 45 3.94 9.16 4.36
N GLY B 46 4.02 10.30 5.06
CA GLY B 46 4.36 11.56 4.44
C GLY B 46 3.32 12.13 3.50
N CYS B 47 2.13 11.56 3.48
CA CYS B 47 1.10 11.98 2.53
C CYS B 47 -0.05 12.61 3.29
N VAL B 48 -1.28 12.34 2.88
CA VAL B 48 -2.43 13.02 3.49
C VAL B 48 -2.66 12.48 4.90
N ASN B 49 -2.87 11.17 5.01
CA ASN B 49 -3.20 10.55 6.29
C ASN B 49 -1.93 10.12 7.03
N ASP B 50 -1.09 11.11 7.30
CA ASP B 50 0.09 10.94 8.13
C ASP B 50 -0.13 11.76 9.40
N PHE B 51 -0.36 11.06 10.50
CA PHE B 51 -0.57 11.66 11.81
C PHE B 51 0.65 11.59 12.69
N THR B 52 1.75 11.00 12.19
CA THR B 52 3.00 11.03 12.94
C THR B 52 3.54 12.45 13.04
N ARG B 53 3.23 13.30 12.06
CA ARG B 53 3.67 14.69 12.08
C ARG B 53 3.05 15.42 13.27
N GLY B 54 1.73 15.36 13.40
CA GLY B 54 1.08 16.02 14.52
C GLY B 54 1.43 15.38 15.85
N PHE B 55 1.57 14.05 15.86
CA PHE B 55 1.98 13.35 17.07
C PHE B 55 3.34 13.82 17.55
N ALA B 56 4.29 13.99 16.62
CA ALA B 56 5.62 14.44 16.98
C ALA B 56 5.59 15.86 17.52
N THR B 57 4.86 16.76 16.86
CA THR B 57 4.77 18.14 17.35
C THR B 57 4.10 18.19 18.71
N GLN B 58 2.99 17.48 18.88
CA GLN B 58 2.32 17.49 20.18
C GLN B 58 3.27 17.00 21.27
N SER B 59 4.01 15.93 20.99
CA SER B 59 4.89 15.37 22.01
C SER B 59 6.00 16.36 22.35
N LEU B 60 6.58 17.00 21.34
CA LEU B 60 7.63 17.97 21.60
C LEU B 60 7.09 19.19 22.33
N ALA B 61 5.91 19.68 21.93
CA ALA B 61 5.33 20.86 22.57
C ALA B 61 4.99 20.58 24.03
N MET B 62 4.41 19.40 24.31
N MET B 62 4.46 19.39 24.32
CA MET B 62 4.14 19.00 25.68
CA MET B 62 4.14 19.05 25.70
C MET B 62 5.43 19.00 26.50
C MET B 62 5.40 18.92 26.55
N TYR B 63 6.45 18.31 25.99
CA TYR B 63 7.69 18.18 26.74
C TYR B 63 8.31 19.55 27.02
N LEU B 64 8.41 20.40 26.01
CA LEU B 64 9.04 21.71 26.19
C LEU B 64 8.19 22.61 27.08
N ALA B 65 6.86 22.54 26.95
CA ALA B 65 6.00 23.32 27.82
C ALA B 65 6.25 23.00 29.28
N GLU B 66 6.39 21.72 29.60
CA GLU B 66 6.62 21.33 30.99
C GLU B 66 8.02 21.72 31.44
N LYS B 67 9.01 21.64 30.55
CA LYS B 67 10.36 22.04 30.95
C LYS B 67 10.44 23.55 31.19
N LEU B 68 9.69 24.33 30.41
CA LEU B 68 9.74 25.78 30.50
C LEU B 68 8.69 26.36 31.45
N GLY B 69 7.77 25.55 31.94
CA GLY B 69 6.73 26.06 32.82
C GLY B 69 5.74 26.98 32.13
N ILE B 70 5.50 26.76 30.84
CA ILE B 70 4.53 27.54 30.08
C ILE B 70 3.56 26.56 29.41
N SER B 71 2.56 27.11 28.74
CA SER B 71 1.55 26.27 28.11
C SER B 71 2.02 25.77 26.74
N ARG B 72 1.49 24.62 26.33
N ARG B 72 1.46 24.63 26.31
CA ARG B 72 1.74 24.12 24.99
CA ARG B 72 1.77 24.12 24.99
C ARG B 72 1.46 25.18 23.95
C ARG B 72 1.42 25.14 23.91
N GLU B 73 0.36 25.91 24.12
CA GLU B 73 -0.04 26.93 23.15
C GLU B 73 1.06 27.98 22.99
N GLU B 74 1.66 28.41 24.09
CA GLU B 74 2.74 29.40 24.01
C GLU B 74 3.97 28.82 23.31
N VAL B 75 4.29 27.55 23.58
CA VAL B 75 5.43 26.92 22.90
C VAL B 75 5.22 26.94 21.39
N VAL B 76 4.01 26.58 20.94
CA VAL B 76 3.73 26.51 19.52
C VAL B 76 3.74 27.89 18.87
N LYS B 77 3.45 28.93 19.64
CA LYS B 77 3.53 30.28 19.10
C LYS B 77 4.97 30.76 18.98
N LYS B 78 5.89 30.15 19.73
CA LYS B 78 7.26 30.60 19.86
C LYS B 78 8.25 29.80 19.02
N VAL B 79 7.97 28.52 18.81
CA VAL B 79 8.91 27.58 18.20
C VAL B 79 8.29 27.02 16.93
N ALA B 80 9.05 27.03 15.84
CA ALA B 80 8.59 26.38 14.62
C ALA B 80 8.71 24.87 14.78
N PHE B 81 7.62 24.16 14.48
CA PHE B 81 7.62 22.71 14.46
C PHE B 81 7.26 22.29 13.04
N ILE B 82 8.25 21.79 12.30
CA ILE B 82 8.08 21.40 10.91
C ILE B 82 8.38 19.91 10.85
N MET B 83 7.35 19.08 10.76
CA MET B 83 7.49 17.64 10.75
C MET B 83 7.21 17.14 9.33
N SER B 84 8.25 16.63 8.68
CA SER B 84 8.17 16.09 7.33
C SER B 84 8.01 14.58 7.46
N GLY B 85 6.83 14.08 7.10
CA GLY B 85 6.60 12.66 7.17
C GLY B 85 7.30 11.90 6.06
N GLY B 86 7.25 10.57 6.19
CA GLY B 86 7.81 9.70 5.17
C GLY B 86 9.28 9.41 5.41
N THR B 87 9.58 8.23 5.92
CA THR B 87 10.96 7.76 6.10
C THR B 87 11.10 6.42 5.37
N GLU B 88 11.05 6.49 4.04
CA GLU B 88 11.09 5.31 3.20
C GLU B 88 12.53 4.86 2.97
N GLY B 89 12.66 3.67 2.38
CA GLY B 89 13.99 3.16 2.11
C GLY B 89 14.76 2.98 3.40
N VAL B 90 15.99 3.50 3.43
CA VAL B 90 16.83 3.43 4.63
C VAL B 90 16.79 4.72 5.44
N MET B 91 15.94 5.68 5.05
CA MET B 91 15.95 6.99 5.70
C MET B 91 15.62 6.87 7.18
N THR B 92 16.45 7.47 8.01
CA THR B 92 16.40 7.29 9.45
C THR B 92 15.57 8.40 10.09
N PRO B 93 14.52 8.07 10.84
CA PRO B 93 13.79 9.12 11.56
C PRO B 93 14.68 9.88 12.53
N HIS B 94 14.48 11.18 12.61
CA HIS B 94 15.31 12.04 13.44
C HIS B 94 14.66 13.41 13.51
N ILE B 95 15.17 14.23 14.43
CA ILE B 95 14.81 15.64 14.48
C ILE B 95 16.09 16.47 14.44
N THR B 96 16.00 17.66 13.83
CA THR B 96 17.08 18.63 13.81
C THR B 96 16.61 19.84 14.61
N VAL B 97 17.28 20.11 15.73
CA VAL B 97 16.87 21.13 16.66
C VAL B 97 17.75 22.35 16.44
N PHE B 98 17.12 23.50 16.18
CA PHE B 98 17.83 24.76 15.95
C PHE B 98 17.74 25.58 17.23
N VAL B 99 18.89 25.88 17.80
CA VAL B 99 19.01 26.66 19.03
C VAL B 99 19.70 27.97 18.67
N ARG B 100 19.17 29.08 19.16
CA ARG B 100 19.76 30.38 18.89
C ARG B 100 20.05 31.04 20.22
N LYS B 101 21.31 31.32 20.48
CA LYS B 101 21.72 31.93 21.72
C LYS B 101 21.98 33.41 21.44
N ASP B 102 21.60 34.25 22.40
CA ASP B 102 22.07 35.62 22.46
C ASP B 102 23.32 35.59 23.32
N VAL B 103 24.46 36.03 22.79
CA VAL B 103 25.70 35.99 23.56
C VAL B 103 26.44 37.30 23.43
N ALA B 104 27.10 37.69 24.52
CA ALA B 104 27.93 38.89 24.55
C ALA B 104 29.36 38.57 24.14
N ALA B 105 29.49 37.96 22.97
CA ALA B 105 30.76 37.60 22.36
C ALA B 105 30.87 38.29 21.01
N PRO B 106 32.08 38.38 20.45
CA PRO B 106 32.21 38.95 19.11
C PRO B 106 31.60 38.02 18.06
N ALA B 107 31.22 38.62 16.94
CA ALA B 107 30.88 37.82 15.77
C ALA B 107 32.12 37.06 15.31
N ALA B 108 31.89 35.93 14.66
CA ALA B 108 32.99 35.18 14.07
C ALA B 108 33.46 35.86 12.80
N PRO B 109 34.71 35.63 12.40
CA PRO B 109 35.22 36.24 11.16
C PRO B 109 34.50 35.68 9.94
N GLY B 110 34.02 36.58 9.09
CA GLY B 110 33.29 36.19 7.90
C GLY B 110 31.82 35.97 8.18
N LYS B 111 31.20 35.03 7.48
CA LYS B 111 29.78 34.75 7.64
C LYS B 111 29.60 33.36 8.22
N ARG B 112 28.66 33.25 9.16
CA ARG B 112 28.40 31.99 9.84
C ARG B 112 26.89 31.77 9.93
N LEU B 113 26.52 30.56 10.33
CA LEU B 113 25.14 30.13 10.27
C LEU B 113 24.22 31.09 11.01
N ALA B 114 23.07 31.38 10.39
CA ALA B 114 22.05 32.24 10.96
C ALA B 114 20.70 31.63 10.61
N VAL B 115 19.73 31.79 11.53
CA VAL B 115 18.41 31.20 11.37
C VAL B 115 17.36 32.24 11.73
N GLY B 116 16.27 32.24 10.97
CA GLY B 116 15.15 33.12 11.26
C GLY B 116 13.86 32.35 11.07
N VAL B 117 12.83 32.76 11.82
CA VAL B 117 11.55 32.06 11.86
C VAL B 117 10.43 33.08 11.67
N ALA B 118 9.40 32.67 10.94
CA ALA B 118 8.20 33.47 10.76
C ALA B 118 7.05 32.53 10.47
N PHE B 119 5.85 32.93 10.90
CA PHE B 119 4.65 32.16 10.64
C PHE B 119 3.70 33.04 9.83
N THR B 120 2.97 32.43 8.92
CA THR B 120 1.95 33.17 8.19
C THR B 120 0.64 33.09 8.95
N ARG B 121 -0.33 33.87 8.50
CA ARG B 121 -1.71 33.69 8.94
C ARG B 121 -2.21 32.32 8.48
N ASP B 122 -3.29 31.86 9.10
CA ASP B 122 -3.97 30.68 8.60
C ASP B 122 -4.58 30.99 7.23
N PHE B 123 -4.66 29.97 6.39
CA PHE B 123 -5.26 30.10 5.06
C PHE B 123 -6.61 29.39 5.03
N LEU B 124 -7.57 30.02 4.35
CA LEU B 124 -8.81 29.33 4.03
C LEU B 124 -8.51 28.23 3.01
N PRO B 125 -9.28 27.14 3.02
CA PRO B 125 -8.99 26.04 2.07
C PRO B 125 -8.90 26.51 0.63
N GLU B 126 -9.77 27.43 0.23
CA GLU B 126 -9.79 27.95 -1.12
C GLU B 126 -8.62 28.85 -1.45
N GLU B 127 -7.72 29.13 -0.49
CA GLU B 127 -6.53 29.93 -0.77
C GLU B 127 -5.29 29.10 -1.06
N LEU B 128 -5.30 27.81 -0.72
CA LEU B 128 -4.11 26.99 -0.95
C LEU B 128 -3.87 26.86 -2.45
N GLY B 129 -2.59 26.88 -2.83
CA GLY B 129 -2.24 26.74 -4.23
C GLY B 129 -2.53 27.97 -5.07
N ARG B 130 -2.79 29.12 -4.46
CA ARG B 130 -3.16 30.33 -5.18
C ARG B 130 -2.33 31.50 -4.68
N MET B 131 -2.52 32.65 -5.35
CA MET B 131 -1.65 33.81 -5.12
C MET B 131 -1.71 34.30 -3.68
N GLU B 132 -2.85 34.12 -3.00
CA GLU B 132 -2.92 34.51 -1.59
C GLU B 132 -1.85 33.79 -0.78
N GLN B 133 -1.64 32.50 -1.05
CA GLN B 133 -0.60 31.75 -0.33
C GLN B 133 0.79 32.18 -0.79
N VAL B 134 0.98 32.36 -2.10
CA VAL B 134 2.25 32.86 -2.60
C VAL B 134 2.64 34.15 -1.91
N ASN B 135 1.75 35.14 -1.94
CA ASN B 135 2.11 36.47 -1.48
C ASN B 135 2.29 36.51 0.04
N GLU B 136 1.45 35.79 0.78
CA GLU B 136 1.62 35.74 2.23
C GLU B 136 2.91 35.01 2.60
N VAL B 137 3.27 33.95 1.89
CA VAL B 137 4.54 33.28 2.16
C VAL B 137 5.70 34.21 1.89
N ALA B 138 5.67 34.92 0.75
CA ALA B 138 6.76 35.83 0.43
C ALA B 138 6.95 36.86 1.54
N ARG B 139 5.85 37.42 2.05
CA ARG B 139 5.95 38.38 3.14
C ARG B 139 6.64 37.77 4.34
N ALA B 140 6.24 36.54 4.70
CA ALA B 140 6.82 35.88 5.88
C ALA B 140 8.29 35.52 5.67
N VAL B 141 8.68 35.14 4.45
CA VAL B 141 10.09 34.85 4.19
C VAL B 141 10.95 36.07 4.44
N LYS B 142 10.49 37.25 4.00
CA LYS B 142 11.24 38.47 4.27
C LYS B 142 11.31 38.75 5.78
N GLU B 143 10.22 38.51 6.49
CA GLU B 143 10.25 38.64 7.96
C GLU B 143 11.25 37.68 8.57
N ALA B 144 11.28 36.43 8.10
CA ALA B 144 12.24 35.47 8.65
C ALA B 144 13.67 35.86 8.33
N MET B 145 13.91 36.42 7.13
CA MET B 145 15.24 36.92 6.81
C MET B 145 15.67 38.00 7.79
N LYS B 146 14.76 38.90 8.13
CA LYS B 146 15.08 39.95 9.09
C LYS B 146 15.40 39.33 10.44
N ASP B 147 14.57 38.36 10.86
CA ASP B 147 14.82 37.64 12.12
C ASP B 147 16.19 36.99 12.12
N ALA B 148 16.66 36.51 10.97
CA ALA B 148 17.97 35.89 10.89
C ALA B 148 19.10 36.91 10.74
N GLN B 149 18.78 38.19 10.57
CA GLN B 149 19.79 39.22 10.32
C GLN B 149 20.56 38.94 9.03
N ILE B 150 19.83 38.49 8.01
CA ILE B 150 20.36 38.29 6.67
C ILE B 150 19.68 39.29 5.76
N ASP B 151 20.46 40.21 5.19
CA ASP B 151 19.91 41.21 4.27
C ASP B 151 20.13 40.87 2.80
N ASP B 152 21.10 40.02 2.47
CA ASP B 152 21.38 39.66 1.08
C ASP B 152 20.78 38.30 0.78
N PRO B 153 19.84 38.19 -0.16
CA PRO B 153 19.25 36.86 -0.45
C PRO B 153 20.26 35.82 -0.90
N ARG B 154 21.40 36.24 -1.45
CA ARG B 154 22.45 35.31 -1.84
C ARG B 154 23.05 34.57 -0.65
N ASP B 155 22.84 35.08 0.56
CA ASP B 155 23.29 34.40 1.76
C ASP B 155 22.23 33.48 2.36
N VAL B 156 21.07 33.36 1.71
CA VAL B 156 20.06 32.38 2.10
C VAL B 156 20.32 31.09 1.33
N HIS B 157 20.49 29.99 2.05
CA HIS B 157 20.84 28.71 1.43
C HIS B 157 19.77 27.64 1.56
N PHE B 158 18.75 27.84 2.39
CA PHE B 158 17.68 26.86 2.54
C PHE B 158 16.53 27.58 3.24
N VAL B 159 15.34 27.46 2.67
CA VAL B 159 14.13 28.02 3.29
C VAL B 159 13.15 26.86 3.44
N GLN B 160 13.01 26.39 4.68
CA GLN B 160 12.20 25.21 4.98
C GLN B 160 10.83 25.67 5.43
N ILE B 161 9.79 25.10 4.81
CA ILE B 161 8.42 25.53 5.05
C ILE B 161 7.55 24.32 5.33
N LYS B 162 6.66 24.47 6.30
CA LYS B 162 5.54 23.57 6.48
C LYS B 162 4.28 24.33 6.03
N CYS B 163 3.42 23.65 5.26
CA CYS B 163 2.23 24.27 4.70
C CYS B 163 1.03 23.33 4.78
N PRO B 164 -0.19 23.83 4.59
CA PRO B 164 -1.38 22.99 4.80
C PRO B 164 -1.70 22.12 3.59
N LEU B 165 -2.78 21.35 3.72
CA LEU B 165 -3.31 20.56 2.62
C LEU B 165 -4.83 20.53 2.74
N LEU B 166 -5.48 19.90 1.76
CA LEU B 166 -6.92 19.73 1.78
C LEU B 166 -7.24 18.29 2.10
N THR B 167 -8.17 18.09 3.04
CA THR B 167 -8.77 16.80 3.28
C THR B 167 -10.15 16.78 2.63
N ALA B 168 -10.71 15.59 2.49
CA ALA B 168 -12.05 15.47 1.94
C ALA B 168 -13.02 16.33 2.74
N GLU B 169 -12.84 16.35 4.06
CA GLU B 169 -13.77 17.08 4.91
C GLU B 169 -13.68 18.58 4.64
N ARG B 170 -12.46 19.08 4.43
CA ARG B 170 -12.29 20.51 4.16
C ARG B 170 -12.78 20.87 2.76
N ILE B 171 -12.55 20.01 1.77
CA ILE B 171 -13.08 20.24 0.44
C ILE B 171 -14.60 20.30 0.48
N GLU B 172 -15.23 19.35 1.17
CA GLU B 172 -16.70 19.31 1.23
C GLU B 172 -17.23 20.53 1.96
N ASP B 173 -16.56 20.97 3.02
CA ASP B 173 -16.98 22.19 3.69
C ASP B 173 -16.87 23.39 2.77
N ALA B 174 -15.76 23.49 2.04
CA ALA B 174 -15.61 24.56 1.06
C ALA B 174 -16.75 24.54 0.07
N LYS B 175 -17.11 23.35 -0.42
CA LYS B 175 -18.21 23.23 -1.38
C LYS B 175 -19.52 23.76 -0.77
N ARG B 176 -19.79 23.43 0.49
CA ARG B 176 -21.02 23.91 1.13
C ARG B 176 -21.03 25.42 1.29
N ARG B 177 -19.85 26.02 1.50
CA ARG B 177 -19.76 27.46 1.59
C ARG B 177 -19.73 28.14 0.24
N GLY B 178 -19.91 27.38 -0.84
CA GLY B 178 -19.96 27.95 -2.16
C GLY B 178 -18.61 28.33 -2.74
N LYS B 179 -17.55 27.70 -2.27
CA LYS B 179 -16.19 28.04 -2.67
C LYS B 179 -15.59 26.90 -3.48
N ASP B 180 -14.77 27.26 -4.46
CA ASP B 180 -14.06 26.28 -5.27
C ASP B 180 -12.62 26.21 -4.77
N VAL B 181 -12.14 25.00 -4.53
CA VAL B 181 -10.76 24.82 -4.11
C VAL B 181 -9.89 24.64 -5.36
N VAL B 182 -8.59 24.77 -5.18
CA VAL B 182 -7.69 24.73 -6.33
C VAL B 182 -7.75 23.39 -7.02
N VAL B 183 -7.94 22.32 -6.26
CA VAL B 183 -8.06 20.97 -6.82
C VAL B 183 -8.91 20.14 -5.88
N ASN B 184 -9.74 19.27 -6.47
CA ASN B 184 -10.66 18.41 -5.74
C ASN B 184 -10.04 17.04 -5.49
N ASP B 185 -8.83 17.03 -4.94
CA ASP B 185 -8.10 15.79 -4.68
C ASP B 185 -7.17 16.06 -3.51
N THR B 186 -7.26 15.21 -2.47
CA THR B 186 -6.49 15.49 -1.25
C THR B 186 -4.99 15.39 -1.48
N TYR B 187 -4.53 14.31 -2.15
CA TYR B 187 -3.09 14.17 -2.34
C TYR B 187 -2.53 15.26 -3.24
N LYS B 188 -3.24 15.58 -4.33
CA LYS B 188 -2.78 16.62 -5.23
C LYS B 188 -2.77 17.99 -4.55
N SER B 189 -3.65 18.21 -3.57
CA SER B 189 -3.63 19.49 -2.87
C SER B 189 -2.29 19.73 -2.19
N MET B 190 -1.60 18.67 -1.78
CA MET B 190 -0.27 18.85 -1.20
C MET B 190 0.69 19.51 -2.19
N ALA B 191 0.61 19.11 -3.46
CA ALA B 191 1.50 19.67 -4.47
C ALA B 191 1.25 21.16 -4.67
N TYR B 192 -0.03 21.57 -4.69
CA TYR B 192 -0.36 22.97 -4.88
C TYR B 192 0.06 23.81 -3.68
N SER B 193 -0.15 23.29 -2.47
CA SER B 193 0.32 24.01 -1.29
C SER B 193 1.84 24.11 -1.29
N ARG B 194 2.52 22.99 -1.57
CA ARG B 194 3.97 23.02 -1.65
C ARG B 194 4.44 24.00 -2.71
N GLY B 195 3.80 23.98 -3.89
CA GLY B 195 4.29 24.77 -5.00
C GLY B 195 4.06 26.26 -4.83
N ALA B 196 2.86 26.64 -4.38
CA ALA B 196 2.60 28.05 -4.10
C ALA B 196 3.55 28.56 -3.03
N SER B 197 3.79 27.77 -1.98
CA SER B 197 4.72 28.19 -0.93
C SER B 197 6.13 28.37 -1.48
N ALA B 198 6.56 27.46 -2.35
CA ALA B 198 7.91 27.59 -2.93
C ALA B 198 8.01 28.82 -3.81
N LEU B 199 6.98 29.12 -4.60
CA LEU B 199 7.00 30.33 -5.40
C LEU B 199 7.04 31.57 -4.52
N GLY B 200 6.43 31.52 -3.34
CA GLY B 200 6.55 32.63 -2.41
C GLY B 200 7.98 32.85 -1.96
N VAL B 201 8.73 31.76 -1.76
CA VAL B 201 10.15 31.90 -1.45
C VAL B 201 10.87 32.57 -2.61
N ALA B 202 10.66 32.05 -3.83
CA ALA B 202 11.33 32.61 -4.99
C ALA B 202 11.01 34.09 -5.15
N LEU B 203 9.77 34.47 -4.91
CA LEU B 203 9.38 35.88 -5.01
C LEU B 203 10.11 36.71 -3.97
N ALA B 204 10.12 36.25 -2.72
CA ALA B 204 10.73 37.03 -1.65
C ALA B 204 12.22 37.21 -1.87
N LEU B 205 12.89 36.20 -2.42
CA LEU B 205 14.33 36.22 -2.59
C LEU B 205 14.79 36.82 -3.91
N GLY B 206 13.86 37.24 -4.76
CA GLY B 206 14.23 37.81 -6.04
C GLY B 206 14.69 36.79 -7.07
N GLU B 207 14.41 35.51 -6.83
CA GLU B 207 14.76 34.50 -7.81
C GLU B 207 13.84 34.56 -9.02
N ILE B 208 12.62 35.06 -8.84
CA ILE B 208 11.64 35.21 -9.90
C ILE B 208 10.92 36.54 -9.69
N SER B 209 10.58 37.20 -10.78
CA SER B 209 9.87 38.48 -10.67
C SER B 209 8.37 38.24 -10.54
N ALA B 210 7.70 39.14 -9.82
CA ALA B 210 6.29 38.96 -9.52
C ALA B 210 5.45 38.83 -10.79
N ASP B 211 5.82 39.56 -11.85
CA ASP B 211 5.01 39.56 -13.06
C ASP B 211 4.93 38.21 -13.75
N LYS B 212 5.78 37.27 -13.40
CA LYS B 212 5.75 35.94 -14.00
C LYS B 212 4.88 34.95 -13.21
N ILE B 213 4.38 35.33 -12.04
CA ILE B 213 3.62 34.42 -11.18
C ILE B 213 2.14 34.75 -11.27
N SER B 214 1.33 33.71 -11.48
CA SER B 214 -0.11 33.85 -11.48
C SER B 214 -0.70 32.52 -11.02
N ASN B 215 -2.00 32.52 -10.73
CA ASN B 215 -2.65 31.27 -10.36
C ASN B 215 -2.44 30.22 -11.44
N GLU B 216 -2.44 30.63 -12.71
CA GLU B 216 -2.33 29.69 -13.81
C GLU B 216 -0.93 29.07 -13.87
N ALA B 217 0.09 29.79 -13.42
CA ALA B 217 1.43 29.25 -13.46
C ALA B 217 1.70 28.24 -12.36
N ILE B 218 0.96 28.32 -11.24
CA ILE B 218 1.25 27.46 -10.10
C ILE B 218 1.06 26.00 -10.47
N CYS B 219 2.10 25.19 -10.23
CA CYS B 219 2.13 23.78 -10.59
C CYS B 219 1.91 23.56 -12.09
N HIS B 220 2.32 24.52 -12.91
CA HIS B 220 2.25 24.36 -14.35
C HIS B 220 3.53 24.81 -15.06
N ASP B 221 4.06 25.98 -14.70
CA ASP B 221 5.27 26.51 -15.35
C ASP B 221 6.48 26.11 -14.51
N TRP B 222 7.08 24.98 -14.88
CA TRP B 222 8.23 24.45 -14.14
C TRP B 222 9.53 25.20 -14.45
N ASN B 223 9.51 26.13 -15.40
CA ASN B 223 10.65 27.04 -15.57
C ASN B 223 10.79 27.98 -14.38
N LEU B 224 9.73 28.13 -13.57
CA LEU B 224 9.74 29.00 -12.40
C LEU B 224 10.07 28.14 -11.18
N TYR B 225 11.19 28.43 -10.54
CA TYR B 225 11.49 27.69 -9.32
C TYR B 225 12.49 28.44 -8.46
N SER B 226 12.48 28.10 -7.18
CA SER B 226 13.48 28.57 -6.23
C SER B 226 14.59 27.53 -6.13
N SER B 227 15.80 28.01 -5.94
CA SER B 227 16.93 27.12 -5.77
C SER B 227 17.22 26.81 -4.31
N VAL B 228 16.41 27.33 -3.38
CA VAL B 228 16.65 27.09 -1.96
C VAL B 228 15.38 26.72 -1.19
N ALA B 229 14.23 26.80 -1.84
CA ALA B 229 12.98 26.50 -1.16
C ALA B 229 12.83 24.99 -0.94
N SER B 230 12.31 24.62 0.24
CA SER B 230 12.03 23.24 0.61
C SER B 230 10.72 23.24 1.38
N THR B 231 9.64 22.75 0.77
CA THR B 231 8.31 22.86 1.33
C THR B 231 7.70 21.47 1.57
N SER B 232 6.86 21.39 2.61
CA SER B 232 6.36 20.13 3.14
C SER B 232 4.96 20.38 3.68
N ALA B 233 4.04 19.47 3.40
CA ALA B 233 2.62 19.72 3.68
C ALA B 233 2.09 18.75 4.72
N GLY B 234 1.05 19.19 5.44
CA GLY B 234 0.53 18.38 6.52
C GLY B 234 -0.87 18.75 6.91
N VAL B 235 -1.60 17.75 7.42
CA VAL B 235 -2.94 17.97 7.94
C VAL B 235 -2.91 18.71 9.27
N GLU B 236 -1.75 18.75 9.93
CA GLU B 236 -1.66 19.19 11.32
C GLU B 236 -1.53 20.70 11.48
N LEU B 237 -1.60 21.49 10.41
CA LEU B 237 -1.56 22.93 10.57
C LEU B 237 -2.37 23.60 9.47
N LEU B 238 -2.76 24.85 9.72
CA LEU B 238 -3.58 25.61 8.79
C LEU B 238 -2.85 26.80 8.18
N ASN B 239 -1.64 27.10 8.62
CA ASN B 239 -0.84 28.20 8.11
C ASN B 239 0.46 27.65 7.51
N ASP B 240 1.38 28.55 7.18
CA ASP B 240 2.73 28.20 6.76
C ASP B 240 3.70 28.61 7.86
N GLU B 241 4.61 27.71 8.21
CA GLU B 241 5.71 28.02 9.11
C GLU B 241 7.01 28.02 8.30
N ILE B 242 7.85 29.04 8.53
CA ILE B 242 9.02 29.28 7.72
C ILE B 242 10.26 29.29 8.59
N ILE B 243 11.28 28.55 8.16
CA ILE B 243 12.62 28.63 8.71
C ILE B 243 13.57 29.03 7.59
N VAL B 244 14.17 30.21 7.71
CA VAL B 244 15.21 30.66 6.79
C VAL B 244 16.55 30.31 7.41
N VAL B 245 17.40 29.63 6.63
CA VAL B 245 18.74 29.25 7.06
C VAL B 245 19.74 29.82 6.07
N GLY B 246 20.72 30.54 6.59
CA GLY B 246 21.75 31.12 5.76
C GLY B 246 22.95 31.45 6.58
N ASN B 247 23.78 32.35 6.06
CA ASN B 247 24.96 32.83 6.77
C ASN B 247 24.90 34.34 6.87
N SER B 248 25.44 34.86 7.98
CA SER B 248 25.40 36.28 8.29
C SER B 248 26.74 36.72 8.85
N THR B 249 27.12 37.97 8.54
CA THR B 249 28.34 38.50 9.15
C THR B 249 28.18 38.71 10.64
N ASN B 250 26.95 38.92 11.10
CA ASN B 250 26.66 39.18 12.51
C ASN B 250 26.27 37.91 13.27
N SER B 251 27.03 36.84 13.06
CA SER B 251 26.79 35.57 13.72
C SER B 251 28.07 35.07 14.36
N ALA B 252 27.95 34.46 15.54
CA ALA B 252 29.06 33.80 16.20
C ALA B 252 28.98 32.28 16.08
N SER B 253 28.17 31.79 15.15
CA SER B 253 28.02 30.35 15.01
C SER B 253 29.34 29.73 14.56
N ASP B 254 29.62 28.52 15.06
CA ASP B 254 30.69 27.69 14.58
C ASP B 254 30.22 26.77 13.46
N LEU B 255 29.15 27.15 12.78
CA LEU B 255 28.58 26.37 11.69
C LEU B 255 28.40 27.27 10.48
N VAL B 256 28.33 26.64 9.31
CA VAL B 256 27.98 27.32 8.07
C VAL B 256 27.00 26.43 7.32
N ILE B 257 26.30 27.02 6.36
CA ILE B 257 25.43 26.29 5.47
C ILE B 257 25.84 26.59 4.03
N GLY B 258 25.83 25.54 3.20
CA GLY B 258 25.99 25.70 1.78
C GLY B 258 24.90 24.89 1.08
N HIS B 259 24.83 25.05 -0.24
CA HIS B 259 23.80 24.32 -0.96
C HIS B 259 24.17 24.17 -2.42
N SER B 260 23.45 23.26 -3.08
CA SER B 260 23.43 23.15 -4.53
C SER B 260 22.01 22.77 -4.91
N VAL B 261 21.82 22.32 -6.14
CA VAL B 261 20.52 21.88 -6.63
C VAL B 261 20.72 20.57 -7.37
N MET B 262 20.04 19.52 -6.92
CA MET B 262 20.05 18.26 -7.67
C MET B 262 19.30 18.48 -8.98
N LYS B 263 19.97 18.18 -10.09
N LYS B 263 19.96 18.18 -10.10
CA LYS B 263 19.29 18.31 -11.39
CA LYS B 263 19.29 18.31 -11.39
C LYS B 263 18.25 17.20 -11.58
C LYS B 263 18.29 17.19 -11.63
N ASP B 264 18.45 16.06 -10.94
CA ASP B 264 17.49 14.95 -11.01
C ASP B 264 17.73 14.09 -9.77
N ALA B 265 16.95 13.02 -9.66
CA ALA B 265 16.93 12.22 -8.44
C ALA B 265 18.22 11.44 -8.20
N ILE B 266 19.08 11.27 -9.21
CA ILE B 266 20.28 10.48 -9.04
C ILE B 266 21.54 11.32 -9.17
N ASP B 267 21.42 12.63 -8.96
CA ASP B 267 22.51 13.59 -9.20
C ASP B 267 23.40 13.62 -7.96
N ALA B 268 24.27 12.62 -7.86
CA ALA B 268 25.21 12.58 -6.74
C ALA B 268 26.21 13.74 -6.81
N ASP B 269 26.51 14.23 -8.02
CA ASP B 269 27.41 15.37 -8.16
C ASP B 269 26.91 16.57 -7.39
N ALA B 270 25.59 16.81 -7.40
CA ALA B 270 25.03 17.94 -6.67
C ALA B 270 25.20 17.76 -5.16
N VAL B 271 25.14 16.53 -4.67
CA VAL B 271 25.40 16.28 -3.26
C VAL B 271 26.82 16.71 -2.91
N ARG B 272 27.78 16.31 -3.74
CA ARG B 272 29.16 16.69 -3.51
C ARG B 272 29.37 18.20 -3.68
N ALA B 273 28.61 18.83 -4.57
CA ALA B 273 28.73 20.28 -4.72
C ALA B 273 28.20 21.00 -3.48
N ALA B 274 27.09 20.51 -2.91
CA ALA B 274 26.57 21.13 -1.70
C ALA B 274 27.54 20.95 -0.53
N LEU B 275 28.12 19.76 -0.40
CA LEU B 275 29.14 19.54 0.62
C LEU B 275 30.28 20.52 0.47
N LYS B 276 30.78 20.68 -0.76
CA LYS B 276 31.87 21.61 -1.00
C LYS B 276 31.48 23.06 -0.70
N ASP B 277 30.26 23.44 -1.06
CA ASP B 277 29.81 24.79 -0.77
C ASP B 277 29.73 25.04 0.73
N ALA B 278 29.59 23.98 1.53
CA ALA B 278 29.61 24.08 2.99
C ALA B 278 31.00 23.88 3.58
N GLY B 279 32.04 23.90 2.75
CA GLY B 279 33.40 23.80 3.25
C GLY B 279 33.93 22.39 3.41
N ILE B 280 33.17 21.38 3.00
CA ILE B 280 33.59 19.99 3.11
C ILE B 280 34.19 19.59 1.76
N ARG B 281 35.51 19.47 1.71
CA ARG B 281 36.23 19.30 0.47
C ARG B 281 36.74 17.89 0.23
N SER B 282 36.64 16.99 1.23
CA SER B 282 37.12 15.63 1.06
C SER B 282 36.27 14.70 1.90
N ASP B 283 36.36 13.40 1.59
CA ASP B 283 35.61 12.41 2.35
C ASP B 283 35.98 12.44 3.83
N ASP B 284 37.24 12.77 4.15
CA ASP B 284 37.65 12.81 5.55
C ASP B 284 36.97 13.93 6.32
N GLU B 285 36.59 15.01 5.64
CA GLU B 285 35.93 16.13 6.29
C GLU B 285 34.43 15.95 6.40
N MET B 286 33.89 14.81 5.99
CA MET B 286 32.46 14.58 6.12
C MET B 286 32.02 14.40 7.56
N ASP B 287 32.95 14.16 8.49
CA ASP B 287 32.59 14.17 9.91
C ASP B 287 32.14 15.54 10.39
N ARG B 288 32.29 16.60 9.57
CA ARG B 288 31.79 17.92 9.94
C ARG B 288 30.32 18.12 9.59
N ILE B 289 29.68 17.16 8.91
CA ILE B 289 28.28 17.28 8.59
C ILE B 289 27.46 17.32 9.87
N VAL B 290 26.58 18.31 9.98
CA VAL B 290 25.53 18.28 10.99
C VAL B 290 24.26 17.65 10.41
N ASN B 291 23.82 18.13 9.25
CA ASN B 291 22.78 17.41 8.51
C ASN B 291 22.87 17.81 7.05
N VAL B 292 22.26 16.97 6.22
CA VAL B 292 22.01 17.25 4.81
C VAL B 292 20.51 17.32 4.64
N LEU B 293 20.03 18.32 3.92
CA LEU B 293 18.61 18.59 3.75
C LEU B 293 18.31 18.73 2.26
N ALA B 294 17.39 17.92 1.74
CA ALA B 294 17.19 17.87 0.30
C ALA B 294 15.73 17.67 -0.05
N LYS B 295 15.38 18.15 -1.25
CA LYS B 295 14.07 17.91 -1.85
C LYS B 295 14.21 16.88 -2.97
N ALA B 296 13.20 16.03 -3.10
CA ALA B 296 13.16 14.95 -4.07
C ALA B 296 11.79 14.88 -4.70
N GLU B 297 11.72 14.48 -5.97
CA GLU B 297 10.42 14.31 -6.59
C GLU B 297 10.49 13.46 -7.84
N ALA B 298 9.32 12.96 -8.24
CA ALA B 298 9.15 12.30 -9.53
C ALA B 298 9.03 13.35 -10.62
N ALA B 299 9.86 13.24 -11.66
CA ALA B 299 9.78 14.18 -12.77
C ALA B 299 8.48 13.98 -13.53
N SER B 300 7.89 15.08 -14.00
CA SER B 300 6.63 15.00 -14.72
C SER B 300 6.75 14.17 -15.99
N SER B 301 7.95 14.04 -16.55
CA SER B 301 8.12 13.26 -17.77
C SER B 301 7.94 11.76 -17.54
N GLY B 302 7.96 11.32 -16.28
CA GLY B 302 7.89 9.89 -16.02
C GLY B 302 9.18 9.16 -16.30
N THR B 303 10.29 9.90 -16.42
CA THR B 303 11.57 9.32 -16.77
C THR B 303 12.67 9.99 -15.95
N VAL B 304 13.83 9.33 -15.91
CA VAL B 304 15.07 9.90 -15.39
C VAL B 304 16.16 9.61 -16.41
N ARG B 305 16.77 10.66 -16.95
CA ARG B 305 17.80 10.53 -17.98
C ARG B 305 17.36 9.60 -19.11
N GLY B 306 16.12 9.79 -19.55
CA GLY B 306 15.58 9.02 -20.63
C GLY B 306 15.08 7.64 -20.26
N ARG B 307 15.17 7.24 -19.01
CA ARG B 307 14.79 5.91 -18.58
C ARG B 307 13.44 5.97 -17.88
N ARG B 308 12.50 5.14 -18.31
CA ARG B 308 11.18 5.13 -17.71
C ARG B 308 11.24 4.59 -16.28
N ASN B 309 10.40 5.15 -15.42
CA ASN B 309 10.08 4.53 -14.13
C ASN B 309 8.57 4.64 -13.91
N THR B 310 8.10 3.95 -12.88
CA THR B 310 6.67 3.78 -12.65
C THR B 310 6.12 4.70 -11.57
N MET B 311 6.91 5.67 -11.10
CA MET B 311 6.49 6.43 -9.93
C MET B 311 5.12 7.08 -10.12
N LEU B 312 4.87 7.63 -11.31
CA LEU B 312 3.60 8.32 -11.56
C LEU B 312 2.48 7.38 -11.98
N ASP B 313 2.79 6.12 -12.29
CA ASP B 313 1.78 5.13 -12.66
C ASP B 313 1.44 4.16 -11.53
N ASP B 314 2.21 4.16 -10.44
CA ASP B 314 2.07 3.16 -9.39
C ASP B 314 0.92 3.57 -8.47
N SER B 315 -0.17 2.80 -8.51
CA SER B 315 -1.35 3.09 -7.70
C SER B 315 -1.25 2.54 -6.29
N ASP B 316 -0.21 1.76 -5.98
CA ASP B 316 -0.03 1.22 -4.64
C ASP B 316 0.79 2.16 -3.76
N ILE B 317 1.87 2.73 -4.31
CA ILE B 317 2.80 3.57 -3.55
C ILE B 317 2.83 4.94 -4.22
N ASN B 318 2.51 5.99 -3.46
CA ASN B 318 2.47 7.33 -4.01
C ASN B 318 3.86 7.84 -4.35
N HIS B 319 3.93 8.73 -5.35
CA HIS B 319 5.23 9.08 -5.93
C HIS B 319 6.15 9.82 -4.96
N THR B 320 5.61 10.60 -4.02
CA THR B 320 6.51 11.28 -3.10
C THR B 320 7.20 10.28 -2.17
N ARG B 321 6.55 9.16 -1.87
CA ARG B 321 7.20 8.12 -1.07
C ARG B 321 8.40 7.54 -1.82
N SER B 322 8.20 7.21 -3.10
CA SER B 322 9.28 6.63 -3.89
C SER B 322 10.43 7.61 -4.06
N ALA B 323 10.11 8.88 -4.33
CA ALA B 323 11.16 9.88 -4.54
C ALA B 323 12.01 10.05 -3.29
N ARG B 324 11.38 10.04 -2.11
CA ARG B 324 12.14 10.17 -0.86
C ARG B 324 13.09 9.00 -0.68
N ALA B 325 12.61 7.78 -0.91
CA ALA B 325 13.49 6.62 -0.79
C ALA B 325 14.69 6.74 -1.71
N VAL B 326 14.46 7.18 -2.95
CA VAL B 326 15.55 7.25 -3.93
C VAL B 326 16.59 8.30 -3.50
N VAL B 327 16.14 9.53 -3.24
CA VAL B 327 17.10 10.60 -2.99
C VAL B 327 17.83 10.38 -1.67
N ASN B 328 17.13 9.85 -0.66
CA ASN B 328 17.82 9.53 0.57
C ASN B 328 18.92 8.51 0.34
N ALA B 329 18.63 7.47 -0.45
CA ALA B 329 19.63 6.45 -0.74
C ALA B 329 20.84 7.05 -1.47
N VAL B 330 20.59 7.96 -2.41
CA VAL B 330 21.68 8.60 -3.14
C VAL B 330 22.55 9.41 -2.18
N ILE B 331 21.92 10.28 -1.38
CA ILE B 331 22.69 11.07 -0.43
C ILE B 331 23.44 10.16 0.54
N ALA B 332 22.73 9.15 1.08
CA ALA B 332 23.34 8.25 2.05
C ALA B 332 24.58 7.58 1.48
N SER B 333 24.55 7.24 0.19
CA SER B 333 25.69 6.55 -0.41
C SER B 333 26.88 7.48 -0.59
N VAL B 334 26.66 8.80 -0.67
CA VAL B 334 27.76 9.76 -0.76
C VAL B 334 28.34 10.03 0.62
N VAL B 335 27.49 10.24 1.63
CA VAL B 335 27.97 10.64 2.95
C VAL B 335 28.11 9.47 3.92
N GLY B 336 27.65 8.28 3.55
CA GLY B 336 27.81 7.13 4.41
C GLY B 336 26.88 7.09 5.60
N ASP B 337 25.73 7.76 5.52
CA ASP B 337 24.83 7.95 6.65
C ASP B 337 23.43 8.21 6.12
N PRO B 338 22.47 7.31 6.34
CA PRO B 338 21.11 7.55 5.87
C PRO B 338 20.28 8.44 6.77
N MET B 339 20.83 8.94 7.88
CA MET B 339 20.09 9.84 8.76
C MET B 339 20.27 11.27 8.27
N VAL B 340 19.62 11.54 7.14
CA VAL B 340 19.61 12.87 6.53
C VAL B 340 18.17 13.22 6.19
N TYR B 341 17.92 14.51 6.05
CA TYR B 341 16.57 15.01 5.81
C TYR B 341 16.28 15.01 4.31
N VAL B 342 15.31 14.21 3.89
CA VAL B 342 14.83 14.24 2.51
C VAL B 342 13.30 14.36 2.53
N SER B 343 12.79 15.36 1.83
CA SER B 343 11.37 15.66 1.72
C SER B 343 10.96 15.55 0.26
N GLY B 344 9.78 14.98 0.02
CA GLY B 344 9.30 14.70 -1.31
C GLY B 344 8.30 15.71 -1.83
N GLY B 345 8.22 15.83 -3.16
CA GLY B 345 7.34 16.79 -3.78
C GLY B 345 8.03 18.13 -3.89
N ALA B 346 8.65 18.39 -5.03
CA ALA B 346 9.55 19.53 -5.20
C ALA B 346 9.02 20.49 -6.27
N GLU B 347 7.72 20.76 -6.22
CA GLU B 347 7.10 21.69 -7.16
C GLU B 347 7.70 23.08 -7.00
N HIS B 348 8.29 23.60 -8.08
CA HIS B 348 8.91 24.93 -8.07
C HIS B 348 10.08 25.00 -7.10
N GLN B 349 10.65 23.84 -6.77
CA GLN B 349 11.82 23.72 -5.91
C GLN B 349 12.85 22.98 -6.76
N GLY B 350 13.83 23.71 -7.29
CA GLY B 350 14.71 23.18 -8.29
C GLY B 350 13.91 22.90 -9.56
N PRO B 351 14.56 22.35 -10.57
CA PRO B 351 13.85 22.03 -11.82
C PRO B 351 12.90 20.86 -11.60
N ASP B 352 12.06 20.64 -12.61
CA ASP B 352 11.14 19.49 -12.63
C ASP B 352 11.94 18.20 -12.55
N GLY B 353 11.74 17.46 -11.46
CA GLY B 353 12.47 16.22 -11.23
C GLY B 353 13.70 16.37 -10.36
N GLY B 354 14.04 17.59 -9.97
CA GLY B 354 15.15 17.82 -9.07
C GLY B 354 14.70 18.59 -7.86
N GLY B 355 15.64 19.13 -7.09
CA GLY B 355 15.33 19.83 -5.87
C GLY B 355 16.57 20.38 -5.20
N PRO B 356 16.39 21.43 -4.38
CA PRO B 356 17.54 21.98 -3.66
C PRO B 356 18.09 20.99 -2.65
N ILE B 357 19.38 21.13 -2.37
CA ILE B 357 20.05 20.31 -1.36
C ILE B 357 21.03 21.18 -0.61
N ALA B 358 20.89 21.23 0.71
CA ALA B 358 21.74 22.04 1.56
C ALA B 358 22.49 21.16 2.55
N VAL B 359 23.63 21.68 3.01
CA VAL B 359 24.47 21.03 3.99
C VAL B 359 24.78 22.04 5.09
N ILE B 360 24.47 21.67 6.33
CA ILE B 360 24.94 22.41 7.50
C ILE B 360 26.16 21.66 8.03
N ALA B 361 27.25 22.39 8.20
CA ALA B 361 28.54 21.78 8.55
C ALA B 361 29.26 22.61 9.60
N ARG B 362 30.03 21.93 10.44
CA ARG B 362 30.95 22.59 11.35
C ARG B 362 32.08 23.22 10.56
N VAL B 363 32.57 24.37 11.04
CA VAL B 363 33.68 25.03 10.37
C VAL B 363 35.00 24.35 10.71
N HIS C 1 -36.54 -13.65 -35.52
CA HIS C 1 -35.09 -13.82 -35.17
C HIS C 1 -34.95 -14.09 -33.67
N MET C 2 -34.97 -15.37 -33.30
CA MET C 2 -34.92 -15.74 -31.89
C MET C 2 -33.46 -16.02 -31.52
N GLN C 3 -33.05 -15.50 -30.37
CA GLN C 3 -31.70 -15.66 -29.86
C GLN C 3 -31.76 -16.24 -28.46
N LYS C 4 -30.81 -17.12 -28.16
CA LYS C 4 -30.70 -17.72 -26.84
C LYS C 4 -29.38 -17.33 -26.22
N VAL C 5 -29.43 -16.80 -25.00
CA VAL C 5 -28.25 -16.42 -24.24
C VAL C 5 -28.09 -17.40 -23.09
N GLU C 6 -26.89 -17.93 -22.94
CA GLU C 6 -26.49 -18.72 -21.78
C GLU C 6 -25.32 -18.02 -21.11
N VAL C 7 -25.30 -18.06 -19.78
CA VAL C 7 -24.30 -17.33 -19.00
C VAL C 7 -23.68 -18.28 -17.99
N PHE C 8 -22.34 -18.30 -17.94
CA PHE C 8 -21.59 -19.21 -17.08
C PHE C 8 -20.65 -18.40 -16.21
N ARG C 9 -20.82 -18.50 -14.89
CA ARG C 9 -19.92 -17.87 -13.93
C ARG C 9 -18.91 -18.91 -13.49
N ILE C 10 -17.63 -18.65 -13.76
CA ILE C 10 -16.58 -19.65 -13.66
C ILE C 10 -15.52 -19.16 -12.68
N PRO C 11 -15.27 -19.88 -11.58
CA PRO C 11 -14.16 -19.50 -10.70
C PRO C 11 -12.83 -19.65 -11.42
N THR C 12 -11.89 -18.76 -11.10
CA THR C 12 -10.55 -18.79 -11.67
C THR C 12 -9.53 -18.88 -10.53
N ALA C 13 -8.43 -19.58 -10.81
CA ALA C 13 -7.34 -19.74 -9.85
C ALA C 13 -6.26 -18.68 -10.00
N SER C 14 -6.28 -17.93 -11.09
CA SER C 14 -5.28 -16.90 -11.37
C SER C 14 -5.78 -16.14 -12.59
N PRO C 15 -5.17 -15.00 -12.92
CA PRO C 15 -5.66 -14.24 -14.09
C PRO C 15 -5.63 -15.03 -15.38
N ASP C 16 -4.66 -15.93 -15.54
CA ASP C 16 -4.48 -16.69 -16.77
C ASP C 16 -5.18 -18.04 -16.76
N ASP C 17 -6.04 -18.29 -15.78
CA ASP C 17 -6.66 -19.61 -15.63
C ASP C 17 -7.82 -19.75 -16.60
N ILE C 18 -7.66 -20.61 -17.60
CA ILE C 18 -8.73 -20.91 -18.55
C ILE C 18 -9.33 -22.30 -18.34
N SER C 19 -8.97 -22.97 -17.24
CA SER C 19 -9.32 -24.38 -17.09
C SER C 19 -10.83 -24.59 -16.92
N GLY C 20 -11.50 -23.72 -16.18
CA GLY C 20 -12.93 -23.87 -16.00
C GLY C 20 -13.69 -23.69 -17.30
N LEU C 21 -13.30 -22.72 -18.11
CA LEU C 21 -13.90 -22.54 -19.43
C LEU C 21 -13.60 -23.74 -20.32
N ALA C 22 -12.36 -24.24 -20.29
CA ALA C 22 -12.02 -25.41 -21.09
C ALA C 22 -12.86 -26.61 -20.70
N THR C 23 -13.15 -26.76 -19.40
CA THR C 23 -13.96 -27.89 -18.96
C THR C 23 -15.36 -27.82 -19.57
N LEU C 24 -15.97 -26.63 -19.57
CA LEU C 24 -17.31 -26.47 -20.14
C LEU C 24 -17.29 -26.65 -21.65
N ILE C 25 -16.21 -26.25 -22.31
CA ILE C 25 -16.10 -26.48 -23.75
C ILE C 25 -15.88 -27.95 -24.04
N ASP C 26 -14.97 -28.60 -23.30
CA ASP C 26 -14.65 -29.99 -23.58
C ASP C 26 -15.83 -30.91 -23.32
N SER C 27 -16.75 -30.52 -22.43
CA SER C 27 -17.93 -31.33 -22.15
C SER C 27 -19.06 -31.07 -23.13
N GLY C 28 -18.91 -30.09 -24.02
CA GLY C 28 -19.95 -29.75 -24.96
C GLY C 28 -20.98 -28.77 -24.45
N LYS C 29 -20.82 -28.25 -23.23
CA LYS C 29 -21.78 -27.31 -22.68
C LYS C 29 -21.64 -25.93 -23.32
N ILE C 30 -20.45 -25.59 -23.79
CA ILE C 30 -20.20 -24.32 -24.47
C ILE C 30 -19.59 -24.63 -25.83
N ASN C 31 -20.24 -24.18 -26.89
CA ASN C 31 -19.62 -24.11 -28.21
C ASN C 31 -18.81 -22.82 -28.24
N PRO C 32 -17.47 -22.90 -28.32
CA PRO C 32 -16.66 -21.68 -28.22
C PRO C 32 -16.95 -20.68 -29.32
N ALA C 33 -17.46 -21.12 -30.47
CA ALA C 33 -17.80 -20.19 -31.54
C ALA C 33 -18.98 -19.30 -31.19
N GLU C 34 -19.73 -19.61 -30.14
CA GLU C 34 -20.90 -18.84 -29.76
C GLU C 34 -20.64 -17.88 -28.61
N ILE C 35 -19.42 -17.87 -28.06
CA ILE C 35 -19.05 -16.90 -27.04
C ILE C 35 -19.03 -15.51 -27.67
N VAL C 36 -19.74 -14.57 -27.04
CA VAL C 36 -19.76 -13.19 -27.53
C VAL C 36 -19.09 -12.22 -26.56
N ALA C 37 -18.93 -12.58 -25.29
CA ALA C 37 -18.34 -11.65 -24.34
C ALA C 37 -17.90 -12.43 -23.10
N ILE C 38 -16.82 -11.95 -22.48
CA ILE C 38 -16.35 -12.47 -21.21
C ILE C 38 -16.10 -11.28 -20.29
N LEU C 39 -16.73 -11.31 -19.12
CA LEU C 39 -16.60 -10.27 -18.10
C LEU C 39 -15.88 -10.87 -16.90
N GLY C 40 -14.69 -10.34 -16.60
CA GLY C 40 -13.83 -10.93 -15.59
C GLY C 40 -13.62 -10.04 -14.38
N LYS C 41 -13.43 -10.67 -13.23
CA LYS C 41 -12.82 -10.06 -12.06
C LYS C 41 -11.42 -10.65 -11.96
N THR C 42 -10.40 -9.83 -12.14
CA THR C 42 -9.01 -10.26 -12.08
C THR C 42 -8.32 -9.64 -10.86
N GLU C 43 -7.36 -10.35 -10.30
CA GLU C 43 -6.92 -10.13 -8.93
C GLU C 43 -5.77 -9.13 -8.81
N GLY C 44 -5.54 -8.30 -9.83
CA GLY C 44 -4.65 -7.16 -9.69
C GLY C 44 -5.29 -6.08 -8.84
N ASN C 45 -4.64 -4.91 -8.82
CA ASN C 45 -5.12 -3.85 -7.93
C ASN C 45 -6.29 -3.06 -8.49
N GLY C 46 -6.72 -3.34 -9.73
CA GLY C 46 -7.86 -2.64 -10.30
C GLY C 46 -7.64 -1.18 -10.60
N CYS C 47 -6.40 -0.70 -10.52
CA CYS C 47 -6.11 0.72 -10.73
C CYS C 47 -5.28 0.90 -12.00
N VAL C 48 -4.29 1.79 -11.99
CA VAL C 48 -3.54 2.07 -13.21
C VAL C 48 -2.62 0.91 -13.55
N ASN C 49 -1.74 0.53 -12.61
CA ASN C 49 -0.74 -0.50 -12.84
C ASN C 49 -1.28 -1.88 -12.46
N ASP C 50 -2.38 -2.24 -13.12
CA ASP C 50 -2.97 -3.57 -13.00
C ASP C 50 -2.80 -4.22 -14.37
N PHE C 51 -1.89 -5.19 -14.44
CA PHE C 51 -1.62 -5.93 -15.66
C PHE C 51 -2.29 -7.30 -15.66
N THR C 52 -3.01 -7.64 -14.59
CA THR C 52 -3.77 -8.88 -14.61
C THR C 52 -4.92 -8.81 -15.61
N ARG C 53 -5.43 -7.61 -15.88
CA ARG C 53 -6.50 -7.46 -16.86
C ARG C 53 -6.01 -7.88 -18.24
N GLY C 54 -4.88 -7.32 -18.69
CA GLY C 54 -4.34 -7.70 -19.98
C GLY C 54 -3.86 -9.14 -20.00
N PHE C 55 -3.29 -9.62 -18.89
CA PHE C 55 -2.86 -11.01 -18.80
C PHE C 55 -4.04 -11.94 -19.00
N ALA C 56 -5.18 -11.63 -18.38
CA ALA C 56 -6.36 -12.47 -18.51
C ALA C 56 -6.90 -12.45 -19.94
N THR C 57 -6.98 -11.26 -20.55
CA THR C 57 -7.45 -11.18 -21.93
C THR C 57 -6.51 -11.90 -22.88
N GLN C 58 -5.21 -11.70 -22.73
CA GLN C 58 -4.26 -12.40 -23.60
C GLN C 58 -4.43 -13.92 -23.46
N SER C 59 -4.57 -14.41 -22.23
CA SER C 59 -4.68 -15.85 -22.02
C SER C 59 -5.98 -16.39 -22.63
N LEU C 60 -7.09 -15.67 -22.46
CA LEU C 60 -8.36 -16.13 -23.02
C LEU C 60 -8.35 -16.05 -24.54
N ALA C 61 -7.77 -14.99 -25.10
CA ALA C 61 -7.71 -14.86 -26.56
C ALA C 61 -6.84 -15.95 -27.17
N MET C 62 -5.68 -16.21 -26.57
N MET C 62 -5.70 -16.25 -26.54
CA MET C 62 -4.85 -17.31 -27.03
CA MET C 62 -4.84 -17.31 -27.06
C MET C 62 -5.62 -18.62 -27.04
C MET C 62 -5.52 -18.67 -27.00
N TYR C 63 -6.24 -18.94 -25.91
CA TYR C 63 -6.94 -20.21 -25.78
C TYR C 63 -8.05 -20.33 -26.83
N LEU C 64 -8.89 -19.31 -26.94
CA LEU C 64 -10.01 -19.37 -27.89
C LEU C 64 -9.51 -19.40 -29.33
N ALA C 65 -8.45 -18.64 -29.63
CA ALA C 65 -7.90 -18.67 -30.98
C ALA C 65 -7.49 -20.08 -31.37
N GLU C 66 -6.84 -20.81 -30.45
CA GLU C 66 -6.40 -22.16 -30.77
C GLU C 66 -7.56 -23.13 -30.83
N LYS C 67 -8.59 -22.94 -29.99
CA LYS C 67 -9.75 -23.83 -30.07
C LYS C 67 -10.53 -23.60 -31.36
N LEU C 68 -10.60 -22.36 -31.83
CA LEU C 68 -11.38 -22.02 -33.01
C LEU C 68 -10.58 -22.08 -34.30
N GLY C 69 -9.27 -22.23 -34.23
CA GLY C 69 -8.46 -22.26 -35.42
C GLY C 69 -8.38 -20.92 -36.13
N ILE C 70 -8.44 -19.82 -35.39
CA ILE C 70 -8.31 -18.49 -35.94
C ILE C 70 -7.21 -17.75 -35.17
N SER C 71 -6.91 -16.54 -35.61
CA SER C 71 -5.86 -15.78 -34.97
C SER C 71 -6.39 -15.06 -33.73
N ARG C 72 -5.48 -14.76 -32.81
CA ARG C 72 -5.87 -13.99 -31.63
C ARG C 72 -6.47 -12.64 -32.04
N GLU C 73 -5.96 -12.05 -33.12
CA GLU C 73 -6.47 -10.76 -33.57
C GLU C 73 -7.95 -10.87 -33.92
N GLU C 74 -8.35 -11.94 -34.60
CA GLU C 74 -9.76 -12.10 -34.96
C GLU C 74 -10.61 -12.37 -33.73
N VAL C 75 -10.09 -13.12 -32.76
CA VAL C 75 -10.85 -13.37 -31.53
C VAL C 75 -11.16 -12.04 -30.85
N VAL C 76 -10.17 -11.15 -30.76
CA VAL C 76 -10.35 -9.88 -30.07
C VAL C 76 -11.31 -8.98 -30.82
N LYS C 77 -11.36 -9.10 -32.15
CA LYS C 77 -12.36 -8.35 -32.90
C LYS C 77 -13.75 -8.97 -32.79
N LYS C 78 -13.83 -10.23 -32.38
CA LYS C 78 -15.08 -10.98 -32.40
C LYS C 78 -15.73 -11.07 -31.04
N VAL C 79 -14.94 -11.08 -29.96
CA VAL C 79 -15.42 -11.32 -28.61
C VAL C 79 -15.04 -10.12 -27.75
N ALA C 80 -16.00 -9.62 -26.97
CA ALA C 80 -15.71 -8.57 -26.01
C ALA C 80 -14.98 -9.18 -24.81
N PHE C 81 -13.85 -8.59 -24.44
CA PHE C 81 -13.09 -8.99 -23.26
C PHE C 81 -13.05 -7.79 -22.33
N ILE C 82 -13.80 -7.87 -21.23
CA ILE C 82 -13.89 -6.78 -20.24
C ILE C 82 -13.37 -7.35 -18.93
N MET C 83 -12.14 -6.99 -18.56
CA MET C 83 -11.50 -7.49 -17.35
C MET C 83 -11.47 -6.35 -16.33
N SER C 84 -12.23 -6.51 -15.25
CA SER C 84 -12.32 -5.55 -14.17
C SER C 84 -11.36 -6.02 -13.09
N GLY C 85 -10.28 -5.27 -12.89
CA GLY C 85 -9.31 -5.63 -11.87
C GLY C 85 -9.84 -5.34 -10.48
N GLY C 86 -9.09 -5.80 -9.49
CA GLY C 86 -9.45 -5.54 -8.11
C GLY C 86 -10.39 -6.58 -7.53
N THR C 87 -9.83 -7.49 -6.73
CA THR C 87 -10.61 -8.49 -6.00
C THR C 87 -10.26 -8.34 -4.52
N GLU C 88 -10.67 -7.22 -3.95
CA GLU C 88 -10.36 -6.90 -2.57
C GLU C 88 -11.35 -7.58 -1.62
N GLY C 89 -11.02 -7.55 -0.33
CA GLY C 89 -11.88 -8.18 0.65
C GLY C 89 -12.00 -9.67 0.39
N VAL C 90 -13.24 -10.15 0.38
CA VAL C 90 -13.52 -11.55 0.11
C VAL C 90 -13.93 -11.80 -1.34
N MET C 91 -13.84 -10.78 -2.19
CA MET C 91 -14.32 -10.93 -3.56
C MET C 91 -13.50 -11.98 -4.29
N THR C 92 -14.19 -12.94 -4.91
CA THR C 92 -13.57 -14.12 -5.47
C THR C 92 -13.30 -13.92 -6.95
N PRO C 93 -12.06 -14.08 -7.43
CA PRO C 93 -11.80 -13.99 -8.87
C PRO C 93 -12.64 -14.99 -9.66
N HIS C 94 -13.12 -14.54 -10.82
CA HIS C 94 -13.97 -15.36 -11.66
C HIS C 94 -14.16 -14.66 -13.00
N ILE C 95 -14.70 -15.41 -13.96
CA ILE C 95 -15.13 -14.84 -15.23
C ILE C 95 -16.58 -15.22 -15.47
N THR C 96 -17.31 -14.34 -16.15
CA THR C 96 -18.67 -14.59 -16.59
C THR C 96 -18.67 -14.63 -18.11
N VAL C 97 -19.02 -15.78 -18.67
CA VAL C 97 -18.95 -16.03 -20.10
C VAL C 97 -20.37 -15.95 -20.66
N PHE C 98 -20.54 -15.10 -21.67
CA PHE C 98 -21.82 -14.91 -22.35
C PHE C 98 -21.78 -15.64 -23.68
N VAL C 99 -22.71 -16.58 -23.85
CA VAL C 99 -22.87 -17.37 -25.08
C VAL C 99 -24.19 -16.95 -25.71
N ARG C 100 -24.16 -16.64 -27.00
CA ARG C 100 -25.34 -16.23 -27.73
C ARG C 100 -25.43 -16.95 -29.07
N LYS C 101 -26.57 -17.59 -29.36
CA LYS C 101 -26.79 -18.22 -30.65
C LYS C 101 -28.22 -18.01 -31.11
N ASP C 102 -28.40 -17.98 -32.43
CA ASP C 102 -29.73 -18.02 -33.01
C ASP C 102 -30.32 -19.42 -32.83
N VAL C 103 -31.61 -19.47 -32.49
CA VAL C 103 -32.33 -20.72 -32.29
C VAL C 103 -33.68 -20.67 -33.00
N ALA C 104 -34.13 -21.84 -33.46
CA ALA C 104 -35.47 -21.98 -34.02
C ALA C 104 -36.43 -22.31 -32.88
N ALA C 105 -36.84 -21.29 -32.14
CA ALA C 105 -37.79 -21.47 -31.05
C ALA C 105 -39.05 -20.62 -31.25
N PRO C 106 -40.16 -20.99 -30.59
CA PRO C 106 -41.36 -20.13 -30.60
C PRO C 106 -41.17 -18.89 -29.75
N ALA C 107 -42.20 -18.05 -29.67
CA ALA C 107 -42.12 -16.85 -28.84
C ALA C 107 -42.14 -17.22 -27.37
N ALA C 108 -41.14 -16.75 -26.63
CA ALA C 108 -41.07 -17.05 -25.20
C ALA C 108 -42.26 -16.42 -24.48
N PRO C 109 -42.57 -16.91 -23.27
CA PRO C 109 -43.56 -16.20 -22.44
C PRO C 109 -42.90 -14.98 -21.83
N GLY C 110 -43.31 -13.80 -22.28
CA GLY C 110 -42.69 -12.60 -21.76
C GLY C 110 -41.37 -12.27 -22.44
N LYS C 111 -40.47 -11.68 -21.65
CA LYS C 111 -39.16 -11.24 -22.11
C LYS C 111 -38.08 -12.01 -21.37
N ARG C 112 -37.01 -12.35 -22.08
CA ARG C 112 -35.92 -13.14 -21.52
C ARG C 112 -34.58 -12.52 -21.89
N LEU C 113 -33.53 -13.01 -21.23
CA LEU C 113 -32.22 -12.37 -21.29
C LEU C 113 -31.75 -12.18 -22.72
N ALA C 114 -31.18 -11.00 -22.99
CA ALA C 114 -30.64 -10.66 -24.29
C ALA C 114 -29.35 -9.88 -24.07
N VAL C 115 -28.40 -10.07 -25.00
CA VAL C 115 -27.09 -9.43 -24.89
C VAL C 115 -26.70 -8.89 -26.25
N GLY C 116 -26.08 -7.72 -26.25
CA GLY C 116 -25.54 -7.14 -27.47
C GLY C 116 -24.18 -6.55 -27.16
N VAL C 117 -23.34 -6.49 -28.20
CA VAL C 117 -21.95 -6.07 -28.06
C VAL C 117 -21.62 -5.05 -29.14
N ALA C 118 -20.81 -4.05 -28.77
CA ALA C 118 -20.33 -3.06 -29.73
C ALA C 118 -19.02 -2.48 -29.21
N PHE C 119 -18.15 -2.09 -30.13
CA PHE C 119 -16.88 -1.47 -29.81
C PHE C 119 -16.82 -0.07 -30.43
N THR C 120 -16.16 0.87 -29.74
CA THR C 120 -15.91 2.17 -30.33
C THR C 120 -14.56 2.19 -31.04
N ARG C 121 -14.31 3.27 -31.78
CA ARG C 121 -12.96 3.53 -32.27
C ARG C 121 -12.02 3.78 -31.10
N ASP C 122 -10.72 3.68 -31.37
CA ASP C 122 -9.72 4.09 -30.39
C ASP C 122 -9.80 5.59 -30.15
N PHE C 123 -9.47 6.00 -28.93
CA PHE C 123 -9.48 7.40 -28.55
C PHE C 123 -8.06 7.92 -28.41
N LEU C 124 -7.85 9.17 -28.82
CA LEU C 124 -6.64 9.88 -28.46
C LEU C 124 -6.66 10.17 -26.96
N PRO C 125 -5.49 10.27 -26.33
CA PRO C 125 -5.48 10.56 -24.88
C PRO C 125 -6.30 11.80 -24.53
N GLU C 126 -6.19 12.84 -25.35
CA GLU C 126 -6.88 14.10 -25.12
C GLU C 126 -8.39 14.02 -25.36
N GLU C 127 -8.90 12.89 -25.81
CA GLU C 127 -10.33 12.72 -25.99
C GLU C 127 -10.99 12.06 -24.79
N LEU C 128 -10.21 11.41 -23.92
CA LEU C 128 -10.78 10.74 -22.77
C LEU C 128 -11.39 11.76 -21.82
N GLY C 129 -12.53 11.40 -21.24
CA GLY C 129 -13.21 12.26 -20.29
C GLY C 129 -13.89 13.46 -20.90
N ARG C 130 -14.09 13.48 -22.21
CA ARG C 130 -14.64 14.61 -22.93
C ARG C 130 -15.72 14.14 -23.88
N MET C 131 -16.38 15.11 -24.53
CA MET C 131 -17.57 14.81 -25.32
C MET C 131 -17.28 13.83 -26.45
N GLU C 132 -16.04 13.82 -26.97
CA GLU C 132 -15.71 12.84 -27.99
C GLU C 132 -15.95 11.42 -27.49
N GLN C 133 -15.57 11.14 -26.25
CA GLN C 133 -15.80 9.81 -25.69
C GLN C 133 -17.29 9.61 -25.38
N VAL C 134 -17.95 10.62 -24.81
CA VAL C 134 -19.38 10.53 -24.54
C VAL C 134 -20.14 10.14 -25.80
N ASN C 135 -19.94 10.90 -26.88
CA ASN C 135 -20.77 10.72 -28.06
C ASN C 135 -20.46 9.42 -28.79
N GLU C 136 -19.18 9.05 -28.85
CA GLU C 136 -18.82 7.78 -29.49
C GLU C 136 -19.36 6.61 -28.70
N VAL C 137 -19.32 6.68 -27.37
CA VAL C 137 -19.89 5.62 -26.56
C VAL C 137 -21.40 5.52 -26.78
N ALA C 138 -22.09 6.65 -26.81
CA ALA C 138 -23.54 6.63 -27.03
C ALA C 138 -23.89 5.93 -28.33
N ARG C 139 -23.14 6.22 -29.39
CA ARG C 139 -23.38 5.55 -30.67
C ARG C 139 -23.21 4.05 -30.52
N ALA C 140 -22.15 3.62 -29.83
CA ALA C 140 -21.89 2.19 -29.69
C ALA C 140 -22.95 1.52 -28.82
N VAL C 141 -23.44 2.22 -27.79
CA VAL C 141 -24.49 1.64 -26.96
C VAL C 141 -25.74 1.39 -27.78
N LYS C 142 -26.11 2.34 -28.65
CA LYS C 142 -27.26 2.12 -29.53
C LYS C 142 -27.03 0.95 -30.47
N GLU C 143 -25.80 0.83 -31.00
CA GLU C 143 -25.47 -0.33 -31.83
C GLU C 143 -25.61 -1.63 -31.05
N ALA C 144 -25.14 -1.65 -29.80
CA ALA C 144 -25.24 -2.85 -28.99
C ALA C 144 -26.68 -3.17 -28.66
N MET C 145 -27.51 -2.15 -28.44
CA MET C 145 -28.93 -2.39 -28.23
C MET C 145 -29.54 -3.11 -29.43
N LYS C 146 -29.17 -2.67 -30.63
CA LYS C 146 -29.66 -3.35 -31.83
C LYS C 146 -29.16 -4.79 -31.90
N ASP C 147 -27.88 -5.00 -31.64
CA ASP C 147 -27.33 -6.35 -31.60
C ASP C 147 -28.11 -7.23 -30.64
N ALA C 148 -28.58 -6.65 -29.53
CA ALA C 148 -29.34 -7.39 -28.53
C ALA C 148 -30.82 -7.50 -28.86
N GLN C 149 -31.29 -6.85 -29.92
CA GLN C 149 -32.72 -6.86 -30.28
C GLN C 149 -33.58 -6.25 -29.18
N ILE C 150 -33.07 -5.20 -28.54
CA ILE C 150 -33.79 -4.42 -27.54
C ILE C 150 -34.04 -3.04 -28.13
N ASP C 151 -35.30 -2.67 -28.32
CA ASP C 151 -35.64 -1.35 -28.82
C ASP C 151 -36.05 -0.38 -27.71
N ASP C 152 -36.58 -0.89 -26.60
CA ASP C 152 -37.07 -0.03 -25.53
C ASP C 152 -35.98 0.07 -24.48
N PRO C 153 -35.43 1.26 -24.25
CA PRO C 153 -34.35 1.37 -23.24
C PRO C 153 -34.76 0.92 -21.86
N ARG C 154 -36.05 0.91 -21.55
CA ARG C 154 -36.48 0.41 -20.24
C ARG C 154 -36.21 -1.08 -20.07
N ASP C 155 -35.94 -1.80 -21.17
CA ASP C 155 -35.60 -3.22 -21.08
C ASP C 155 -34.10 -3.45 -20.98
N VAL C 156 -33.29 -2.39 -20.93
CA VAL C 156 -31.87 -2.50 -20.67
C VAL C 156 -31.65 -2.41 -19.16
N HIS C 157 -30.96 -3.42 -18.59
CA HIS C 157 -30.78 -3.48 -17.15
C HIS C 157 -29.34 -3.35 -16.70
N PHE C 158 -28.36 -3.43 -17.60
CA PHE C 158 -26.95 -3.29 -17.24
C PHE C 158 -26.20 -3.05 -18.54
N VAL C 159 -25.36 -2.02 -18.56
CA VAL C 159 -24.50 -1.71 -19.70
C VAL C 159 -23.07 -1.69 -19.16
N GLN C 160 -22.32 -2.75 -19.44
CA GLN C 160 -20.98 -2.94 -18.92
C GLN C 160 -19.97 -2.49 -19.97
N ILE C 161 -19.04 -1.63 -19.57
CA ILE C 161 -18.10 -1.01 -20.49
C ILE C 161 -16.68 -1.13 -19.94
N LYS C 162 -15.74 -1.42 -20.83
CA LYS C 162 -14.31 -1.26 -20.55
C LYS C 162 -13.84 -0.03 -21.33
N CYS C 163 -13.06 0.84 -20.68
CA CYS C 163 -12.62 2.09 -21.29
C CYS C 163 -11.16 2.36 -20.95
N PRO C 164 -10.50 3.28 -21.65
CA PRO C 164 -9.06 3.46 -21.48
C PRO C 164 -8.74 4.34 -20.28
N LEU C 165 -7.44 4.56 -20.08
CA LEU C 165 -6.96 5.48 -19.06
C LEU C 165 -5.70 6.17 -19.58
N LEU C 166 -5.19 7.10 -18.78
CA LEU C 166 -3.96 7.81 -19.09
C LEU C 166 -2.84 7.29 -18.18
N THR C 167 -1.69 7.01 -18.78
CA THR C 167 -0.45 6.78 -18.06
C THR C 167 0.43 8.01 -18.18
N ALA C 168 1.49 8.06 -17.37
CA ALA C 168 2.42 9.19 -17.44
C ALA C 168 3.00 9.33 -18.84
N GLU C 169 3.35 8.22 -19.47
CA GLU C 169 3.95 8.29 -20.79
C GLU C 169 2.96 8.80 -21.83
N ARG C 170 1.67 8.43 -21.70
CA ARG C 170 0.68 8.95 -22.65
C ARG C 170 0.42 10.43 -22.39
N ILE C 171 0.40 10.86 -21.13
CA ILE C 171 0.27 12.28 -20.82
C ILE C 171 1.43 13.07 -21.39
N GLU C 172 2.66 12.56 -21.20
CA GLU C 172 3.83 13.25 -21.71
C GLU C 172 3.84 13.28 -23.24
N ASP C 173 3.38 12.20 -23.88
CA ASP C 173 3.30 12.20 -25.33
C ASP C 173 2.31 13.26 -25.81
N ALA C 174 1.14 13.34 -25.16
CA ALA C 174 0.17 14.37 -25.50
C ALA C 174 0.78 15.77 -25.37
N LYS C 175 1.51 16.00 -24.27
CA LYS C 175 2.20 17.27 -24.09
C LYS C 175 3.17 17.55 -25.22
N ARG C 176 3.92 16.53 -25.65
CA ARG C 176 4.87 16.74 -26.72
C ARG C 176 4.15 17.08 -28.03
N ARG C 177 2.94 16.55 -28.21
CA ARG C 177 2.12 16.86 -29.38
C ARG C 177 1.36 18.17 -29.23
N GLY C 178 1.55 18.90 -28.13
CA GLY C 178 0.90 20.18 -27.93
C GLY C 178 -0.54 20.08 -27.49
N LYS C 179 -0.92 18.97 -26.85
CA LYS C 179 -2.30 18.73 -26.48
C LYS C 179 -2.42 18.69 -24.96
N ASP C 180 -3.55 19.15 -24.45
CA ASP C 180 -3.86 19.09 -23.04
C ASP C 180 -4.84 17.96 -22.80
N VAL C 181 -4.57 17.14 -21.78
CA VAL C 181 -5.47 16.05 -21.41
C VAL C 181 -6.46 16.56 -20.37
N VAL C 182 -7.52 15.80 -20.14
CA VAL C 182 -8.58 16.26 -19.23
C VAL C 182 -8.02 16.43 -17.82
N VAL C 183 -7.08 15.58 -17.42
CA VAL C 183 -6.47 15.68 -16.10
C VAL C 183 -5.06 15.13 -16.19
N ASN C 184 -4.14 15.80 -15.48
CA ASN C 184 -2.73 15.42 -15.47
C ASN C 184 -2.44 14.48 -14.30
N ASP C 185 -3.23 13.41 -14.19
CA ASP C 185 -3.13 12.48 -13.09
C ASP C 185 -3.60 11.12 -13.57
N THR C 186 -2.75 10.10 -13.45
CA THR C 186 -3.08 8.81 -14.06
C THR C 186 -4.29 8.18 -13.39
N TYR C 187 -4.32 8.17 -12.05
CA TYR C 187 -5.44 7.53 -11.37
C TYR C 187 -6.74 8.28 -11.62
N LYS C 188 -6.71 9.61 -11.54
CA LYS C 188 -7.92 10.39 -11.77
C LYS C 188 -8.42 10.23 -13.21
N SER C 189 -7.51 9.98 -14.16
CA SER C 189 -7.95 9.79 -15.54
C SER C 189 -8.93 8.63 -15.65
N MET C 190 -8.79 7.61 -14.79
CA MET C 190 -9.74 6.51 -14.81
C MET C 190 -11.15 7.01 -14.52
N ALA C 191 -11.29 7.95 -13.58
CA ALA C 191 -12.61 8.46 -13.23
C ALA C 191 -13.23 9.22 -14.40
N TYR C 192 -12.43 10.02 -15.10
CA TYR C 192 -12.96 10.76 -16.25
C TYR C 192 -13.35 9.84 -17.39
N SER C 193 -12.56 8.79 -17.64
CA SER C 193 -12.92 7.83 -18.66
C SER C 193 -14.17 7.06 -18.27
N ARG C 194 -14.23 6.59 -17.02
CA ARG C 194 -15.43 5.91 -16.55
C ARG C 194 -16.65 6.81 -16.64
N GLY C 195 -16.49 8.08 -16.23
CA GLY C 195 -17.65 8.96 -16.13
C GLY C 195 -18.17 9.40 -17.49
N ALA C 196 -17.25 9.79 -18.38
CA ALA C 196 -17.66 10.12 -19.74
C ALA C 196 -18.34 8.93 -20.39
N SER C 197 -17.79 7.73 -20.19
CA SER C 197 -18.41 6.54 -20.77
C SER C 197 -19.81 6.30 -20.21
N ALA C 198 -19.98 6.50 -18.90
CA ALA C 198 -21.30 6.33 -18.29
C ALA C 198 -22.29 7.35 -18.83
N LEU C 199 -21.86 8.60 -18.99
CA LEU C 199 -22.74 9.61 -19.59
C LEU C 199 -23.12 9.24 -21.01
N GLY C 200 -22.24 8.56 -21.74
CA GLY C 200 -22.61 8.08 -23.05
C GLY C 200 -23.76 7.08 -22.99
N VAL C 201 -23.75 6.22 -21.97
CA VAL C 201 -24.86 5.30 -21.77
C VAL C 201 -26.15 6.08 -21.51
N ALA C 202 -26.09 7.02 -20.56
CA ALA C 202 -27.28 7.79 -20.22
C ALA C 202 -27.84 8.52 -21.43
N LEU C 203 -26.96 9.05 -22.27
CA LEU C 203 -27.41 9.73 -23.49
C LEU C 203 -28.10 8.77 -24.44
N ALA C 204 -27.47 7.61 -24.69
CA ALA C 204 -28.03 6.66 -25.65
C ALA C 204 -29.39 6.14 -25.20
N LEU C 205 -29.57 5.95 -23.90
CA LEU C 205 -30.79 5.38 -23.37
C LEU C 205 -31.86 6.42 -23.06
N GLY C 206 -31.57 7.71 -23.28
CA GLY C 206 -32.54 8.72 -22.97
C GLY C 206 -32.72 9.00 -21.49
N GLU C 207 -31.78 8.54 -20.67
CA GLU C 207 -31.85 8.83 -19.24
C GLU C 207 -31.50 10.28 -18.95
N ILE C 208 -30.71 10.89 -19.83
CA ILE C 208 -30.33 12.29 -19.72
C ILE C 208 -30.40 12.91 -21.11
N SER C 209 -30.82 14.18 -21.17
CA SER C 209 -30.91 14.86 -22.46
C SER C 209 -29.55 15.45 -22.83
N ALA C 210 -29.30 15.49 -24.14
CA ALA C 210 -27.99 15.90 -24.62
C ALA C 210 -27.63 17.31 -24.16
N ASP C 211 -28.62 18.21 -24.10
CA ASP C 211 -28.33 19.60 -23.78
C ASP C 211 -27.80 19.76 -22.35
N LYS C 212 -27.90 18.74 -21.51
CA LYS C 212 -27.36 18.83 -20.16
C LYS C 212 -25.91 18.36 -20.06
N ILE C 213 -25.35 17.76 -21.12
CA ILE C 213 -24.02 17.17 -21.06
C ILE C 213 -23.04 18.07 -21.78
N SER C 214 -21.92 18.36 -21.12
CA SER C 214 -20.83 19.12 -21.70
C SER C 214 -19.55 18.68 -21.00
N ASN C 215 -18.41 19.12 -21.53
CA ASN C 215 -17.14 18.80 -20.89
C ASN C 215 -17.13 19.24 -19.43
N GLU C 216 -17.75 20.39 -19.13
CA GLU C 216 -17.70 20.92 -17.77
C GLU C 216 -18.50 20.08 -16.78
N ALA C 217 -19.56 19.41 -17.25
CA ALA C 217 -20.36 18.60 -16.35
C ALA C 217 -19.72 17.26 -16.03
N ILE C 218 -18.79 16.79 -16.87
CA ILE C 218 -18.21 15.46 -16.67
C ILE C 218 -17.41 15.43 -15.38
N CYS C 219 -17.75 14.47 -14.51
CA CYS C 219 -17.14 14.34 -13.19
C CYS C 219 -17.32 15.59 -12.34
N HIS C 220 -18.41 16.32 -12.57
CA HIS C 220 -18.72 17.50 -11.76
C HIS C 220 -20.20 17.54 -11.37
N ASP C 221 -21.10 17.28 -12.30
CA ASP C 221 -22.54 17.34 -12.02
C ASP C 221 -23.01 15.92 -11.68
N TRP C 222 -23.04 15.60 -10.40
CA TRP C 222 -23.47 14.26 -9.97
C TRP C 222 -24.99 14.09 -10.02
N ASN C 223 -25.74 15.14 -10.33
CA ASN C 223 -27.16 14.96 -10.60
C ASN C 223 -27.39 14.21 -11.89
N LEU C 224 -26.40 14.13 -12.76
CA LEU C 224 -26.50 13.43 -14.03
C LEU C 224 -25.92 12.04 -13.85
N TYR C 225 -26.74 11.02 -14.04
CA TYR C 225 -26.20 9.66 -13.99
C TYR C 225 -27.11 8.69 -14.71
N SER C 226 -26.52 7.57 -15.12
CA SER C 226 -27.25 6.44 -15.66
C SER C 226 -27.58 5.48 -14.53
N SER C 227 -28.73 4.83 -14.62
CA SER C 227 -29.13 3.85 -13.63
C SER C 227 -28.72 2.43 -13.99
N VAL C 228 -28.04 2.22 -15.11
CA VAL C 228 -27.67 0.88 -15.53
C VAL C 228 -26.22 0.80 -16.03
N ALA C 229 -25.55 1.95 -16.14
CA ALA C 229 -24.18 1.95 -16.65
C ALA C 229 -23.21 1.40 -15.61
N SER C 230 -22.24 0.61 -16.07
CA SER C 230 -21.18 0.05 -15.24
C SER C 230 -19.89 0.10 -16.05
N THR C 231 -18.98 1.01 -15.69
CA THR C 231 -17.80 1.25 -16.51
C THR C 231 -16.53 0.96 -15.71
N SER C 232 -15.50 0.52 -16.42
CA SER C 232 -14.27 -0.03 -15.84
C SER C 232 -13.14 0.36 -16.78
N ALA C 233 -12.02 0.79 -16.23
CA ALA C 233 -10.95 1.39 -17.02
C ALA C 233 -9.69 0.54 -16.94
N GLY C 234 -8.85 0.62 -17.97
CA GLY C 234 -7.69 -0.24 -18.01
C GLY C 234 -6.62 0.27 -18.94
N VAL C 235 -5.36 -0.07 -18.61
CA VAL C 235 -4.24 0.28 -19.47
C VAL C 235 -4.23 -0.55 -20.74
N GLU C 236 -4.97 -1.68 -20.76
CA GLU C 236 -4.82 -2.68 -21.81
C GLU C 236 -5.63 -2.40 -23.06
N LEU C 237 -6.35 -1.28 -23.15
CA LEU C 237 -7.08 -0.99 -24.37
C LEU C 237 -7.14 0.53 -24.58
N LEU C 238 -7.39 0.91 -25.83
CA LEU C 238 -7.44 2.31 -26.23
C LEU C 238 -8.84 2.75 -26.66
N ASN C 239 -9.80 1.83 -26.73
CA ASN C 239 -11.18 2.14 -27.11
C ASN C 239 -12.11 1.79 -25.95
N ASP C 240 -13.41 1.84 -26.22
CA ASP C 240 -14.43 1.36 -25.30
C ASP C 240 -15.07 0.11 -25.88
N GLU C 241 -15.24 -0.93 -25.05
CA GLU C 241 -16.01 -2.11 -25.41
C GLU C 241 -17.29 -2.11 -24.59
N ILE C 242 -18.41 -2.38 -25.24
CA ILE C 242 -19.74 -2.24 -24.63
C ILE C 242 -20.43 -3.59 -24.67
N ILE C 243 -21.00 -3.99 -23.52
CA ILE C 243 -21.92 -5.13 -23.43
C ILE C 243 -23.23 -4.58 -22.89
N VAL C 244 -24.29 -4.67 -23.70
CA VAL C 244 -25.64 -4.31 -23.28
C VAL C 244 -26.35 -5.60 -22.86
N VAL C 245 -26.91 -5.59 -21.65
CA VAL C 245 -27.64 -6.74 -21.12
C VAL C 245 -29.04 -6.30 -20.73
N GLY C 246 -30.04 -7.01 -21.23
CA GLY C 246 -31.41 -6.71 -20.93
C GLY C 246 -32.29 -7.91 -21.20
N ASN C 247 -33.58 -7.65 -21.40
CA ASN C 247 -34.53 -8.68 -21.76
C ASN C 247 -35.27 -8.25 -23.03
N SER C 248 -35.62 -9.24 -23.84
CA SER C 248 -36.23 -9.00 -25.13
C SER C 248 -37.31 -10.03 -25.39
N THR C 249 -38.34 -9.63 -26.14
CA THR C 249 -39.35 -10.58 -26.58
C THR C 249 -38.77 -11.57 -27.58
N ASN C 250 -37.68 -11.22 -28.24
CA ASN C 250 -37.04 -12.09 -29.23
C ASN C 250 -35.94 -12.92 -28.61
N SER C 251 -36.16 -13.43 -27.40
CA SER C 251 -35.17 -14.25 -26.70
C SER C 251 -35.80 -15.56 -26.26
N ALA C 252 -35.05 -16.65 -26.47
CA ALA C 252 -35.42 -17.97 -26.00
C ALA C 252 -34.59 -18.38 -24.80
N SER C 253 -33.96 -17.43 -24.13
CA SER C 253 -33.12 -17.72 -22.98
C SER C 253 -33.96 -18.23 -21.82
N ASP C 254 -33.35 -19.13 -21.02
CA ASP C 254 -33.91 -19.55 -19.75
C ASP C 254 -33.43 -18.67 -18.61
N LEU C 255 -33.00 -17.45 -18.91
CA LEU C 255 -32.52 -16.51 -17.93
C LEU C 255 -33.23 -15.17 -18.11
N VAL C 256 -33.21 -14.37 -17.04
CA VAL C 256 -33.66 -12.99 -17.09
C VAL C 256 -32.64 -12.15 -16.33
N ILE C 257 -32.71 -10.85 -16.53
CA ILE C 257 -31.92 -9.90 -15.78
C ILE C 257 -32.86 -8.87 -15.16
N GLY C 258 -32.58 -8.50 -13.91
CA GLY C 258 -33.24 -7.39 -13.28
C GLY C 258 -32.19 -6.51 -12.62
N HIS C 259 -32.64 -5.35 -12.13
CA HIS C 259 -31.67 -4.46 -11.51
C HIS C 259 -32.37 -3.52 -10.54
N SER C 260 -31.56 -2.88 -9.71
CA SER C 260 -31.93 -1.75 -8.90
C SER C 260 -30.73 -0.81 -8.88
N VAL C 261 -30.74 0.15 -7.97
CA VAL C 261 -29.63 1.09 -7.80
C VAL C 261 -29.35 1.18 -6.31
N MET C 262 -28.13 0.83 -5.90
CA MET C 262 -27.72 1.05 -4.52
C MET C 262 -27.59 2.55 -4.28
N LYS C 263 -28.27 3.04 -3.25
CA LYS C 263 -28.19 4.47 -2.97
C LYS C 263 -26.89 4.86 -2.28
N ASP C 264 -26.26 3.91 -1.59
CA ASP C 264 -24.95 4.10 -0.98
C ASP C 264 -24.30 2.72 -0.87
N ALA C 265 -23.09 2.69 -0.32
CA ALA C 265 -22.29 1.46 -0.34
C ALA C 265 -22.82 0.36 0.57
N ILE C 266 -23.74 0.67 1.49
CA ILE C 266 -24.25 -0.32 2.44
C ILE C 266 -25.73 -0.60 2.23
N ASP C 267 -26.25 -0.34 1.03
CA ASP C 267 -27.69 -0.42 0.74
C ASP C 267 -28.04 -1.87 0.40
N ALA C 268 -28.17 -2.69 1.44
CA ALA C 268 -28.57 -4.07 1.23
C ALA C 268 -29.97 -4.17 0.66
N ASP C 269 -30.83 -3.19 0.97
CA ASP C 269 -32.18 -3.18 0.42
C ASP C 269 -32.16 -3.18 -1.10
N ALA C 270 -31.25 -2.41 -1.70
CA ALA C 270 -31.17 -2.37 -3.16
C ALA C 270 -30.73 -3.73 -3.72
N VAL C 271 -29.88 -4.45 -3.00
CA VAL C 271 -29.49 -5.80 -3.43
C VAL C 271 -30.72 -6.71 -3.49
N ARG C 272 -31.52 -6.70 -2.42
CA ARG C 272 -32.74 -7.52 -2.40
C ARG C 272 -33.72 -7.06 -3.47
N ALA C 273 -33.77 -5.76 -3.74
CA ALA C 273 -34.67 -5.25 -4.78
C ALA C 273 -34.22 -5.74 -6.16
N ALA C 274 -32.92 -5.79 -6.42
CA ALA C 274 -32.43 -6.30 -7.69
C ALA C 274 -32.74 -7.79 -7.82
N LEU C 275 -32.53 -8.56 -6.75
CA LEU C 275 -32.91 -9.98 -6.77
C LEU C 275 -34.39 -10.13 -7.09
N LYS C 276 -35.24 -9.35 -6.43
CA LYS C 276 -36.67 -9.44 -6.67
C LYS C 276 -37.02 -9.06 -8.10
N ASP C 277 -36.35 -8.03 -8.63
CA ASP C 277 -36.58 -7.64 -10.01
C ASP C 277 -36.19 -8.72 -11.00
N ALA C 278 -35.28 -9.62 -10.60
CA ALA C 278 -34.88 -10.76 -11.41
C ALA C 278 -35.66 -12.02 -11.10
N GLY C 279 -36.77 -11.91 -10.37
CA GLY C 279 -37.63 -13.04 -10.09
C GLY C 279 -37.27 -13.85 -8.86
N ILE C 280 -36.27 -13.43 -8.09
CA ILE C 280 -35.85 -14.12 -6.88
C ILE C 280 -36.55 -13.43 -5.71
N ARG C 281 -37.60 -14.08 -5.19
CA ARG C 281 -38.44 -13.45 -4.18
C ARG C 281 -38.21 -13.96 -2.77
N SER C 282 -37.43 -15.02 -2.59
CA SER C 282 -37.17 -15.54 -1.26
C SER C 282 -35.76 -16.12 -1.21
N ASP C 283 -35.25 -16.28 0.01
CA ASP C 283 -33.94 -16.89 0.18
C ASP C 283 -33.87 -18.26 -0.46
N ASP C 284 -35.00 -18.97 -0.49
CA ASP C 284 -35.02 -20.31 -1.09
C ASP C 284 -34.77 -20.28 -2.59
N GLU C 285 -35.08 -19.17 -3.26
CA GLU C 285 -34.84 -19.03 -4.69
C GLU C 285 -33.45 -18.47 -4.99
N MET C 286 -32.59 -18.30 -3.98
CA MET C 286 -31.29 -17.70 -4.18
C MET C 286 -30.40 -18.54 -5.10
N ASP C 287 -30.65 -19.85 -5.15
CA ASP C 287 -29.85 -20.73 -6.00
C ASP C 287 -30.07 -20.46 -7.49
N ARG C 288 -31.03 -19.62 -7.86
CA ARG C 288 -31.20 -19.27 -9.27
C ARG C 288 -30.26 -18.16 -9.72
N ILE C 289 -29.50 -17.56 -8.80
CA ILE C 289 -28.54 -16.54 -9.20
C ILE C 289 -27.52 -17.17 -10.13
N VAL C 290 -27.28 -16.52 -11.26
CA VAL C 290 -26.11 -16.80 -12.08
C VAL C 290 -24.95 -15.89 -11.70
N ASN C 291 -25.20 -14.59 -11.65
CA ASN C 291 -24.25 -13.66 -11.06
C ASN C 291 -24.97 -12.40 -10.64
N VAL C 292 -24.32 -11.65 -9.75
CA VAL C 292 -24.72 -10.30 -9.36
C VAL C 292 -23.61 -9.37 -9.83
N LEU C 293 -23.99 -8.24 -10.44
CA LEU C 293 -23.03 -7.30 -11.02
C LEU C 293 -23.34 -5.92 -10.48
N ALA C 294 -22.33 -5.27 -9.88
CA ALA C 294 -22.58 -4.01 -9.19
C ALA C 294 -21.42 -3.04 -9.31
N LYS C 295 -21.77 -1.76 -9.21
CA LYS C 295 -20.82 -0.66 -9.12
C LYS C 295 -20.77 -0.14 -7.69
N ALA C 296 -19.56 0.25 -7.26
CA ALA C 296 -19.32 0.72 -5.91
C ALA C 296 -18.42 1.94 -5.98
N GLU C 297 -18.58 2.86 -5.03
CA GLU C 297 -17.67 3.99 -5.00
C GLU C 297 -17.69 4.70 -3.66
N ALA C 298 -16.63 5.46 -3.43
CA ALA C 298 -16.57 6.40 -2.31
C ALA C 298 -17.35 7.65 -2.67
N ALA C 299 -18.27 8.06 -1.80
CA ALA C 299 -19.03 9.28 -2.04
C ALA C 299 -18.12 10.49 -1.93
N SER C 300 -18.36 11.49 -2.79
CA SER C 300 -17.52 12.68 -2.78
C SER C 300 -17.60 13.44 -1.45
N SER C 301 -18.69 13.28 -0.69
CA SER C 301 -18.82 13.95 0.59
C SER C 301 -17.86 13.39 1.65
N GLY C 302 -17.26 12.24 1.41
CA GLY C 302 -16.40 11.62 2.40
C GLY C 302 -17.15 10.93 3.52
N THR C 303 -18.43 10.63 3.33
CA THR C 303 -19.26 10.05 4.37
C THR C 303 -20.16 8.98 3.80
N VAL C 304 -20.72 8.16 4.69
CA VAL C 304 -21.81 7.25 4.37
C VAL C 304 -22.85 7.46 5.45
N ARG C 305 -24.06 7.86 5.05
CA ARG C 305 -25.15 8.16 5.99
C ARG C 305 -24.67 9.07 7.13
N GLY C 306 -23.94 10.11 6.76
CA GLY C 306 -23.46 11.08 7.72
C GLY C 306 -22.26 10.66 8.53
N ARG C 307 -21.73 9.47 8.31
CA ARG C 307 -20.62 8.94 9.08
C ARG C 307 -19.35 9.07 8.25
N ARG C 308 -18.33 9.69 8.83
CA ARG C 308 -17.09 9.90 8.09
C ARG C 308 -16.38 8.57 7.83
N ASN C 309 -15.74 8.47 6.67
CA ASN C 309 -14.75 7.43 6.44
C ASN C 309 -13.55 8.05 5.75
N THR C 310 -12.48 7.27 5.66
CA THR C 310 -11.18 7.78 5.22
C THR C 310 -10.85 7.46 3.77
N MET C 311 -11.81 6.93 3.00
N MET C 311 -11.81 6.91 3.02
CA MET C 311 -11.48 6.43 1.67
CA MET C 311 -11.51 6.44 1.67
C MET C 311 -10.82 7.49 0.80
C MET C 311 -10.78 7.50 0.85
N LEU C 312 -11.27 8.74 0.89
CA LEU C 312 -10.72 9.82 0.07
C LEU C 312 -9.48 10.47 0.66
N ASP C 313 -9.16 10.18 1.92
CA ASP C 313 -7.97 10.70 2.57
C ASP C 313 -6.84 9.68 2.67
N ASP C 314 -7.11 8.40 2.35
CA ASP C 314 -6.15 7.35 2.58
C ASP C 314 -5.15 7.32 1.44
N SER C 315 -3.91 7.71 1.73
CA SER C 315 -2.86 7.76 0.72
C SER C 315 -2.21 6.40 0.49
N ASP C 316 -2.54 5.40 1.30
CA ASP C 316 -1.97 4.07 1.13
C ASP C 316 -2.83 3.20 0.20
N ILE C 317 -4.15 3.25 0.37
CA ILE C 317 -5.07 2.40 -0.37
C ILE C 317 -6.02 3.29 -1.14
N ASN C 318 -6.05 3.13 -2.47
CA ASN C 318 -6.89 3.98 -3.29
C ASN C 318 -8.37 3.67 -3.07
N HIS C 319 -9.21 4.69 -3.26
CA HIS C 319 -10.59 4.60 -2.82
C HIS C 319 -11.39 3.56 -3.59
N THR C 320 -11.08 3.30 -4.87
CA THR C 320 -11.84 2.28 -5.59
C THR C 320 -11.57 0.88 -5.04
N ARG C 321 -10.37 0.65 -4.51
CA ARG C 321 -10.09 -0.63 -3.86
C ARG C 321 -10.98 -0.81 -2.64
N SER C 322 -11.07 0.23 -1.81
CA SER C 322 -11.88 0.15 -0.60
C SER C 322 -13.35 -0.02 -0.93
N ALA C 323 -13.86 0.73 -1.90
CA ALA C 323 -15.27 0.63 -2.25
C ALA C 323 -15.63 -0.76 -2.76
N ARG C 324 -14.74 -1.38 -3.54
CA ARG C 324 -15.00 -2.74 -4.03
C ARG C 324 -15.10 -3.74 -2.88
N ALA C 325 -14.16 -3.67 -1.94
CA ALA C 325 -14.22 -4.57 -0.79
C ALA C 325 -15.54 -4.40 -0.06
N VAL C 326 -15.99 -3.16 0.13
CA VAL C 326 -17.18 -2.90 0.92
C VAL C 326 -18.42 -3.45 0.23
N VAL C 327 -18.64 -3.07 -1.03
CA VAL C 327 -19.88 -3.46 -1.69
C VAL C 327 -19.91 -4.96 -1.97
N ASN C 328 -18.77 -5.57 -2.28
CA ASN C 328 -18.77 -7.02 -2.43
C ASN C 328 -19.18 -7.70 -1.13
N ALA C 329 -18.66 -7.22 0.00
CA ALA C 329 -19.02 -7.81 1.28
C ALA C 329 -20.52 -7.66 1.56
N VAL C 330 -21.08 -6.49 1.24
CA VAL C 330 -22.51 -6.28 1.46
C VAL C 330 -23.32 -7.28 0.63
N ILE C 331 -23.03 -7.37 -0.67
CA ILE C 331 -23.73 -8.31 -1.53
C ILE C 331 -23.53 -9.74 -1.03
N ALA C 332 -22.28 -10.09 -0.73
CA ALA C 332 -21.99 -11.45 -0.29
C ALA C 332 -22.80 -11.82 0.94
N SER C 333 -23.01 -10.86 1.85
CA SER C 333 -23.76 -11.16 3.04
C SER C 333 -25.24 -11.35 2.76
N VAL C 334 -25.75 -10.78 1.67
CA VAL C 334 -27.15 -10.96 1.31
C VAL C 334 -27.35 -12.30 0.60
N VAL C 335 -26.47 -12.61 -0.37
CA VAL C 335 -26.66 -13.78 -1.21
C VAL C 335 -25.88 -15.01 -0.75
N GLY C 336 -25.01 -14.87 0.26
CA GLY C 336 -24.26 -15.99 0.79
C GLY C 336 -23.11 -16.47 -0.06
N ASP C 337 -22.55 -15.62 -0.91
CA ASP C 337 -21.56 -16.02 -1.90
C ASP C 337 -20.74 -14.80 -2.29
N PRO C 338 -19.45 -14.76 -2.00
CA PRO C 338 -18.62 -13.61 -2.39
C PRO C 338 -18.16 -13.62 -3.83
N MET C 339 -18.50 -14.64 -4.63
CA MET C 339 -18.09 -14.70 -6.03
C MET C 339 -19.13 -13.97 -6.88
N VAL C 340 -19.12 -12.65 -6.75
CA VAL C 340 -19.98 -11.75 -7.51
C VAL C 340 -19.11 -10.62 -8.06
N TYR C 341 -19.60 -9.99 -9.13
CA TYR C 341 -18.88 -8.95 -9.84
C TYR C 341 -19.15 -7.60 -9.18
N VAL C 342 -18.10 -6.98 -8.64
CA VAL C 342 -18.18 -5.61 -8.13
C VAL C 342 -17.02 -4.80 -8.72
N SER C 343 -17.36 -3.66 -9.33
CA SER C 343 -16.42 -2.76 -9.96
C SER C 343 -16.48 -1.41 -9.27
N GLY C 344 -15.32 -0.79 -9.06
CA GLY C 344 -15.22 0.44 -8.30
C GLY C 344 -15.11 1.66 -9.18
N GLY C 345 -15.54 2.80 -8.64
CA GLY C 345 -15.54 4.04 -9.40
C GLY C 345 -16.81 4.19 -10.20
N ALA C 346 -17.80 4.89 -9.64
CA ALA C 346 -19.16 4.91 -10.17
C ALA C 346 -19.56 6.32 -10.59
N GLU C 347 -18.64 7.03 -11.24
CA GLU C 347 -18.90 8.39 -11.72
C GLU C 347 -20.05 8.37 -12.72
N HIS C 348 -21.12 9.09 -12.40
CA HIS C 348 -22.31 9.16 -13.25
C HIS C 348 -22.99 7.82 -13.42
N GLN C 349 -22.75 6.89 -12.48
CA GLN C 349 -23.36 5.57 -12.46
C GLN C 349 -24.09 5.50 -11.11
N GLY C 350 -25.40 5.64 -11.14
CA GLY C 350 -26.15 5.84 -9.91
C GLY C 350 -25.75 7.16 -9.27
N PRO C 351 -26.29 7.43 -8.09
CA PRO C 351 -25.97 8.69 -7.40
C PRO C 351 -24.53 8.69 -6.89
N ASP C 352 -24.09 9.87 -6.46
CA ASP C 352 -22.77 10.03 -5.86
C ASP C 352 -22.69 9.16 -4.61
N GLY C 353 -21.79 8.18 -4.64
CA GLY C 353 -21.65 7.24 -3.56
C GLY C 353 -22.44 5.96 -3.72
N GLY C 354 -23.23 5.84 -4.78
CA GLY C 354 -23.95 4.62 -5.07
C GLY C 354 -23.65 4.11 -6.46
N GLY C 355 -24.46 3.18 -6.96
CA GLY C 355 -24.21 2.56 -8.25
C GLY C 355 -25.23 1.52 -8.63
N PRO C 356 -25.36 1.25 -9.92
CA PRO C 356 -26.31 0.20 -10.36
C PRO C 356 -25.90 -1.17 -9.86
N ILE C 357 -26.90 -2.04 -9.72
CA ILE C 357 -26.70 -3.43 -9.33
C ILE C 357 -27.71 -4.29 -10.09
N ALA C 358 -27.21 -5.26 -10.85
CA ALA C 358 -28.06 -6.14 -11.64
C ALA C 358 -27.86 -7.59 -11.20
N VAL C 359 -28.88 -8.40 -11.45
CA VAL C 359 -28.87 -9.82 -11.15
C VAL C 359 -29.30 -10.57 -12.40
N ILE C 360 -28.47 -11.51 -12.85
CA ILE C 360 -28.86 -12.46 -13.88
C ILE C 360 -29.27 -13.74 -13.16
N ALA C 361 -30.47 -14.23 -13.46
CA ALA C 361 -31.05 -15.35 -12.73
C ALA C 361 -31.72 -16.32 -13.67
N ARG C 362 -31.70 -17.59 -13.29
CA ARG C 362 -32.48 -18.59 -14.00
C ARG C 362 -33.96 -18.39 -13.71
N VAL C 363 -34.79 -18.67 -14.72
CA VAL C 363 -36.24 -18.56 -14.55
C VAL C 363 -36.73 -19.79 -13.78
N MET D 2 34.49 -22.61 -30.36
CA MET D 2 34.50 -21.44 -29.44
C MET D 2 33.11 -20.91 -29.13
N GLN D 3 32.91 -20.49 -27.89
CA GLN D 3 31.62 -20.00 -27.43
C GLN D 3 31.67 -18.48 -27.53
N LYS D 4 30.61 -17.90 -28.06
CA LYS D 4 30.44 -16.46 -28.17
C LYS D 4 29.14 -16.07 -27.49
N VAL D 5 29.21 -15.22 -26.47
CA VAL D 5 28.04 -14.72 -25.77
C VAL D 5 27.83 -13.26 -26.11
N GLU D 6 26.61 -12.93 -26.51
CA GLU D 6 26.18 -11.55 -26.70
C GLU D 6 25.02 -11.29 -25.76
N VAL D 7 24.99 -10.08 -25.19
CA VAL D 7 24.01 -9.72 -24.18
C VAL D 7 23.40 -8.38 -24.57
N PHE D 8 22.07 -8.31 -24.55
CA PHE D 8 21.33 -7.13 -24.98
C PHE D 8 20.40 -6.70 -23.86
N ARG D 9 20.59 -5.46 -23.38
CA ARG D 9 19.72 -4.86 -22.38
C ARG D 9 18.70 -4.01 -23.13
N ILE D 10 17.42 -4.36 -22.99
CA ILE D 10 16.34 -3.82 -23.82
C ILE D 10 15.32 -3.16 -22.92
N PRO D 11 15.07 -1.85 -23.06
CA PRO D 11 13.98 -1.24 -22.30
C PRO D 11 12.64 -1.80 -22.75
N THR D 12 11.72 -1.92 -21.79
CA THR D 12 10.36 -2.39 -22.06
C THR D 12 9.36 -1.33 -21.62
N ALA D 13 8.24 -1.25 -22.35
CA ALA D 13 7.16 -0.31 -22.06
C ALA D 13 6.08 -0.91 -21.17
N SER D 14 6.10 -2.23 -20.98
CA SER D 14 5.11 -2.93 -20.17
C SER D 14 5.59 -4.36 -20.02
N PRO D 15 4.97 -5.15 -19.15
CA PRO D 15 5.44 -6.53 -18.98
C PRO D 15 5.39 -7.34 -20.27
N ASP D 16 4.40 -7.07 -21.12
CA ASP D 16 4.19 -7.85 -22.34
C ASP D 16 4.87 -7.24 -23.57
N ASP D 17 5.74 -6.25 -23.39
CA ASP D 17 6.36 -5.54 -24.51
C ASP D 17 7.51 -6.37 -25.06
N ILE D 18 7.35 -6.88 -26.28
CA ILE D 18 8.38 -7.61 -26.97
C ILE D 18 8.98 -6.80 -28.11
N SER D 19 8.60 -5.53 -28.24
CA SER D 19 8.93 -4.77 -29.45
C SER D 19 10.43 -4.54 -29.56
N GLY D 20 11.11 -4.28 -28.44
CA GLY D 20 12.54 -4.04 -28.51
C GLY D 20 13.31 -5.27 -28.95
N LEU D 21 12.94 -6.44 -28.41
CA LEU D 21 13.55 -7.68 -28.86
C LEU D 21 13.24 -7.94 -30.32
N ALA D 22 11.98 -7.72 -30.73
CA ALA D 22 11.62 -7.95 -32.13
C ALA D 22 12.45 -7.08 -33.07
N THR D 23 12.74 -5.86 -32.65
CA THR D 23 13.56 -4.97 -33.50
C THR D 23 14.94 -5.56 -33.72
N LEU D 24 15.55 -6.10 -32.66
CA LEU D 24 16.87 -6.71 -32.80
C LEU D 24 16.81 -7.98 -33.63
N ILE D 25 15.72 -8.73 -33.55
CA ILE D 25 15.57 -9.91 -34.40
C ILE D 25 15.35 -9.51 -35.85
N ASP D 26 14.44 -8.58 -36.09
CA ASP D 26 14.11 -8.23 -37.47
C ASP D 26 15.29 -7.58 -38.20
N SER D 27 16.21 -6.96 -37.47
CA SER D 27 17.38 -6.36 -38.09
C SER D 27 18.52 -7.34 -38.29
N GLY D 28 18.39 -8.57 -37.81
CA GLY D 28 19.43 -9.55 -37.92
C GLY D 28 20.45 -9.53 -36.80
N LYS D 29 20.29 -8.67 -35.80
CA LYS D 29 21.25 -8.65 -34.71
C LYS D 29 21.11 -9.84 -33.77
N ILE D 30 19.90 -10.38 -33.65
CA ILE D 30 19.64 -11.53 -32.80
C ILE D 30 19.00 -12.62 -33.65
N ASN D 31 19.65 -13.78 -33.72
CA ASN D 31 19.02 -14.99 -34.23
C ASN D 31 18.24 -15.59 -33.07
N PRO D 32 16.91 -15.63 -33.14
CA PRO D 32 16.14 -16.12 -31.98
C PRO D 32 16.48 -17.54 -31.58
N ALA D 33 16.98 -18.36 -32.50
CA ALA D 33 17.36 -19.73 -32.14
C ALA D 33 18.56 -19.77 -31.21
N GLU D 34 19.30 -18.67 -31.07
CA GLU D 34 20.50 -18.63 -30.25
C GLU D 34 20.26 -18.00 -28.87
N ILE D 35 19.05 -17.52 -28.61
CA ILE D 35 18.72 -17.05 -27.28
C ILE D 35 18.72 -18.24 -26.32
N VAL D 36 19.42 -18.10 -25.20
CA VAL D 36 19.44 -19.13 -24.18
C VAL D 36 18.80 -18.69 -22.87
N ALA D 37 18.68 -17.39 -22.63
CA ALA D 37 18.12 -16.91 -21.37
C ALA D 37 17.69 -15.48 -21.53
N ILE D 38 16.62 -15.11 -20.84
CA ILE D 38 16.14 -13.73 -20.74
C ILE D 38 15.91 -13.45 -19.27
N LEU D 39 16.56 -12.41 -18.75
CA LEU D 39 16.45 -12.00 -17.36
C LEU D 39 15.76 -10.65 -17.34
N GLY D 40 14.58 -10.59 -16.71
CA GLY D 40 13.74 -9.42 -16.78
C GLY D 40 13.53 -8.76 -15.43
N LYS D 41 13.35 -7.44 -15.46
CA LYS D 41 12.75 -6.66 -14.38
C LYS D 41 11.36 -6.29 -14.88
N THR D 42 10.33 -6.80 -14.22
CA THR D 42 8.94 -6.54 -14.57
C THR D 42 8.30 -5.71 -13.46
N GLU D 43 7.34 -4.87 -13.84
CA GLU D 43 6.92 -3.74 -13.01
C GLU D 43 5.78 -4.07 -12.05
N GLY D 44 5.53 -5.34 -11.76
CA GLY D 44 4.66 -5.71 -10.67
C GLY D 44 5.35 -5.43 -9.34
N ASN D 45 4.72 -5.92 -8.26
CA ASN D 45 5.21 -5.59 -6.92
C ASN D 45 6.37 -6.48 -6.47
N GLY D 46 6.76 -7.48 -7.26
CA GLY D 46 7.90 -8.30 -6.91
C GLY D 46 7.70 -9.19 -5.71
N CYS D 47 6.48 -9.33 -5.21
CA CYS D 47 6.20 -10.13 -4.02
C CYS D 47 5.35 -11.34 -4.40
N VAL D 48 4.36 -11.69 -3.57
CA VAL D 48 3.59 -12.91 -3.82
C VAL D 48 2.65 -12.71 -5.01
N ASN D 49 1.79 -11.71 -4.93
CA ASN D 49 0.78 -11.47 -5.96
C ASN D 49 1.32 -10.54 -7.06
N ASP D 50 2.40 -10.97 -7.69
CA ASP D 50 2.96 -10.29 -8.84
C ASP D 50 2.74 -11.20 -10.05
N PHE D 51 1.83 -10.81 -10.92
CA PHE D 51 1.53 -11.57 -12.13
C PHE D 51 2.20 -10.99 -13.37
N THR D 52 2.94 -9.89 -13.23
CA THR D 52 3.69 -9.37 -14.38
C THR D 52 4.80 -10.32 -14.77
N ARG D 53 5.30 -11.11 -13.82
CA ARG D 53 6.34 -12.09 -14.12
C ARG D 53 5.82 -13.12 -15.12
N GLY D 54 4.67 -13.73 -14.80
CA GLY D 54 4.09 -14.69 -15.72
C GLY D 54 3.61 -14.07 -17.01
N PHE D 55 3.05 -12.86 -16.92
CA PHE D 55 2.61 -12.14 -18.12
C PHE D 55 3.78 -11.90 -19.07
N ALA D 56 4.92 -11.49 -18.52
CA ALA D 56 6.10 -11.26 -19.35
C ALA D 56 6.61 -12.55 -19.98
N THR D 57 6.69 -13.63 -19.19
CA THR D 57 7.15 -14.90 -19.74
C THR D 57 6.19 -15.39 -20.81
N GLN D 58 4.89 -15.34 -20.54
CA GLN D 58 3.93 -15.80 -21.53
C GLN D 58 4.07 -15.02 -22.84
N SER D 59 4.24 -13.70 -22.74
CA SER D 59 4.35 -12.88 -23.94
C SER D 59 5.61 -13.21 -24.72
N LEU D 60 6.75 -13.36 -24.03
CA LEU D 60 7.99 -13.68 -24.71
C LEU D 60 7.93 -15.08 -25.31
N ALA D 61 7.37 -16.04 -24.57
CA ALA D 61 7.28 -17.41 -25.08
C ALA D 61 6.39 -17.48 -26.31
N MET D 62 5.26 -16.75 -26.29
N MET D 62 5.29 -16.71 -26.31
CA MET D 62 4.39 -16.69 -27.45
CA MET D 62 4.39 -16.72 -27.47
C MET D 62 5.16 -16.12 -28.64
C MET D 62 5.05 -16.06 -28.67
N TYR D 63 5.78 -14.97 -28.45
CA TYR D 63 6.48 -14.32 -29.55
C TYR D 63 7.57 -15.22 -30.12
N LEU D 64 8.43 -15.77 -29.26
CA LEU D 64 9.53 -16.60 -29.74
C LEU D 64 9.03 -17.91 -30.35
N ALA D 65 7.98 -18.50 -29.76
CA ALA D 65 7.44 -19.72 -30.33
C ALA D 65 7.00 -19.50 -31.77
N GLU D 66 6.34 -18.37 -32.04
CA GLU D 66 5.89 -18.08 -33.39
C GLU D 66 7.04 -17.72 -34.32
N LYS D 67 8.07 -17.05 -33.80
CA LYS D 67 9.22 -16.74 -34.64
C LYS D 67 10.00 -18.01 -34.99
N LEU D 68 10.07 -18.95 -34.06
CA LEU D 68 10.84 -20.18 -34.25
C LEU D 68 10.01 -21.32 -34.84
N GLY D 69 8.70 -21.16 -34.94
CA GLY D 69 7.87 -22.21 -35.48
C GLY D 69 7.79 -23.43 -34.59
N ILE D 70 7.87 -23.24 -33.28
CA ILE D 70 7.75 -24.31 -32.31
C ILE D 70 6.67 -23.92 -31.31
N SER D 71 6.38 -24.82 -30.38
CA SER D 71 5.34 -24.55 -29.40
C SER D 71 5.90 -23.71 -28.25
N ARG D 72 5.00 -23.00 -27.58
CA ARG D 72 5.39 -22.25 -26.39
C ARG D 72 6.00 -23.18 -25.35
N GLU D 73 5.45 -24.39 -25.21
CA GLU D 73 6.00 -25.35 -24.26
C GLU D 73 7.46 -25.66 -24.58
N GLU D 74 7.80 -25.82 -25.87
CA GLU D 74 9.18 -26.11 -26.24
C GLU D 74 10.08 -24.90 -25.97
N VAL D 75 9.58 -23.69 -26.20
CA VAL D 75 10.39 -22.50 -25.93
C VAL D 75 10.78 -22.45 -24.47
N VAL D 76 9.83 -22.68 -23.55
CA VAL D 76 10.12 -22.58 -22.12
C VAL D 76 11.06 -23.69 -21.67
N LYS D 77 11.05 -24.83 -22.36
CA LYS D 77 12.02 -25.87 -22.07
C LYS D 77 13.42 -25.54 -22.58
N LYS D 78 13.51 -24.62 -23.55
CA LYS D 78 14.76 -24.32 -24.25
C LYS D 78 15.41 -23.05 -23.76
N VAL D 79 14.64 -22.07 -23.30
CA VAL D 79 15.13 -20.76 -22.92
C VAL D 79 14.78 -20.54 -21.47
N ALA D 80 15.76 -20.12 -20.68
CA ALA D 80 15.49 -19.74 -19.30
C ALA D 80 14.80 -18.39 -19.29
N PHE D 81 13.65 -18.32 -18.63
CA PHE D 81 12.90 -17.09 -18.44
C PHE D 81 12.88 -16.81 -16.94
N ILE D 82 13.64 -15.82 -16.51
CA ILE D 82 13.76 -15.44 -15.12
C ILE D 82 13.27 -14.01 -15.03
N MET D 83 12.05 -13.83 -14.55
CA MET D 83 11.41 -12.52 -14.44
C MET D 83 11.40 -12.11 -12.99
N SER D 84 12.17 -11.08 -12.66
CA SER D 84 12.25 -10.52 -11.31
C SER D 84 11.30 -9.33 -11.24
N GLY D 85 10.24 -9.47 -10.45
CA GLY D 85 9.30 -8.38 -10.29
C GLY D 85 9.85 -7.27 -9.41
N GLY D 86 9.12 -6.17 -9.37
CA GLY D 86 9.47 -5.04 -8.55
C GLY D 86 10.40 -4.07 -9.24
N THR D 87 9.86 -2.95 -9.70
CA THR D 87 10.66 -1.88 -10.29
C THR D 87 10.35 -0.61 -9.50
N GLU D 88 10.76 -0.59 -8.23
CA GLU D 88 10.45 0.51 -7.33
C GLU D 88 11.43 1.66 -7.54
N GLY D 89 11.10 2.80 -6.95
CA GLY D 89 11.96 3.96 -7.09
C GLY D 89 12.06 4.37 -8.54
N VAL D 90 13.30 4.56 -9.00
CA VAL D 90 13.56 4.92 -10.39
C VAL D 90 13.94 3.74 -11.25
N MET D 91 13.90 2.51 -10.72
CA MET D 91 14.36 1.35 -11.47
C MET D 91 13.53 1.17 -12.74
N THR D 92 14.22 1.03 -13.87
CA THR D 92 13.55 1.04 -15.17
C THR D 92 13.26 -0.37 -15.63
N PRO D 93 12.01 -0.70 -15.95
CA PRO D 93 11.73 -2.04 -16.48
C PRO D 93 12.50 -2.30 -17.77
N HIS D 94 12.99 -3.53 -17.91
CA HIS D 94 13.81 -3.93 -19.04
C HIS D 94 13.98 -5.44 -19.01
N ILE D 95 14.49 -5.98 -20.13
CA ILE D 95 14.90 -7.37 -20.21
C ILE D 95 16.36 -7.42 -20.66
N THR D 96 17.07 -8.43 -20.18
CA THR D 96 18.44 -8.73 -20.61
C THR D 96 18.43 -10.06 -21.33
N VAL D 97 18.78 -10.04 -22.61
CA VAL D 97 18.72 -11.21 -23.47
C VAL D 97 20.12 -11.75 -23.63
N PHE D 98 20.30 -13.04 -23.31
CA PHE D 98 21.59 -13.72 -23.45
C PHE D 98 21.55 -14.57 -24.71
N VAL D 99 22.48 -14.29 -25.63
CA VAL D 99 22.62 -15.02 -26.88
C VAL D 99 23.96 -15.74 -26.84
N ARG D 100 23.97 -17.01 -27.24
CA ARG D 100 25.17 -17.82 -27.28
C ARG D 100 25.32 -18.38 -28.68
N LYS D 101 26.46 -18.07 -29.32
CA LYS D 101 26.77 -18.53 -30.66
C LYS D 101 28.05 -19.35 -30.65
N ASP D 102 28.10 -20.38 -31.49
CA ASP D 102 29.35 -21.05 -31.80
C ASP D 102 29.99 -20.41 -33.01
N VAL D 103 31.22 -19.92 -32.87
CA VAL D 103 32.05 -19.49 -33.99
C VAL D 103 33.47 -19.95 -33.67
N ALA D 104 34.18 -20.47 -34.67
CA ALA D 104 35.59 -20.81 -34.52
C ALA D 104 36.37 -19.57 -34.93
N ALA D 105 36.96 -18.88 -33.95
CA ALA D 105 37.66 -17.64 -34.22
C ALA D 105 38.59 -17.35 -33.05
N PRO D 106 39.53 -16.40 -33.22
CA PRO D 106 40.44 -16.01 -32.13
C PRO D 106 39.70 -15.32 -30.98
N PRO D 109 41.44 -15.10 -26.40
CA PRO D 109 42.51 -14.41 -25.67
C PRO D 109 42.09 -14.16 -24.22
N GLY D 110 42.67 -14.92 -23.29
CA GLY D 110 42.27 -14.78 -21.90
C GLY D 110 40.96 -15.50 -21.63
N LYS D 111 40.19 -14.95 -20.70
CA LYS D 111 38.88 -15.48 -20.35
C LYS D 111 37.81 -14.44 -20.70
N ARG D 112 36.72 -14.91 -21.27
CA ARG D 112 35.64 -14.05 -21.73
C ARG D 112 34.31 -14.64 -21.31
N LEU D 113 33.25 -13.83 -21.47
CA LEU D 113 31.95 -14.16 -20.93
C LEU D 113 31.47 -15.52 -21.41
N ALA D 114 30.91 -16.30 -20.47
CA ALA D 114 30.35 -17.61 -20.75
C ALA D 114 29.10 -17.80 -19.91
N VAL D 115 28.12 -18.53 -20.46
CA VAL D 115 26.82 -18.70 -19.80
C VAL D 115 26.37 -20.16 -19.90
N GLY D 116 25.72 -20.63 -18.85
CA GLY D 116 25.14 -21.96 -18.84
C GLY D 116 23.78 -21.94 -18.17
N VAL D 117 22.92 -22.87 -18.57
CA VAL D 117 21.54 -22.93 -18.11
C VAL D 117 21.21 -24.34 -17.66
N ALA D 118 20.40 -24.44 -16.59
CA ALA D 118 19.91 -25.73 -16.11
C ALA D 118 18.62 -25.51 -15.34
N PHE D 119 17.73 -26.51 -15.39
CA PHE D 119 16.47 -26.50 -14.68
C PHE D 119 16.41 -27.66 -13.70
N THR D 120 15.76 -27.44 -12.56
CA THR D 120 15.49 -28.50 -11.61
C THR D 120 14.12 -29.14 -11.87
N ARG D 121 13.87 -30.25 -11.19
CA ARG D 121 12.53 -30.83 -11.15
C ARG D 121 11.57 -29.89 -10.42
N ASP D 122 10.28 -30.13 -10.63
CA ASP D 122 9.27 -29.45 -9.83
C ASP D 122 9.37 -29.90 -8.38
N PHE D 123 9.07 -28.99 -7.47
CA PHE D 123 9.10 -29.26 -6.04
C PHE D 123 7.67 -29.32 -5.50
N LEU D 124 7.43 -30.27 -4.60
CA LEU D 124 6.21 -30.26 -3.82
C LEU D 124 6.25 -29.06 -2.87
N PRO D 125 5.09 -28.53 -2.48
CA PRO D 125 5.10 -27.38 -1.56
C PRO D 125 5.94 -27.63 -0.31
N GLU D 126 5.84 -28.82 0.28
CA GLU D 126 6.56 -29.16 1.51
C GLU D 126 8.06 -29.34 1.30
N GLU D 127 8.56 -29.24 0.07
CA GLU D 127 9.99 -29.33 -0.18
C GLU D 127 10.67 -27.98 -0.28
N LEU D 128 9.92 -26.89 -0.47
CA LEU D 128 10.52 -25.58 -0.57
C LEU D 128 11.17 -25.17 0.74
N GLY D 129 12.32 -24.51 0.65
CA GLY D 129 13.04 -24.03 1.82
C GLY D 129 13.73 -25.11 2.62
N ARG D 130 13.90 -26.31 2.06
CA ARG D 130 14.48 -27.44 2.77
C ARG D 130 15.53 -28.11 1.89
N MET D 131 16.20 -29.11 2.47
CA MET D 131 17.36 -29.70 1.80
C MET D 131 16.99 -30.28 0.44
N GLU D 132 15.73 -30.71 0.26
CA GLU D 132 15.33 -31.19 -1.06
C GLU D 132 15.58 -30.13 -2.12
N GLN D 133 15.26 -28.88 -1.82
CA GLN D 133 15.52 -27.79 -2.77
C GLN D 133 17.00 -27.45 -2.83
N VAL D 134 17.67 -27.42 -1.67
CA VAL D 134 19.10 -27.14 -1.65
C VAL D 134 19.85 -28.11 -2.56
N ASN D 135 19.66 -29.40 -2.36
CA ASN D 135 20.48 -30.40 -3.05
C ASN D 135 20.16 -30.48 -4.53
N GLU D 136 18.88 -30.35 -4.90
CA GLU D 136 18.52 -30.39 -6.31
C GLU D 136 19.06 -29.16 -7.04
N VAL D 137 19.02 -28.00 -6.40
CA VAL D 137 19.61 -26.79 -6.99
C VAL D 137 21.12 -26.95 -7.14
N ALA D 138 21.78 -27.47 -6.10
CA ALA D 138 23.22 -27.65 -6.17
C ALA D 138 23.61 -28.49 -7.38
N ARG D 139 22.89 -29.59 -7.61
CA ARG D 139 23.16 -30.41 -8.79
C ARG D 139 22.94 -29.62 -10.07
N ALA D 140 21.86 -28.85 -10.14
CA ALA D 140 21.56 -28.10 -11.36
C ALA D 140 22.60 -27.01 -11.62
N VAL D 141 23.15 -26.40 -10.57
CA VAL D 141 24.21 -25.40 -10.75
C VAL D 141 25.43 -26.03 -11.40
N LYS D 142 25.86 -27.20 -10.91
CA LYS D 142 26.95 -27.90 -11.57
C LYS D 142 26.58 -28.22 -13.01
N GLU D 143 25.32 -28.60 -13.23
CA GLU D 143 24.85 -28.85 -14.58
C GLU D 143 25.03 -27.62 -15.45
N ALA D 144 24.67 -26.45 -14.93
CA ALA D 144 24.79 -25.20 -15.66
C ALA D 144 26.25 -24.81 -15.85
N MET D 145 27.09 -25.06 -14.85
CA MET D 145 28.51 -24.74 -15.00
C MET D 145 29.13 -25.48 -16.17
N LYS D 146 28.80 -26.77 -16.32
CA LYS D 146 29.34 -27.55 -17.41
C LYS D 146 28.82 -27.01 -18.74
N ASP D 147 27.52 -26.73 -18.81
CA ASP D 147 26.93 -26.14 -20.01
C ASP D 147 27.68 -24.89 -20.42
N ALA D 148 28.19 -24.12 -19.44
CA ALA D 148 28.97 -22.93 -19.72
C ALA D 148 30.44 -23.22 -19.98
N GLN D 149 30.88 -24.47 -19.81
CA GLN D 149 32.29 -24.83 -19.99
C GLN D 149 33.19 -24.06 -19.02
N ILE D 150 32.75 -23.95 -17.78
CA ILE D 150 33.52 -23.37 -16.68
C ILE D 150 33.87 -24.50 -15.72
N ASP D 151 35.16 -24.77 -15.55
CA ASP D 151 35.62 -25.82 -14.66
C ASP D 151 36.04 -25.29 -13.30
N ASP D 152 36.44 -24.02 -13.21
CA ASP D 152 36.91 -23.43 -11.97
C ASP D 152 35.77 -22.66 -11.34
N PRO D 153 35.29 -23.03 -10.15
CA PRO D 153 34.20 -22.26 -9.52
C PRO D 153 34.59 -20.81 -9.25
N ARG D 154 35.89 -20.51 -9.15
CA ARG D 154 36.31 -19.13 -8.95
C ARG D 154 35.99 -18.25 -10.15
N ASP D 155 35.71 -18.86 -11.30
CA ASP D 155 35.38 -18.12 -12.51
C ASP D 155 33.88 -17.88 -12.68
N VAL D 156 33.07 -18.29 -11.72
CA VAL D 156 31.65 -17.98 -11.73
C VAL D 156 31.48 -16.65 -11.00
N HIS D 157 30.85 -15.68 -11.68
CA HIS D 157 30.70 -14.34 -11.17
C HIS D 157 29.25 -13.97 -10.88
N PHE D 158 28.29 -14.78 -11.31
CA PHE D 158 26.88 -14.53 -11.04
C PHE D 158 26.10 -15.80 -11.36
N VAL D 159 25.24 -16.24 -10.43
CA VAL D 159 24.35 -17.38 -10.64
C VAL D 159 22.94 -16.90 -10.34
N GLN D 160 22.15 -16.68 -11.39
CA GLN D 160 20.81 -16.12 -11.26
C GLN D 160 19.80 -17.26 -11.27
N ILE D 161 18.88 -17.25 -10.30
CA ILE D 161 17.92 -18.34 -10.12
C ILE D 161 16.52 -17.76 -9.95
N LYS D 162 15.55 -18.40 -10.59
CA LYS D 162 14.14 -18.21 -10.29
C LYS D 162 13.64 -19.44 -9.55
N CYS D 163 12.89 -19.22 -8.48
CA CYS D 163 12.43 -20.34 -7.65
C CYS D 163 10.98 -20.13 -7.23
N PRO D 164 10.31 -21.16 -6.73
CA PRO D 164 8.87 -21.07 -6.45
C PRO D 164 8.61 -20.39 -5.11
N LEU D 165 7.33 -20.30 -4.76
CA LEU D 165 6.88 -19.79 -3.47
C LEU D 165 5.64 -20.54 -3.06
N LEU D 166 5.14 -20.25 -1.87
CA LEU D 166 3.90 -20.83 -1.37
C LEU D 166 2.79 -19.80 -1.43
N THR D 167 1.64 -20.20 -1.97
CA THR D 167 0.41 -19.44 -1.87
C THR D 167 -0.48 -20.09 -0.83
N ALA D 168 -1.47 -19.33 -0.37
CA ALA D 168 -2.45 -19.90 0.57
C ALA D 168 -3.04 -21.17 0.01
N GLU D 169 -3.29 -21.19 -1.30
CA GLU D 169 -3.90 -22.35 -1.92
C GLU D 169 -3.01 -23.58 -1.85
N ARG D 170 -1.70 -23.41 -2.05
CA ARG D 170 -0.76 -24.52 -2.02
C ARG D 170 -0.53 -25.00 -0.58
N ILE D 171 -0.44 -24.07 0.36
CA ILE D 171 -0.32 -24.42 1.77
C ILE D 171 -1.52 -25.25 2.22
N GLU D 172 -2.73 -24.80 1.84
CA GLU D 172 -3.93 -25.52 2.24
C GLU D 172 -4.01 -26.89 1.60
N ASP D 173 -3.57 -27.00 0.34
CA ASP D 173 -3.52 -28.31 -0.30
C ASP D 173 -2.55 -29.23 0.43
N ALA D 174 -1.35 -28.70 0.76
CA ALA D 174 -0.41 -29.48 1.57
C ALA D 174 -1.07 -29.90 2.88
N LYS D 175 -1.80 -28.98 3.51
CA LYS D 175 -2.52 -29.31 4.74
C LYS D 175 -3.47 -30.48 4.53
N ARG D 176 -4.20 -30.48 3.41
CA ARG D 176 -5.12 -31.57 3.11
C ARG D 176 -4.40 -32.89 2.85
N ARG D 177 -3.19 -32.85 2.28
CA ARG D 177 -2.41 -34.05 2.04
C ARG D 177 -1.64 -34.53 3.27
N GLY D 178 -1.80 -33.87 4.41
CA GLY D 178 -1.13 -34.30 5.61
C GLY D 178 0.33 -33.91 5.70
N LYS D 179 0.75 -32.87 4.99
CA LYS D 179 2.14 -32.43 4.93
C LYS D 179 2.26 -31.05 5.55
N ASP D 180 3.39 -30.82 6.22
CA ASP D 180 3.69 -29.52 6.80
C ASP D 180 4.68 -28.78 5.92
N VAL D 181 4.41 -27.49 5.70
CA VAL D 181 5.29 -26.64 4.92
C VAL D 181 6.31 -25.98 5.83
N VAL D 182 7.37 -25.44 5.22
CA VAL D 182 8.45 -24.84 5.99
C VAL D 182 7.97 -23.63 6.78
N VAL D 183 7.03 -22.87 6.21
CA VAL D 183 6.46 -21.71 6.88
C VAL D 183 5.04 -21.48 6.37
N ASN D 184 4.15 -21.10 7.28
CA ASN D 184 2.74 -20.87 6.95
C ASN D 184 2.48 -19.40 6.65
N ASP D 185 3.28 -18.84 5.75
CA ASP D 185 3.19 -17.42 5.40
C ASP D 185 3.65 -17.27 3.97
N THR D 186 2.80 -16.70 3.12
CA THR D 186 3.10 -16.69 1.69
C THR D 186 4.32 -15.82 1.39
N TYR D 187 4.38 -14.61 1.98
CA TYR D 187 5.51 -13.73 1.69
C TYR D 187 6.80 -14.32 2.26
N LYS D 188 6.74 -14.84 3.48
CA LYS D 188 7.92 -15.45 4.08
C LYS D 188 8.39 -16.69 3.31
N SER D 189 7.46 -17.40 2.68
CA SER D 189 7.88 -18.57 1.90
C SER D 189 8.86 -18.18 0.81
N MET D 190 8.75 -16.96 0.27
CA MET D 190 9.71 -16.49 -0.71
C MET D 190 11.12 -16.46 -0.14
N ALA D 191 11.26 -16.05 1.13
CA ALA D 191 12.58 -16.00 1.74
C ALA D 191 13.17 -17.40 1.89
N TYR D 192 12.36 -18.38 2.30
CA TYR D 192 12.88 -19.73 2.46
C TYR D 192 13.26 -20.34 1.12
N SER D 193 12.46 -20.08 0.08
CA SER D 193 12.79 -20.58 -1.25
C SER D 193 14.05 -19.90 -1.78
N ARG D 194 14.12 -18.57 -1.65
CA ARG D 194 15.30 -17.86 -2.12
C ARG D 194 16.55 -18.35 -1.39
N GLY D 195 16.45 -18.51 -0.07
CA GLY D 195 17.63 -18.83 0.71
C GLY D 195 18.11 -20.25 0.47
N ALA D 196 17.17 -21.21 0.44
CA ALA D 196 17.53 -22.58 0.11
C ALA D 196 18.18 -22.68 -1.26
N SER D 197 17.62 -21.98 -2.25
CA SER D 197 18.23 -21.97 -3.58
C SER D 197 19.64 -21.39 -3.53
N ALA D 198 19.82 -20.30 -2.78
CA ALA D 198 21.13 -19.67 -2.67
C ALA D 198 22.14 -20.60 -2.01
N LEU D 199 21.73 -21.28 -0.94
CA LEU D 199 22.61 -22.27 -0.32
C LEU D 199 22.93 -23.39 -1.30
N GLY D 200 22.02 -23.70 -2.21
CA GLY D 200 22.32 -24.67 -3.24
C GLY D 200 23.45 -24.20 -4.14
N VAL D 201 23.48 -22.91 -4.46
CA VAL D 201 24.59 -22.36 -5.23
C VAL D 201 25.89 -22.49 -4.44
N ALA D 202 25.87 -22.02 -3.19
CA ALA D 202 27.07 -22.09 -2.37
C ALA D 202 27.56 -23.53 -2.23
N LEU D 203 26.64 -24.48 -2.09
CA LEU D 203 27.01 -25.88 -1.98
C LEU D 203 27.70 -26.36 -3.25
N ALA D 204 27.08 -26.10 -4.40
CA ALA D 204 27.65 -26.58 -5.67
C ALA D 204 28.99 -25.92 -5.97
N LEU D 205 29.17 -24.66 -5.58
CA LEU D 205 30.38 -23.93 -5.94
C LEU D 205 31.52 -24.13 -4.95
N GLY D 206 31.30 -24.89 -3.87
CA GLY D 206 32.32 -25.07 -2.87
C GLY D 206 32.54 -23.90 -1.95
N GLU D 207 31.62 -22.93 -1.92
CA GLU D 207 31.77 -21.80 -1.01
C GLU D 207 31.50 -22.21 0.43
N ILE D 208 30.69 -23.23 0.65
CA ILE D 208 30.39 -23.77 1.97
C ILE D 208 30.37 -25.29 1.85
N SER D 209 30.84 -25.97 2.89
CA SER D 209 30.86 -27.43 2.88
C SER D 209 29.49 -27.97 3.29
N ALA D 210 29.15 -29.13 2.74
CA ALA D 210 27.81 -29.69 2.92
C ALA D 210 27.47 -29.91 4.39
N ASP D 211 28.46 -30.26 5.20
CA ASP D 211 28.18 -30.54 6.61
C ASP D 211 27.70 -29.30 7.37
N LYS D 212 27.83 -28.11 6.79
CA LYS D 212 27.36 -26.90 7.44
C LYS D 212 25.91 -26.57 7.12
N ILE D 213 25.29 -27.28 6.19
CA ILE D 213 23.94 -26.98 5.74
C ILE D 213 22.97 -27.98 6.33
N SER D 214 21.85 -27.50 6.86
CA SER D 214 20.78 -28.34 7.35
C SER D 214 19.48 -27.55 7.23
N ASN D 215 18.35 -28.23 7.40
CA ASN D 215 17.07 -27.53 7.41
C ASN D 215 17.07 -26.43 8.45
N GLU D 216 17.74 -26.65 9.59
CA GLU D 216 17.71 -25.69 10.67
C GLU D 216 18.49 -24.41 10.33
N ALA D 217 19.54 -24.53 9.51
CA ALA D 217 20.36 -23.38 9.15
C ALA D 217 19.71 -22.50 8.09
N ILE D 218 18.77 -23.03 7.31
CA ILE D 218 18.16 -22.28 6.22
C ILE D 218 17.43 -21.08 6.81
N CYS D 219 17.77 -19.89 6.31
CA CYS D 219 17.21 -18.64 6.82
C CYS D 219 17.43 -18.42 8.31
N HIS D 220 18.54 -18.95 8.84
CA HIS D 220 18.88 -18.71 10.25
C HIS D 220 20.36 -18.37 10.45
N ASP D 221 21.25 -19.11 9.81
CA ASP D 221 22.69 -18.88 9.97
C ASP D 221 23.16 -17.98 8.85
N TRP D 222 23.22 -16.67 9.13
CA TRP D 222 23.63 -15.70 8.12
C TRP D 222 25.13 -15.67 7.89
N ASN D 223 25.92 -16.39 8.68
CA ASN D 223 27.32 -16.56 8.33
C ASN D 223 27.49 -17.39 7.07
N LEU D 224 26.46 -18.14 6.68
CA LEU D 224 26.53 -18.99 5.50
C LEU D 224 25.94 -18.22 4.33
N TYR D 225 26.77 -17.89 3.35
CA TYR D 225 26.25 -17.23 2.15
C TYR D 225 27.21 -17.41 0.99
N SER D 226 26.63 -17.29 -0.21
CA SER D 226 27.37 -17.25 -1.46
C SER D 226 27.67 -15.81 -1.85
N SER D 227 28.81 -15.61 -2.49
CA SER D 227 29.20 -14.30 -2.98
C SER D 227 28.81 -14.05 -4.44
N VAL D 228 28.11 -14.98 -5.07
CA VAL D 228 27.73 -14.81 -6.48
C VAL D 228 26.29 -15.22 -6.73
N ALA D 229 25.63 -15.81 -5.74
CA ALA D 229 24.27 -16.29 -5.93
C ALA D 229 23.28 -15.13 -5.94
N SER D 230 22.30 -15.23 -6.84
CA SER D 230 21.24 -14.23 -6.98
C SER D 230 19.94 -14.99 -7.25
N THR D 231 19.03 -14.99 -6.27
CA THR D 231 17.82 -15.79 -6.35
C THR D 231 16.57 -14.91 -6.22
N SER D 232 15.50 -15.34 -6.89
CA SER D 232 14.27 -14.57 -7.08
C SER D 232 13.12 -15.55 -7.15
N ALA D 233 11.99 -15.21 -6.51
CA ALA D 233 10.89 -16.15 -6.34
C ALA D 233 9.63 -15.66 -7.06
N GLY D 234 8.78 -16.62 -7.44
CA GLY D 234 7.59 -16.29 -8.21
C GLY D 234 6.53 -17.35 -8.14
N VAL D 235 5.27 -16.92 -8.27
CA VAL D 235 4.15 -17.84 -8.31
C VAL D 235 4.08 -18.60 -9.63
N GLU D 236 4.79 -18.12 -10.66
CA GLU D 236 4.60 -18.60 -12.02
C GLU D 236 5.37 -19.87 -12.36
N LEU D 237 6.06 -20.49 -11.40
CA LEU D 237 6.76 -21.74 -11.67
C LEU D 237 6.80 -22.61 -10.42
N LEU D 238 7.06 -23.90 -10.65
CA LEU D 238 7.16 -24.87 -9.57
C LEU D 238 8.55 -25.46 -9.37
N ASN D 239 9.49 -25.15 -10.26
CA ASN D 239 10.86 -25.64 -10.15
C ASN D 239 11.81 -24.45 -10.03
N ASP D 240 13.10 -24.74 -10.12
CA ASP D 240 14.14 -23.72 -10.15
C ASP D 240 14.77 -23.66 -11.54
N GLU D 241 14.96 -22.44 -12.04
CA GLU D 241 15.71 -22.19 -13.26
C GLU D 241 17.04 -21.55 -12.90
N ILE D 242 18.11 -22.02 -13.53
CA ILE D 242 19.47 -21.65 -13.16
C ILE D 242 20.14 -21.02 -14.37
N ILE D 243 20.77 -19.86 -14.17
CA ILE D 243 21.68 -19.27 -15.14
C ILE D 243 23.03 -19.05 -14.44
N VAL D 244 24.07 -19.75 -14.93
CA VAL D 244 25.44 -19.53 -14.48
C VAL D 244 26.11 -18.58 -15.47
N VAL D 245 26.68 -17.50 -14.94
CA VAL D 245 27.42 -16.52 -15.75
C VAL D 245 28.82 -16.38 -15.17
N GLY D 246 29.82 -16.51 -16.03
CA GLY D 246 31.20 -16.38 -15.62
C GLY D 246 32.08 -16.11 -16.81
N ASN D 247 33.37 -16.42 -16.67
CA ASN D 247 34.32 -16.32 -17.76
C ASN D 247 35.08 -17.63 -17.93
N SER D 248 35.44 -17.94 -19.17
CA SER D 248 36.14 -19.17 -19.52
C SER D 248 37.19 -18.86 -20.58
N THR D 249 38.28 -19.63 -20.58
CA THR D 249 39.34 -19.43 -21.58
C THR D 249 38.89 -19.83 -22.98
N ASN D 250 37.89 -20.70 -23.12
CA ASN D 250 37.41 -21.14 -24.43
C ASN D 250 36.25 -20.29 -24.94
N SER D 251 36.34 -18.97 -24.80
CA SER D 251 35.28 -18.07 -25.24
C SER D 251 35.85 -17.00 -26.16
N ALA D 252 35.09 -16.67 -27.21
CA ALA D 252 35.40 -15.58 -28.11
C ALA D 252 34.52 -14.35 -27.88
N SER D 253 33.89 -14.26 -26.72
CA SER D 253 33.02 -13.13 -26.46
C SER D 253 33.84 -11.84 -26.36
N ASP D 254 33.26 -10.75 -26.86
CA ASP D 254 33.79 -9.41 -26.65
C ASP D 254 33.24 -8.75 -25.39
N LEU D 255 32.79 -9.56 -24.43
CA LEU D 255 32.26 -9.07 -23.17
C LEU D 255 32.98 -9.81 -22.04
N VAL D 256 32.98 -9.20 -20.86
CA VAL D 256 33.46 -9.85 -19.65
C VAL D 256 32.49 -9.53 -18.53
N ILE D 257 32.56 -10.33 -17.46
CA ILE D 257 31.78 -10.11 -16.26
C ILE D 257 32.73 -10.02 -15.08
N GLY D 258 32.48 -9.05 -14.20
CA GLY D 258 33.15 -8.96 -12.93
C GLY D 258 32.12 -8.74 -11.83
N HIS D 259 32.58 -8.82 -10.60
CA HIS D 259 31.65 -8.66 -9.49
C HIS D 259 32.36 -8.20 -8.23
N SER D 260 31.56 -7.74 -7.28
CA SER D 260 31.97 -7.51 -5.91
C SER D 260 30.80 -7.90 -5.04
N VAL D 261 30.83 -7.52 -3.77
CA VAL D 261 29.74 -7.79 -2.85
C VAL D 261 29.45 -6.50 -2.09
N MET D 262 28.23 -6.01 -2.19
CA MET D 262 27.81 -4.86 -1.38
C MET D 262 27.76 -5.29 0.07
N LYS D 263 28.48 -4.57 0.94
CA LYS D 263 28.47 -4.91 2.35
C LYS D 263 27.16 -4.49 3.01
N ASP D 264 26.50 -3.47 2.46
CA ASP D 264 25.19 -3.03 2.89
C ASP D 264 24.52 -2.33 1.73
N ALA D 265 23.31 -1.84 1.97
CA ALA D 265 22.47 -1.33 0.89
C ALA D 265 22.98 -0.02 0.29
N ILE D 266 23.90 0.67 0.96
CA ILE D 266 24.40 1.95 0.48
C ILE D 266 25.88 1.89 0.11
N ASP D 267 26.36 0.69 -0.20
CA ASP D 267 27.79 0.44 -0.42
C ASP D 267 28.15 0.77 -1.86
N ALA D 268 28.28 2.08 -2.13
CA ALA D 268 28.69 2.53 -3.45
C ALA D 268 30.12 2.10 -3.78
N ASP D 269 30.96 1.91 -2.76
CA ASP D 269 32.32 1.42 -3.02
C ASP D 269 32.29 0.06 -3.69
N ALA D 270 31.38 -0.83 -3.26
CA ALA D 270 31.28 -2.14 -3.87
C ALA D 270 30.81 -2.05 -5.32
N VAL D 271 29.94 -1.08 -5.62
CA VAL D 271 29.55 -0.85 -7.02
C VAL D 271 30.78 -0.49 -7.84
N ARG D 272 31.59 0.44 -7.33
CA ARG D 272 32.80 0.83 -8.04
C ARG D 272 33.78 -0.33 -8.15
N ALA D 273 33.87 -1.15 -7.10
CA ALA D 273 34.75 -2.33 -7.17
C ALA D 273 34.26 -3.32 -8.23
N ALA D 274 32.94 -3.51 -8.33
CA ALA D 274 32.41 -4.40 -9.35
C ALA D 274 32.70 -3.89 -10.76
N LEU D 275 32.53 -2.58 -10.97
CA LEU D 275 32.87 -1.99 -12.26
C LEU D 275 34.33 -2.25 -12.60
N LYS D 276 35.23 -2.04 -11.63
CA LYS D 276 36.66 -2.23 -11.88
C LYS D 276 36.97 -3.70 -12.16
N ASP D 277 36.30 -4.62 -11.46
CA ASP D 277 36.54 -6.03 -11.73
C ASP D 277 36.12 -6.41 -13.14
N ALA D 278 35.20 -5.65 -13.73
CA ALA D 278 34.78 -5.84 -15.12
C ALA D 278 35.54 -4.95 -16.09
N GLY D 279 36.63 -4.32 -15.65
CA GLY D 279 37.46 -3.53 -16.53
C GLY D 279 37.08 -2.08 -16.70
N ILE D 280 36.09 -1.58 -15.98
CA ILE D 280 35.68 -0.18 -16.05
C ILE D 280 36.38 0.53 -14.89
N ARG D 281 37.43 1.28 -15.21
CA ARG D 281 38.31 1.86 -14.20
C ARG D 281 38.09 3.36 -14.01
N SER D 282 37.32 4.00 -14.88
CA SER D 282 37.08 5.44 -14.75
C SER D 282 35.67 5.74 -15.22
N ASP D 283 35.18 6.92 -14.83
CA ASP D 283 33.83 7.33 -15.23
C ASP D 283 33.70 7.39 -16.74
N ASP D 284 34.79 7.69 -17.47
CA ASP D 284 34.68 7.81 -18.91
C ASP D 284 34.36 6.47 -19.57
N GLU D 285 34.73 5.36 -18.93
CA GLU D 285 34.46 4.03 -19.46
C GLU D 285 33.09 3.50 -19.05
N MET D 286 32.22 4.36 -18.51
CA MET D 286 30.93 3.88 -18.02
C MET D 286 30.02 3.40 -19.15
N ASP D 287 30.20 3.94 -20.36
CA ASP D 287 29.36 3.56 -21.48
C ASP D 287 29.62 2.14 -21.97
N ARG D 288 30.63 1.46 -21.43
CA ARG D 288 30.86 0.05 -21.78
C ARG D 288 29.96 -0.88 -20.98
N ILE D 289 29.18 -0.37 -20.02
CA ILE D 289 28.27 -1.22 -19.26
C ILE D 289 27.23 -1.81 -20.20
N VAL D 290 27.04 -3.12 -20.11
CA VAL D 290 25.87 -3.77 -20.70
C VAL D 290 24.73 -3.83 -19.69
N ASN D 291 25.01 -4.36 -18.50
CA ASN D 291 24.07 -4.25 -17.40
C ASN D 291 24.83 -4.45 -16.10
N VAL D 292 24.20 -4.01 -15.00
CA VAL D 292 24.64 -4.28 -13.64
C VAL D 292 23.57 -5.15 -13.00
N LEU D 293 24.00 -6.19 -12.28
CA LEU D 293 23.08 -7.16 -11.67
C LEU D 293 23.41 -7.26 -10.20
N ALA D 294 22.45 -6.99 -9.33
CA ALA D 294 22.71 -6.91 -7.91
C ALA D 294 21.54 -7.46 -7.10
N LYS D 295 21.87 -7.94 -5.90
CA LYS D 295 20.90 -8.34 -4.90
C LYS D 295 20.85 -7.29 -3.79
N ALA D 296 19.65 -7.08 -3.25
CA ALA D 296 19.40 -6.09 -2.22
C ALA D 296 18.52 -6.70 -1.14
N GLU D 297 18.71 -6.25 0.11
CA GLU D 297 17.83 -6.73 1.16
C GLU D 297 17.88 -5.80 2.36
N ALA D 298 16.84 -5.89 3.18
CA ALA D 298 16.80 -5.23 4.47
C ALA D 298 17.59 -6.05 5.48
N ALA D 299 18.50 -5.40 6.20
CA ALA D 299 19.29 -6.10 7.19
C ALA D 299 18.42 -6.52 8.38
N SER D 300 18.70 -7.72 8.91
CA SER D 300 17.91 -8.26 10.00
C SER D 300 18.00 -7.39 11.25
N SER D 301 19.07 -6.61 11.41
CA SER D 301 19.21 -5.76 12.58
C SER D 301 18.23 -4.58 12.55
N GLY D 302 17.63 -4.28 11.41
CA GLY D 302 16.79 -3.11 11.31
C GLY D 302 17.55 -1.81 11.21
N THR D 303 18.85 -1.87 10.89
CA THR D 303 19.68 -0.67 10.84
C THR D 303 20.60 -0.77 9.64
N VAL D 304 21.13 0.40 9.24
CA VAL D 304 22.20 0.49 8.27
C VAL D 304 23.25 1.43 8.84
N ARG D 305 24.47 0.93 9.01
CA ARG D 305 25.57 1.71 9.58
C ARG D 305 25.15 2.44 10.85
N GLY D 306 24.49 1.69 11.73
CA GLY D 306 24.07 2.19 13.02
C GLY D 306 22.82 3.04 13.00
N ARG D 307 22.20 3.25 11.84
CA ARG D 307 21.04 4.10 11.71
C ARG D 307 19.78 3.27 11.50
N ARG D 308 18.77 3.53 12.31
CA ARG D 308 17.52 2.80 12.22
C ARG D 308 16.79 3.11 10.91
N ASN D 309 16.11 2.11 10.36
CA ASN D 309 15.11 2.35 9.32
C ASN D 309 13.88 1.48 9.61
N THR D 310 12.82 1.75 8.85
CA THR D 310 11.51 1.16 9.12
C THR D 310 11.18 -0.02 8.22
N MET D 311 12.13 -0.49 7.42
N MET D 311 12.13 -0.48 7.41
CA MET D 311 11.82 -1.50 6.41
CA MET D 311 11.84 -1.51 6.42
C MET D 311 11.13 -2.72 7.02
C MET D 311 11.10 -2.70 7.04
N LEU D 312 11.61 -3.17 8.18
CA LEU D 312 11.05 -4.37 8.82
C LEU D 312 9.83 -4.06 9.68
N ASP D 313 9.53 -2.79 9.93
CA ASP D 313 8.37 -2.40 10.72
C ASP D 313 7.22 -1.87 9.87
N ASP D 314 7.45 -1.62 8.59
CA ASP D 314 6.47 -0.93 7.74
C ASP D 314 5.46 -1.96 7.23
N SER D 315 4.22 -1.85 7.72
CA SER D 315 3.18 -2.79 7.34
C SER D 315 2.51 -2.43 6.01
N ASP D 316 2.83 -1.27 5.43
CA ASP D 316 2.26 -0.86 4.16
C ASP D 316 3.09 -1.32 2.96
N ILE D 317 4.41 -1.21 3.06
CA ILE D 317 5.32 -1.53 1.96
C ILE D 317 6.25 -2.64 2.43
N ASN D 318 6.26 -3.75 1.71
CA ASN D 318 7.08 -4.88 2.13
C ASN D 318 8.55 -4.56 1.94
N HIS D 319 9.39 -5.18 2.78
CA HIS D 319 10.78 -4.76 2.89
C HIS D 319 11.58 -5.02 1.61
N THR D 320 11.24 -6.06 0.83
CA THR D 320 11.99 -6.29 -0.39
C THR D 320 11.75 -5.19 -1.43
N ARG D 321 10.56 -4.59 -1.42
CA ARG D 321 10.29 -3.46 -2.30
C ARG D 321 11.18 -2.28 -1.96
N SER D 322 11.29 -1.96 -0.65
CA SER D 322 12.11 -0.85 -0.22
C SER D 322 13.58 -1.10 -0.53
N ALA D 323 14.07 -2.31 -0.26
CA ALA D 323 15.47 -2.62 -0.51
C ALA D 323 15.82 -2.47 -1.98
N ARG D 324 14.92 -2.92 -2.87
CA ARG D 324 15.16 -2.76 -4.30
C ARG D 324 15.28 -1.29 -4.69
N ALA D 325 14.36 -0.45 -4.19
CA ALA D 325 14.42 0.98 -4.51
C ALA D 325 15.75 1.58 -4.07
N VAL D 326 16.19 1.23 -2.87
CA VAL D 326 17.42 1.82 -2.31
C VAL D 326 18.63 1.42 -3.14
N VAL D 327 18.81 0.11 -3.35
CA VAL D 327 20.01 -0.36 -4.03
C VAL D 327 20.03 0.08 -5.49
N ASN D 328 18.86 0.08 -6.14
CA ASN D 328 18.82 0.60 -7.51
C ASN D 328 19.26 2.05 -7.54
N ALA D 329 18.77 2.86 -6.59
CA ALA D 329 19.16 4.26 -6.57
C ALA D 329 20.66 4.42 -6.36
N VAL D 330 21.24 3.62 -5.46
CA VAL D 330 22.67 3.72 -5.22
C VAL D 330 23.45 3.38 -6.48
N ILE D 331 23.13 2.25 -7.11
CA ILE D 331 23.80 1.90 -8.35
C ILE D 331 23.58 2.97 -9.41
N ALA D 332 22.33 3.41 -9.55
CA ALA D 332 22.01 4.40 -10.58
C ALA D 332 22.85 5.66 -10.41
N SER D 333 23.09 6.07 -9.17
CA SER D 333 23.85 7.28 -8.92
C SER D 333 25.33 7.11 -9.24
N VAL D 334 25.84 5.89 -9.21
CA VAL D 334 27.23 5.65 -9.57
C VAL D 334 27.38 5.60 -11.09
N VAL D 335 26.50 4.88 -11.77
CA VAL D 335 26.65 4.63 -13.19
C VAL D 335 25.85 5.59 -14.05
N GLY D 336 24.99 6.42 -13.45
CA GLY D 336 24.24 7.39 -14.23
C GLY D 336 23.09 6.81 -15.03
N ASP D 337 22.54 5.68 -14.60
CA ASP D 337 21.53 4.96 -15.38
C ASP D 337 20.72 4.07 -14.44
N PRO D 338 19.43 4.34 -14.26
CA PRO D 338 18.61 3.47 -13.39
C PRO D 338 18.12 2.20 -14.05
N MET D 339 18.45 1.95 -15.31
CA MET D 339 18.02 0.73 -15.99
C MET D 339 19.05 -0.37 -15.73
N VAL D 340 19.05 -0.85 -14.50
CA VAL D 340 19.91 -1.93 -14.05
C VAL D 340 19.06 -2.93 -13.28
N TYR D 341 19.56 -4.16 -13.20
CA TYR D 341 18.83 -5.26 -12.57
C TYR D 341 19.13 -5.30 -11.08
N VAL D 342 18.11 -5.07 -10.26
CA VAL D 342 18.21 -5.22 -8.82
C VAL D 342 17.07 -6.10 -8.35
N SER D 343 17.41 -7.18 -7.64
CA SER D 343 16.47 -8.15 -7.11
C SER D 343 16.57 -8.15 -5.60
N GLY D 344 15.43 -8.21 -4.93
CA GLY D 344 15.36 -8.05 -3.48
C GLY D 344 15.24 -9.38 -2.74
N GLY D 345 15.69 -9.37 -1.50
CA GLY D 345 15.67 -10.59 -0.70
C GLY D 345 16.91 -11.42 -0.94
N ALA D 346 17.93 -11.24 -0.11
CA ALA D 346 19.26 -11.78 -0.36
C ALA D 346 19.68 -12.77 0.72
N GLU D 347 18.74 -13.65 1.10
CA GLU D 347 19.02 -14.66 2.11
C GLU D 347 20.15 -15.56 1.64
N HIS D 348 21.25 -15.59 2.40
CA HIS D 348 22.44 -16.36 2.07
C HIS D 348 23.13 -15.91 0.79
N GLN D 349 22.88 -14.69 0.35
CA GLN D 349 23.50 -14.09 -0.83
C GLN D 349 24.20 -12.81 -0.36
N GLY D 350 25.53 -12.87 -0.28
CA GLY D 350 26.26 -11.82 0.39
C GLY D 350 25.93 -11.82 1.87
N PRO D 351 26.47 -10.86 2.62
CA PRO D 351 26.19 -10.80 4.06
C PRO D 351 24.76 -10.36 4.33
N ASP D 352 24.36 -10.51 5.60
CA ASP D 352 23.07 -10.04 6.06
C ASP D 352 22.97 -8.53 5.84
N GLY D 353 22.04 -8.12 4.98
CA GLY D 353 21.88 -6.73 4.63
C GLY D 353 22.64 -6.29 3.39
N GLY D 354 23.42 -7.19 2.79
CA GLY D 354 24.12 -6.91 1.56
C GLY D 354 23.81 -7.93 0.50
N GLY D 355 24.58 -7.95 -0.58
CA GLY D 355 24.30 -8.84 -1.69
C GLY D 355 25.32 -8.73 -2.80
N PRO D 356 25.44 -9.77 -3.60
CA PRO D 356 26.38 -9.72 -4.72
C PRO D 356 25.98 -8.66 -5.74
N ILE D 357 26.98 -8.15 -6.45
CA ILE D 357 26.76 -7.20 -7.53
C ILE D 357 27.76 -7.50 -8.65
N ALA D 358 27.25 -7.76 -9.84
CA ALA D 358 28.08 -8.07 -10.99
C ALA D 358 27.85 -7.04 -12.07
N VAL D 359 28.84 -6.90 -12.95
CA VAL D 359 28.80 -5.98 -14.08
C VAL D 359 29.20 -6.76 -15.32
N ILE D 360 28.36 -6.72 -16.35
CA ILE D 360 28.71 -7.19 -17.68
C ILE D 360 29.08 -5.96 -18.50
N ALA D 361 30.27 -5.99 -19.11
CA ALA D 361 30.83 -4.82 -19.76
C ALA D 361 31.47 -5.19 -21.08
N ARG D 362 31.46 -4.25 -22.02
CA ARG D 362 32.22 -4.41 -23.24
C ARG D 362 33.71 -4.32 -22.92
N VAL D 363 34.51 -5.11 -23.63
CA VAL D 363 35.96 -5.08 -23.46
C VAL D 363 36.53 -3.88 -24.19
C1 MLI E . -5.90 -3.22 14.86
C2 MLI E . -4.95 -3.16 16.06
C3 MLI E . -7.19 -3.95 15.22
O6 MLI E . -4.55 -4.25 16.54
O7 MLI E . -4.62 -2.02 16.46
O8 MLI E . -7.88 -4.37 14.27
O9 MLI E . -7.48 -4.06 16.43
H11 MLI E . -5.41 -3.75 14.04
H12 MLI E . -6.14 -2.20 14.54
CA CA F . -11.11 -16.58 14.78
C1 PDO G . -26.05 5.81 25.59
O1 PDO G . -25.13 6.61 24.90
C2 PDO G . -26.43 6.51 26.90
C3 PDO G . -25.34 6.39 27.97
O3 PDO G . -25.35 5.10 28.49
H11 PDO G . -26.84 5.68 25.05
H12 PDO G . -25.64 4.96 25.79
HO1 PDO G . -24.99 6.27 24.12
H21 PDO G . -27.25 6.10 27.24
H22 PDO G . -26.60 7.45 26.71
H31 PDO G . -24.48 6.58 27.57
H32 PDO G . -25.52 7.04 28.68
HO3 PDO G . -25.32 5.12 29.33
C1 PDO H . -5.59 -17.24 10.52
O1 PDO H . -4.28 -17.51 10.11
C2 PDO H . -5.85 -18.02 11.81
C3 PDO H . -7.29 -17.92 12.26
O3 PDO H . -7.31 -17.55 13.60
H11 PDO H . -6.21 -17.52 9.83
H12 PDO H . -5.69 -16.29 10.68
HO1 PDO H . -3.84 -16.78 10.04
H21 PDO H . -5.27 -17.67 12.51
H22 PDO H . -5.62 -18.95 11.66
H31 PDO H . -7.76 -17.26 11.74
H32 PDO H . -7.73 -18.79 12.16
HO3 PDO H . -8.11 -17.56 13.89
C1 PDO I . -6.75 -1.03 36.40
O1 PDO I . -6.01 -1.41 37.54
C2 PDO I . -7.19 0.43 36.58
C3 PDO I . -7.94 0.67 37.88
O3 PDO I . -8.90 -0.34 38.02
H11 PDO I . -6.19 -1.11 35.62
H12 PDO I . -7.53 -1.59 36.31
HO1 PDO I . -6.17 -2.23 37.70
H21 PDO I . -6.40 1.00 36.56
H22 PDO I . -7.76 0.67 35.83
H31 PDO I . -8.36 1.54 37.85
H32 PDO I . -7.32 0.63 38.62
HO3 PDO I . -9.59 -0.02 38.42
C1 PDO J . -33.10 -8.25 12.32
O1 PDO J . -32.34 -7.71 11.27
C2 PDO J . -32.53 -7.74 13.65
C3 PDO J . -33.32 -8.28 14.84
O3 PDO J . -32.51 -9.13 15.58
H11 PDO J . -33.03 -9.22 12.28
H12 PDO J . -34.02 -7.98 12.24
HO1 PDO J . -32.87 -7.33 10.71
H21 PDO J . -32.56 -6.78 13.65
H22 PDO J . -31.60 -8.04 13.72
H31 PDO J . -33.61 -7.53 15.38
H32 PDO J . -34.10 -8.77 14.52
HO3 PDO J . -32.96 -9.47 16.22
C1 PDO K . 7.89 -5.94 23.16
O1 PDO K . 6.76 -5.13 23.35
C2 PDO K . 9.00 -5.55 24.14
C3 PDO K . 9.18 -4.06 24.42
O3 PDO K . 10.48 -3.87 24.93
H11 PDO K . 7.65 -6.87 23.31
H12 PDO K . 8.21 -5.83 22.26
HO1 PDO K . 6.09 -5.50 22.96
H21 PDO K . 9.83 -5.89 23.79
H22 PDO K . 8.82 -5.99 24.99
H31 PDO K . 8.52 -3.76 25.08
H32 PDO K . 9.07 -3.55 23.60
HO3 PDO K . 10.72 -3.07 24.81
C1 PDO L . 6.32 -17.09 34.00
O1 PDO L . 5.98 -16.02 33.15
C2 PDO L . 5.69 -18.38 33.46
C3 PDO L . 4.27 -18.17 32.93
O3 PDO L . 3.42 -19.16 33.45
H11 PDO L . 7.28 -17.20 34.04
H12 PDO L . 5.97 -16.93 34.88
HO1 PDO L . 6.70 -15.70 32.82
H21 PDO L . 5.67 -19.05 34.17
H22 PDO L . 6.25 -18.72 32.73
H31 PDO L . 4.28 -18.23 31.96
H32 PDO L . 3.95 -17.30 33.21
HO3 PDO L . 2.91 -18.80 34.03
C1 PDO M . 0.12 3.09 27.35
O1 PDO M . -0.22 4.05 28.31
C2 PDO M . -1.15 2.71 26.60
C3 PDO M . -2.20 2.07 27.51
O3 PDO M . -2.87 3.07 28.21
H11 PDO M . 0.77 3.46 26.73
H12 PDO M . 0.50 2.31 27.78
HO1 PDO M . -0.41 4.78 27.93
H21 PDO M . -0.92 2.08 25.89
H22 PDO M . -1.53 3.51 26.20
H31 PDO M . -1.76 1.46 28.13
H32 PDO M . -2.83 1.56 26.96
HO3 PDO M . -3.34 2.72 28.82
C1 PDO N . -6.74 18.72 15.59
O1 PDO N . -5.54 18.08 15.25
C2 PDO N . -7.13 18.39 17.03
C3 PDO N . -8.46 19.03 17.43
O3 PDO N . -9.47 18.06 17.42
H11 PDO N . -6.62 19.68 15.50
H12 PDO N . -7.44 18.42 14.99
HO1 PDO N . -5.50 17.98 14.41
H21 PDO N . -6.43 18.70 17.62
H22 PDO N . -7.20 17.42 17.11
H31 PDO N . -8.37 19.41 18.32
H32 PDO N . -8.67 19.73 16.80
HO3 PDO N . -10.22 18.44 17.27
C1 PDO O . 11.58 -0.54 16.01
O1 PDO O . 12.17 -1.30 15.00
C2 PDO O . 12.27 0.81 15.94
C3 PDO O . 11.61 1.88 16.81
O3 PDO O . 12.52 2.20 17.81
H11 PDO O . 11.73 -0.95 16.88
H12 PDO O . 10.63 -0.45 15.86
HO1 PDO O . 12.99 -1.08 14.94
H21 PDO O . 12.26 1.11 15.02
H22 PDO O . 13.18 0.70 16.23
H31 PDO O . 11.42 2.66 16.27
H32 PDO O . 10.79 1.53 17.19
HO3 PDO O . 12.14 2.74 18.35
C1 PDO P . -21.88 -21.17 -2.84
O1 PDO P . -21.32 -20.34 -1.85
C2 PDO P . -20.73 -21.76 -3.65
C3 PDO P . -20.12 -23.00 -3.01
O3 PDO P . -18.78 -23.07 -3.42
H11 PDO P . -22.46 -20.65 -3.41
H12 PDO P . -22.40 -21.88 -2.42
HO1 PDO P . -21.60 -20.58 -1.08
H21 PDO P . -20.03 -21.08 -3.73
H22 PDO P . -21.05 -22.00 -4.52
H31 PDO P . -20.15 -22.92 -2.04
H32 PDO P . -20.60 -23.79 -3.29
HO3 PDO P . -18.73 -23.52 -4.15
C1 MLI Q . 6.29 14.77 3.52
C2 MLI Q . 5.35 15.84 4.08
C3 MLI Q . 7.58 15.40 2.99
O6 MLI Q . 4.98 16.75 3.29
O7 MLI Q . 5.02 15.70 5.28
O8 MLI Q . 8.24 14.72 2.20
O9 MLI Q . 7.88 16.54 3.42
H11 MLI Q . 5.79 14.25 2.70
H12 MLI Q . 6.54 14.06 4.30
CA CA R . 11.63 20.39 -8.54
C1 PDO S . 26.67 20.19 16.38
O1 PDO S . 25.53 19.41 16.70
C2 PDO S . 27.06 21.04 17.59
C3 PDO S . 26.04 22.13 17.92
O3 PDO S . 25.89 22.97 16.80
H11 PDO S . 27.40 19.61 16.14
H12 PDO S . 26.45 20.77 15.64
HO1 PDO S . 25.46 18.78 16.13
H21 PDO S . 27.16 20.46 18.36
H22 PDO S . 27.92 21.46 17.41
H31 PDO S . 25.19 21.72 18.13
H32 PDO S . 26.36 22.65 18.67
HO3 PDO S . 26.00 23.78 17.04
C1 PDO T . 33.43 14.63 -1.97
O1 PDO T . 33.79 13.33 -1.59
C2 PDO T . 33.36 15.50 -0.71
C3 PDO T . 32.73 16.86 -1.00
O3 PDO T . 33.46 17.48 -2.02
H11 PDO T . 32.55 14.62 -2.40
H12 PDO T . 34.08 14.99 -2.58
HO1 PDO T . 33.29 12.78 -1.99
H21 PDO T . 32.84 15.04 -0.04
H22 PDO T . 34.27 15.64 -0.38
H31 PDO T . 31.81 16.74 -1.28
H32 PDO T . 32.76 17.40 -0.19
HO3 PDO T . 33.99 18.05 -1.67
C1 PDO U . 5.72 16.99 -11.00
O1 PDO U . 4.40 16.83 -11.47
C2 PDO U . 6.11 18.47 -11.13
C3 PDO U . 7.57 18.70 -10.78
O3 PDO U . 7.67 19.84 -9.97
H11 PDO U . 6.32 16.44 -11.51
H12 PDO U . 5.75 16.73 -10.06
HO1 PDO U . 4.07 16.13 -11.14
H21 PDO U . 5.55 18.99 -10.55
H22 PDO U . 5.95 18.74 -12.05
H31 PDO U . 8.09 18.83 -11.59
H32 PDO U . 7.92 17.93 -10.29
HO3 PDO U . 8.37 20.27 -10.18
C1 PDO V . 22.05 7.03 -19.55
O1 PDO V . 22.39 5.74 -20.00
C2 PDO V . 20.70 7.42 -20.14
C3 PDO V . 20.23 6.42 -21.20
O3 PDO V . 19.08 6.93 -21.82
H11 PDO V . 21.99 7.04 -18.58
H12 PDO V . 22.73 7.67 -19.83
HO1 PDO V . 21.87 5.17 -19.64
H21 PDO V . 20.78 8.29 -20.56
H22 PDO V . 20.04 7.47 -19.44
H31 PDO V . 20.01 5.57 -20.78
H32 PDO V . 20.92 6.29 -21.86
HO3 PDO V . 19.22 7.01 -22.65
C1 PDO W . -3.39 8.88 -6.19
O1 PDO W . -3.16 10.25 -6.41
C2 PDO W . -4.16 8.74 -4.88
C3 PDO W . -3.43 9.42 -3.73
O3 PDO W . -3.41 8.56 -2.63
H11 PDO W . -3.91 8.50 -6.92
H12 PDO W . -2.54 8.42 -6.12
HO1 PDO W . -2.54 10.34 -6.99
H21 PDO W . -4.27 7.79 -4.68
H22 PDO W . -5.04 9.14 -4.99
H31 PDO W . -3.91 10.24 -3.49
H32 PDO W . -2.53 9.64 -3.99
HO3 PDO W . -3.28 9.01 -1.92
C1 PDO X . 9.66 1.46 -2.39
O1 PDO X . 8.87 1.78 -3.51
C2 PDO X . 10.18 2.80 -1.87
C3 PDO X . 9.09 3.55 -1.13
O3 PDO X . 8.93 2.94 0.12
H11 PDO X . 10.40 0.88 -2.65
H12 PDO X . 9.13 1.02 -1.71
HO1 PDO X . 8.13 1.36 -3.46
H21 PDO X . 10.49 3.33 -2.62
H22 PDO X . 10.93 2.63 -1.27
H31 PDO X . 8.26 3.50 -1.62
H32 PDO X . 9.35 4.48 -1.02
HO3 PDO X . 8.26 3.30 0.52
C1 PDO Y . 2.30 17.14 -9.04
O1 PDO Y . 3.46 17.52 -8.35
C2 PDO Y . 1.80 15.81 -8.49
C3 PDO Y . 1.19 15.92 -7.09
O3 PDO Y . 0.64 14.69 -6.68
H11 PDO Y . 2.50 17.04 -9.98
H12 PDO Y . 1.62 17.81 -8.92
HO1 PDO Y . 3.40 17.30 -7.54
H21 PDO Y . 2.54 15.18 -8.44
H22 PDO Y . 1.12 15.46 -9.08
H31 PDO Y . 1.88 16.19 -6.46
H32 PDO Y . 0.49 16.59 -7.10
HO3 PDO Y . 0.06 14.45 -7.24
C1 PDO Z . 13.99 30.52 -11.98
O1 PDO Z . 12.82 29.91 -12.43
C2 PDO Z . 15.14 29.53 -12.18
C3 PDO Z . 16.42 30.02 -11.48
O3 PDO Z . 17.47 29.15 -11.83
H11 PDO Z . 13.91 30.73 -11.03
H12 PDO Z . 14.16 31.33 -12.48
HO1 PDO Z . 12.86 29.81 -13.27
H21 PDO Z . 15.32 29.45 -13.13
H22 PDO Z . 14.89 28.68 -11.83
H31 PDO Z . 16.63 30.92 -11.77
H32 PDO Z . 16.28 30.00 -10.52
HO3 PDO Z . 18.05 29.16 -11.21
C1 PDO AA . 11.20 13.44 30.76
O1 PDO AA . 12.24 14.39 30.73
C2 PDO AA . 11.50 12.38 29.70
C3 PDO AA . 12.99 12.05 29.60
O3 PDO AA . 13.19 11.18 28.51
H11 PDO AA . 10.36 13.87 30.56
H12 PDO AA . 11.17 13.02 31.64
HO1 PDO AA . 12.67 14.35 31.45
H21 PDO AA . 11.20 12.71 28.83
H22 PDO AA . 11.01 11.57 29.92
H31 PDO AA . 13.50 12.86 29.47
H32 PDO AA . 13.28 11.62 30.42
HO3 PDO AA . 13.86 10.67 28.68
C1 MLI BA . -11.34 -1.94 -11.82
C2 MLI BA . -10.96 -1.58 -13.26
C3 MLI BA . -12.86 -1.94 -11.62
O6 MLI BA . -10.23 -2.39 -13.86
O7 MLI BA . -11.41 -0.50 -13.72
O8 MLI BA . -13.58 -2.10 -12.64
O9 MLI BA . -13.26 -1.81 -10.46
H11 MLI BA . -10.89 -1.21 -11.15
H12 MLI BA . -10.95 -2.93 -11.58
CA CA CA . -22.29 6.80 -8.53
C1 PDO DA . -26.28 -21.45 -18.64
O1 PDO DA . -26.97 -20.24 -18.79
C2 PDO DA . -26.66 -22.06 -17.28
C3 PDO DA . -26.43 -21.07 -16.14
O3 PDO DA . -25.05 -21.05 -15.86
H11 PDO DA . -26.52 -22.06 -19.35
H12 PDO DA . -25.32 -21.29 -18.65
HO1 PDO DA . -27.65 -20.35 -19.28
H21 PDO DA . -26.13 -22.85 -17.14
H22 PDO DA . -27.60 -22.30 -17.31
H31 PDO DA . -26.92 -21.36 -15.35
H32 PDO DA . -26.72 -20.19 -16.40
HO3 PDO DA . -24.90 -20.55 -15.19
C1 PDO EA . -10.00 -3.48 1.06
O1 PDO EA . -8.96 -3.27 0.13
C2 PDO EA . -9.41 -3.30 2.46
C3 PDO EA . -8.55 -2.05 2.52
O3 PDO EA . -9.41 -0.96 2.64
H11 PDO EA . -10.71 -2.84 0.92
H12 PDO EA . -10.35 -4.38 0.97
HO1 PDO EA . -8.45 -3.94 0.13
H21 PDO EA . -8.86 -4.07 2.67
H22 PDO EA . -10.12 -3.24 3.10
H31 PDO EA . -7.96 -2.09 3.31
H32 PDO EA . -8.01 -1.97 1.73
HO3 PDO EA . -10.20 -1.20 2.48
C1 PDO FA . -20.63 9.93 -8.57
O1 PDO FA . -21.20 9.43 -9.75
C2 PDO FA . -19.08 9.87 -8.57
C3 PDO FA . -18.49 10.41 -7.27
O3 PDO FA . -17.10 10.59 -7.39
H11 PDO FA . -20.89 10.86 -8.47
H12 PDO FA . -20.95 9.40 -7.83
HO1 PDO FA . -22.01 9.22 -9.60
H21 PDO FA . -18.75 10.39 -9.31
H22 PDO FA . -18.81 8.95 -8.69
H31 PDO FA . -18.66 9.78 -6.56
H32 PDO FA . -18.92 11.26 -7.05
HO3 PDO FA . -16.82 11.10 -6.77
C1 PDO GA . -17.84 -3.76 -32.84
O1 PDO GA . -18.94 -2.92 -32.96
C2 PDO GA . -18.21 -5.21 -33.20
C3 PDO GA . -18.66 -6.03 -31.99
O3 PDO GA . -18.42 -7.39 -32.24
H11 PDO GA . -17.14 -3.46 -33.44
H12 PDO GA . -17.52 -3.74 -31.92
HO1 PDO GA . -19.39 -2.91 -32.24
H21 PDO GA . -17.42 -5.64 -33.59
H22 PDO GA . -18.92 -5.20 -33.85
H31 PDO GA . -18.16 -5.75 -31.21
H32 PDO GA . -19.60 -5.89 -31.85
HO3 PDO GA . -17.68 -7.63 -31.88
C1 PDO HA . -34.79 -11.79 -2.63
O1 PDO HA . -35.92 -10.97 -2.52
C2 PDO HA . -34.58 -12.49 -1.29
C3 PDO HA . -34.28 -11.50 -0.17
O3 PDO HA . -33.53 -12.15 0.81
H11 PDO HA . -34.01 -11.26 -2.84
H12 PDO HA . -34.93 -12.46 -3.33
HO1 PDO HA . -36.56 -11.31 -2.97
H21 PDO HA . -33.84 -13.12 -1.37
H22 PDO HA . -35.39 -12.98 -1.06
H31 PDO HA . -33.78 -10.75 -0.53
H32 PDO HA . -35.11 -11.18 0.21
HO3 PDO HA . -32.86 -12.53 0.45
C1 MLI IA . 11.31 -10.09 -7.02
C2 MLI IA . 10.91 -11.54 -7.35
C3 MLI IA . 12.83 -9.96 -6.97
O6 MLI IA . 10.22 -11.72 -8.37
O7 MLI IA . 11.31 -12.42 -6.56
O8 MLI IA . 13.50 -10.87 -7.51
O9 MLI IA . 13.29 -8.94 -6.43
H11 MLI IA . 10.88 -9.82 -6.05
H12 MLI IA . 10.91 -9.43 -7.78
CA CA JA . 22.44 -11.08 1.99
#